data_8CUY
#
_entry.id   8CUY
#
_cell.length_a   1.00
_cell.length_b   1.00
_cell.length_c   1.00
_cell.angle_alpha   90.00
_cell.angle_beta   90.00
_cell.angle_gamma   90.00
#
_symmetry.space_group_name_H-M   'P 1'
#
loop_
_entity.id
_entity.type
_entity.pdbx_description
1 polymer 'Polyketide synthase PKS13'
2 non-polymer 'UNKNOWN LIGAND'
3 non-polymer "4'-PHOSPHOPANTETHEINE"
4 water water
#
_entity_poly.entity_id   1
_entity_poly.type   'polypeptide(L)'
_entity_poly.pdbx_seq_one_letter_code
;MTVNEMREWLRNWVANATGQSADAIDESTPMVELGLSSRDAVAMASDIEDLTGVTLTATVAFRHPTIESLATVIIEGEPE
PEPYDEDEDWSRTRDVEDIAIVGVATRFPGDLNTPDEMWEALLEGKDCVTDLPEDRWTEFLDEPRIAERVKKARTRGGYL
TDIKGFDSEFFALSKMEADNIDPQQRMALELTWEALEHARIPASSLRGESVGVYIGSSTNDYSFLAMSDPSIAHPYAITG
TASSIIANRVSYFYDFRGPSVAVDTACSSSLVATHQGVQALRAGEADVAIVGGVNALVTPLVTVGFDEVGGVLAPDGRIK
SFSSDADGYARSEGGGMLVLKRISDARRDGDQILAVIAGSAVNHDGRSNGLLAPNPDAQAEVLRKAYKDAGINPRDVDYI
EAHGTGTILGDPIEADALGRIVGKGRPADKPALLGAVKSNLGHLESAAGAASLAKMTLALANDKLPPSINYAGPNPYIDF
EKERLKVNDTVSDWPRYSGKAIAGVSGFGFGGANAHVVMREVLAGDLVEPEPEPEPEAKPEKSEADAVYVGGVRMDEYGE
FIDEDEPAEGGDAYPSYDEDSYELPGITEAAQRLLEQAREELEAKEAEEPTKQLVPLAVSAFLTSRKRQAAAELADWIDS
PEGRASSLESIGRSLSRRNHGRSRAVVLAHDHDEAIKGLRALAEGKQHPSVLSADGPVTNGPVWVLAGFGAQHRKMGKSL
YLRNEVFAEWINKVDALIQDERGYSILELILDDNVDYTDATCEYPIEVVQLVIFAIQIALGELLRHHGAKPAAVVGQSLG
EAAASYFAGGLSLADATRTICSRSHLMGEGEAMLFGEYIRLMALVEYSADEIKTVFSDYPDLEVCVYAAPTQTVIGGPPD
QVDAIIARAESEGKFARKFQTKGASHTQQMDPLLGELAAELQGIEPKPLTTGYFSTVHEGTFIRPGSAPIHDVDYWKKGL
RHSVYFTQGIRNAVDNGHTTFLELAPNPVALMQVGLTTASAGLHDAQLIATLARKQDEVESMISAMAQLYVHGHDLDFRT
LFPRRSKGLAGALDFANIPPTRFKRKEHWLPAHFTGDSSAVMPGNHVATPDGRHVWEFVPRGKTDLAALVKAAAAQVLPD
AKLAAFEQRAVPADNARLVTTLTRHPGGATVQVHARVEESFTLVYDAIVARANGAGVTALPVAVGAGVAVSGDVAGEGAG
ASVIEDDEPDAEILQDNLTAGAGMGADFQKWDPNSGETIGQRLGTIVGAAMGYEPEDLPWEVPLIELGLDSLMAVRIKNR
VEYDFDLPPIQLTAVRDANLYNVEELIRYAIEHRDEVEQIAESQKGKTAEEIAAEQSELLGGASTVAELEAKLAEAGHPL
AAKDSEDSENSEDNAAGAAAAAEASAVEGLEIPPPPTDPTGPGGAPIPPPPSDPSGPAQAASATDAPAGTVNKATAAAAA
AKVLTQEAVTEALGADVPPRDAAERVTFATWAIVTGKSPGGIFNELPTVSEETAKKMAERLSERAEGTITVEDVLGAKTI
EGLATIVREQLEEGVVDGFVRTLRPPKEGSNAVPLFVFHPAGGSTVVYEPLMKRLPADVPVYGLERVEGSIEERAAEYVP
KLLEMHKGPFVLAGWSLGGALAYACAIGLKQSGADVRFVGLIDTVLPGEPIDQSKEGMRARWDRYARFAERTFNVEIPAI
PYEELEKLDDEGQVKYVLEIVKESGVQIPGGIIEHQRTSYLDNRALDTVDIKPYDGHVTLYMADRYHDDAIVFEPAYATR
KPDGGWGSFVSDLEVVHIGGEHIQAIDEPYIAKVGAHMSEALNRIEAQASKEDGAK
;
_entity_poly.pdbx_strand_id   A,B
#
# COMPACT_ATOMS: atom_id res chain seq x y z
N MET A 1 44.46 0.11 -13.49
CA MET A 1 44.30 1.55 -13.39
C MET A 1 43.99 2.16 -14.75
N THR A 2 44.49 1.51 -15.80
CA THR A 2 44.22 1.93 -17.18
C THR A 2 43.80 0.72 -17.99
N VAL A 3 43.23 1.00 -19.17
CA VAL A 3 42.68 -0.06 -20.00
C VAL A 3 43.78 -1.02 -20.46
N ASN A 4 44.92 -0.48 -20.88
CA ASN A 4 45.98 -1.33 -21.42
C ASN A 4 46.55 -2.26 -20.35
N GLU A 5 46.82 -1.73 -19.15
CA GLU A 5 47.36 -2.58 -18.10
C GLU A 5 46.34 -3.59 -17.62
N MET A 6 45.05 -3.23 -17.61
CA MET A 6 44.01 -4.20 -17.26
C MET A 6 43.94 -5.32 -18.29
N ARG A 7 44.06 -4.97 -19.58
CA ARG A 7 44.07 -5.99 -20.63
C ARG A 7 45.28 -6.91 -20.48
N GLU A 8 46.45 -6.34 -20.19
CA GLU A 8 47.64 -7.15 -20.00
C GLU A 8 47.49 -8.08 -18.81
N TRP A 9 46.94 -7.57 -17.70
CA TRP A 9 46.74 -8.41 -16.52
C TRP A 9 45.72 -9.51 -16.78
N LEU A 10 44.66 -9.21 -17.54
CA LEU A 10 43.69 -10.24 -17.88
C LEU A 10 44.30 -11.32 -18.77
N ARG A 11 45.15 -10.91 -19.72
CA ARG A 11 45.85 -11.88 -20.55
C ARG A 11 46.77 -12.76 -19.69
N ASN A 12 47.49 -12.16 -18.74
CA ASN A 12 48.33 -12.94 -17.85
C ASN A 12 47.50 -13.89 -17.00
N TRP A 13 46.33 -13.44 -16.54
CA TRP A 13 45.48 -14.29 -15.71
C TRP A 13 44.97 -15.49 -16.49
N VAL A 14 44.48 -15.27 -17.72
CA VAL A 14 43.99 -16.39 -18.52
C VAL A 14 45.14 -17.31 -18.90
N ALA A 15 46.34 -16.77 -19.14
CA ALA A 15 47.50 -17.61 -19.40
C ALA A 15 47.82 -18.48 -18.20
N ASN A 16 47.80 -17.90 -17.00
CA ASN A 16 48.05 -18.70 -15.80
C ASN A 16 46.98 -19.76 -15.60
N ALA A 17 45.73 -19.43 -15.89
CA ALA A 17 44.64 -20.39 -15.76
C ALA A 17 44.69 -21.49 -16.81
N THR A 18 45.29 -21.25 -17.97
CA THR A 18 45.34 -22.25 -19.03
C THR A 18 46.74 -22.73 -19.37
N GLY A 19 47.79 -21.96 -19.11
CA GLY A 19 49.13 -22.38 -19.47
C GLY A 19 49.48 -22.18 -20.92
N GLN A 20 48.90 -21.18 -21.58
CA GLN A 20 49.11 -20.97 -23.01
C GLN A 20 50.35 -20.11 -23.24
N SER A 21 50.47 -19.57 -24.45
CA SER A 21 51.68 -18.84 -24.84
C SER A 21 51.89 -17.58 -24.00
N ALA A 22 50.84 -17.07 -23.37
CA ALA A 22 50.85 -15.89 -22.50
C ALA A 22 51.12 -14.59 -23.26
N ASP A 23 51.31 -14.63 -24.58
CA ASP A 23 51.54 -13.42 -25.35
C ASP A 23 50.77 -13.40 -26.67
N ALA A 24 50.04 -14.47 -27.01
CA ALA A 24 49.30 -14.54 -28.26
C ALA A 24 47.90 -15.08 -28.00
N ILE A 25 47.30 -14.69 -26.88
CA ILE A 25 45.96 -15.14 -26.53
C ILE A 25 45.07 -13.93 -26.29
N ASP A 26 45.45 -12.79 -26.89
CA ASP A 26 44.66 -11.56 -26.82
C ASP A 26 43.72 -11.42 -28.00
N GLU A 27 43.26 -12.53 -28.57
CA GLU A 27 42.41 -12.49 -29.75
C GLU A 27 41.03 -11.96 -29.40
N SER A 28 40.25 -11.68 -30.45
CA SER A 28 38.86 -11.27 -30.31
C SER A 28 37.93 -12.42 -29.99
N THR A 29 38.45 -13.66 -30.00
CA THR A 29 37.66 -14.84 -29.68
C THR A 29 37.24 -14.82 -28.22
N PRO A 30 36.07 -15.39 -27.91
CA PRO A 30 35.60 -15.41 -26.51
C PRO A 30 36.44 -16.32 -25.64
N MET A 31 36.34 -16.10 -24.33
CA MET A 31 37.06 -16.92 -23.37
C MET A 31 36.63 -18.38 -23.44
N VAL A 32 35.38 -18.64 -23.83
CA VAL A 32 34.90 -20.02 -23.89
C VAL A 32 35.67 -20.82 -24.93
N GLU A 33 35.92 -20.21 -26.10
CA GLU A 33 36.71 -20.87 -27.13
C GLU A 33 38.20 -20.85 -26.85
N LEU A 34 38.65 -20.06 -25.87
CA LEU A 34 40.05 -20.05 -25.46
C LEU A 34 40.43 -21.23 -24.59
N GLY A 35 39.44 -21.95 -24.04
CA GLY A 35 39.68 -23.08 -23.17
C GLY A 35 39.03 -22.95 -21.80
N LEU A 36 38.55 -21.76 -21.43
CA LEU A 36 37.90 -21.55 -20.15
C LEU A 36 36.46 -22.06 -20.18
N SER A 37 35.86 -22.14 -18.99
CA SER A 37 34.49 -22.59 -18.84
C SER A 37 33.79 -21.66 -17.85
N SER A 38 32.60 -22.07 -17.40
CA SER A 38 31.87 -21.30 -16.40
C SER A 38 32.42 -21.48 -15.00
N ARG A 39 33.20 -22.54 -14.75
CA ARG A 39 33.69 -22.79 -13.40
C ARG A 39 34.74 -21.78 -12.98
N ASP A 40 35.71 -21.50 -13.84
CA ASP A 40 36.79 -20.57 -13.51
C ASP A 40 36.41 -19.12 -13.72
N ALA A 41 35.28 -18.84 -14.38
CA ALA A 41 34.83 -17.47 -14.55
C ALA A 41 34.52 -16.82 -13.21
N VAL A 42 33.97 -17.59 -12.26
CA VAL A 42 33.69 -17.05 -10.93
C VAL A 42 34.97 -16.65 -10.22
N ALA A 43 36.00 -17.51 -10.30
CA ALA A 43 37.27 -17.17 -9.69
C ALA A 43 37.91 -15.96 -10.34
N MET A 44 37.83 -15.88 -11.67
CA MET A 44 38.37 -14.71 -12.38
C MET A 44 37.65 -13.44 -11.97
N ALA A 45 36.31 -13.50 -11.83
CA ALA A 45 35.56 -12.34 -11.39
C ALA A 45 35.94 -11.94 -9.97
N SER A 46 36.14 -12.92 -9.09
CA SER A 46 36.57 -12.61 -7.73
C SER A 46 37.94 -11.93 -7.72
N ASP A 47 38.87 -12.44 -8.54
CA ASP A 47 40.19 -11.83 -8.62
C ASP A 47 40.12 -10.41 -9.17
N ILE A 48 39.25 -10.19 -10.16
CA ILE A 48 39.06 -8.84 -10.68
C ILE A 48 38.49 -7.92 -9.61
N GLU A 49 37.52 -8.42 -8.84
CA GLU A 49 36.88 -7.59 -7.82
C GLU A 49 37.85 -7.21 -6.71
N ASP A 50 38.65 -8.17 -6.24
CA ASP A 50 39.55 -7.86 -5.13
C ASP A 50 40.71 -6.98 -5.55
N LEU A 51 40.93 -6.79 -6.85
CA LEU A 51 42.02 -5.95 -7.33
C LEU A 51 41.54 -4.57 -7.76
N THR A 52 40.40 -4.50 -8.45
CA THR A 52 39.88 -3.23 -8.95
C THR A 52 38.83 -2.60 -8.04
N GLY A 53 38.09 -3.41 -7.29
CA GLY A 53 37.05 -2.92 -6.41
C GLY A 53 35.68 -2.81 -7.04
N VAL A 54 35.55 -3.08 -8.34
CA VAL A 54 34.26 -3.02 -9.03
C VAL A 54 33.68 -4.43 -9.06
N THR A 55 32.35 -4.51 -8.96
CA THR A 55 31.63 -5.77 -8.97
C THR A 55 30.93 -5.95 -10.30
N LEU A 56 31.18 -7.09 -10.94
CA LEU A 56 30.58 -7.42 -12.23
C LEU A 56 29.50 -8.47 -12.05
N THR A 57 28.38 -8.28 -12.73
CA THR A 57 27.28 -9.22 -12.67
C THR A 57 27.45 -10.31 -13.73
N ALA A 58 26.57 -11.31 -13.70
CA ALA A 58 26.66 -12.40 -14.66
C ALA A 58 26.32 -11.94 -16.07
N THR A 59 25.24 -11.16 -16.21
CA THR A 59 24.82 -10.71 -17.52
C THR A 59 25.86 -9.81 -18.18
N VAL A 60 26.45 -8.90 -17.41
CA VAL A 60 27.46 -8.00 -17.96
C VAL A 60 28.69 -8.79 -18.43
N ALA A 61 29.13 -9.75 -17.63
CA ALA A 61 30.29 -10.55 -18.00
C ALA A 61 30.01 -11.40 -19.24
N PHE A 62 28.82 -12.01 -19.30
CA PHE A 62 28.50 -12.88 -20.43
C PHE A 62 28.27 -12.10 -21.71
N ARG A 63 27.71 -10.89 -21.62
CA ARG A 63 27.49 -10.07 -22.81
C ARG A 63 28.79 -9.57 -23.43
N HIS A 64 29.89 -9.62 -22.70
CA HIS A 64 31.20 -9.23 -23.21
C HIS A 64 32.10 -10.45 -23.23
N PRO A 65 31.95 -11.34 -24.23
CA PRO A 65 32.66 -12.62 -24.19
C PRO A 65 34.15 -12.53 -24.46
N THR A 66 34.62 -11.46 -25.08
CA THR A 66 36.03 -11.36 -25.48
C THR A 66 36.83 -10.56 -24.46
N ILE A 67 38.15 -10.65 -24.59
CA ILE A 67 39.06 -9.98 -23.66
C ILE A 67 38.93 -8.47 -23.78
N GLU A 68 38.90 -7.96 -25.01
CA GLU A 68 38.88 -6.50 -25.21
C GLU A 68 37.63 -5.87 -24.62
N SER A 69 36.47 -6.49 -24.84
CA SER A 69 35.23 -5.92 -24.32
C SER A 69 35.23 -5.89 -22.80
N LEU A 70 35.68 -6.98 -22.16
CA LEU A 70 35.75 -7.01 -20.70
C LEU A 70 36.74 -5.96 -20.18
N ALA A 71 37.89 -5.84 -20.83
CA ALA A 71 38.87 -4.84 -20.41
C ALA A 71 38.32 -3.43 -20.52
N THR A 72 37.59 -3.14 -21.60
CA THR A 72 36.99 -1.83 -21.78
C THR A 72 35.91 -1.57 -20.74
N VAL A 73 35.08 -2.58 -20.45
CA VAL A 73 33.96 -2.38 -19.55
C VAL A 73 34.38 -2.33 -18.08
N ILE A 74 35.52 -2.95 -17.73
CA ILE A 74 35.97 -2.89 -16.34
C ILE A 74 36.44 -1.49 -15.98
N ILE A 75 37.17 -0.84 -16.89
CA ILE A 75 37.73 0.48 -16.61
C ILE A 75 36.75 1.59 -16.96
N GLU A 76 36.22 1.59 -18.18
CA GLU A 76 35.34 2.66 -18.64
C GLU A 76 33.87 2.44 -18.27
N GLY A 77 33.52 1.25 -17.80
CA GLY A 77 32.13 0.96 -17.46
C GLY A 77 31.29 0.66 -18.69
N GLU A 78 30.02 0.38 -18.44
CA GLU A 78 29.08 0.14 -19.52
C GLU A 78 28.86 1.43 -20.31
N PRO A 79 28.88 1.36 -21.65
CA PRO A 79 28.68 2.58 -22.44
C PRO A 79 27.32 3.21 -22.18
N GLU A 80 27.31 4.55 -22.12
CA GLU A 80 26.09 5.27 -21.82
C GLU A 80 25.23 5.39 -23.07
N PRO A 81 23.95 5.06 -23.00
CA PRO A 81 23.07 5.22 -24.17
C PRO A 81 22.94 6.67 -24.58
N GLU A 82 22.70 6.88 -25.86
CA GLU A 82 22.60 8.23 -26.40
C GLU A 82 21.38 8.94 -25.79
N PRO A 83 21.48 10.21 -25.46
CA PRO A 83 20.34 10.93 -24.88
C PRO A 83 19.21 11.10 -25.88
N TYR A 84 18.00 11.21 -25.34
CA TYR A 84 16.80 11.46 -26.12
C TYR A 84 16.00 12.58 -25.49
N ASP A 85 15.24 13.30 -26.31
CA ASP A 85 14.50 14.47 -25.88
C ASP A 85 13.06 14.07 -25.59
N GLU A 86 12.59 14.38 -24.39
CA GLU A 86 11.22 14.12 -23.97
C GLU A 86 10.63 15.37 -23.35
N ASP A 87 9.33 15.58 -23.59
CA ASP A 87 8.64 16.76 -23.11
C ASP A 87 8.16 16.65 -21.66
N GLU A 88 8.27 15.47 -21.04
CA GLU A 88 7.80 15.26 -19.69
C GLU A 88 8.95 14.81 -18.80
N ASP A 89 8.82 15.10 -17.50
CA ASP A 89 9.74 14.63 -16.49
C ASP A 89 9.13 13.43 -15.77
N TRP A 90 9.79 12.28 -15.88
CA TRP A 90 9.28 11.04 -15.32
C TRP A 90 9.97 10.65 -14.02
N SER A 91 10.72 11.57 -13.41
CA SER A 91 11.40 11.26 -12.16
C SER A 91 10.40 11.09 -11.02
N ARG A 92 10.82 10.38 -9.99
CA ARG A 92 9.96 10.15 -8.83
C ARG A 92 9.70 11.44 -8.09
N THR A 93 8.45 11.64 -7.68
CA THR A 93 8.10 12.78 -6.84
C THR A 93 8.23 12.45 -5.36
N ARG A 94 7.99 11.21 -4.98
CA ARG A 94 8.14 10.75 -3.60
C ARG A 94 9.50 10.11 -3.40
N ASP A 95 9.96 10.11 -2.16
CA ASP A 95 11.23 9.47 -1.80
C ASP A 95 10.92 8.09 -1.23
N VAL A 96 10.96 7.08 -2.11
CA VAL A 96 10.67 5.70 -1.74
C VAL A 96 11.78 4.80 -2.26
N GLU A 97 11.90 3.63 -1.66
CA GLU A 97 12.90 2.65 -2.04
C GLU A 97 12.33 1.69 -3.09
N ASP A 98 13.23 0.92 -3.70
CA ASP A 98 12.85 -0.13 -4.62
C ASP A 98 12.66 -1.44 -3.87
N ILE A 99 11.84 -2.31 -4.43
CA ILE A 99 11.48 -3.59 -3.83
C ILE A 99 12.20 -4.70 -4.58
N ALA A 100 12.86 -5.58 -3.83
CA ALA A 100 13.66 -6.65 -4.40
C ALA A 100 12.91 -7.98 -4.28
N ILE A 101 12.89 -8.74 -5.38
CA ILE A 101 12.27 -10.06 -5.40
C ILE A 101 13.35 -11.09 -5.11
N VAL A 102 13.15 -11.88 -4.06
CA VAL A 102 14.15 -12.83 -3.62
C VAL A 102 13.70 -14.28 -3.70
N GLY A 103 12.41 -14.55 -3.82
CA GLY A 103 11.93 -15.93 -3.85
C GLY A 103 10.72 -16.06 -4.73
N VAL A 104 10.68 -17.16 -5.48
CA VAL A 104 9.58 -17.46 -6.41
C VAL A 104 9.14 -18.90 -6.20
N ALA A 105 7.83 -19.09 -6.10
CA ALA A 105 7.23 -20.42 -6.00
C ALA A 105 6.13 -20.54 -7.05
N THR A 106 6.14 -21.66 -7.77
CA THR A 106 5.21 -21.85 -8.88
C THR A 106 4.44 -23.16 -8.70
N ARG A 107 3.14 -23.10 -8.98
CA ARG A 107 2.27 -24.29 -9.04
C ARG A 107 1.35 -24.05 -10.24
N PHE A 108 1.78 -24.50 -11.41
CA PHE A 108 1.15 -24.15 -12.67
C PHE A 108 0.86 -25.40 -13.48
N PRO A 109 -0.09 -25.34 -14.41
CA PRO A 109 -0.39 -26.50 -15.25
C PRO A 109 0.82 -26.92 -16.07
N GLY A 110 0.88 -28.22 -16.36
CA GLY A 110 2.04 -28.79 -17.00
C GLY A 110 3.10 -29.32 -16.06
N ASP A 111 2.77 -29.53 -14.79
CA ASP A 111 3.72 -30.01 -13.78
C ASP A 111 4.89 -29.05 -13.64
N LEU A 112 4.60 -27.76 -13.61
CA LEU A 112 5.60 -26.72 -13.39
C LEU A 112 5.55 -26.34 -11.92
N ASN A 113 6.25 -27.13 -11.10
CA ASN A 113 6.21 -26.95 -9.65
C ASN A 113 7.40 -26.18 -9.09
N THR A 114 8.43 -25.94 -9.89
CA THR A 114 9.60 -25.20 -9.49
C THR A 114 9.90 -24.14 -10.54
N PRO A 115 10.57 -23.04 -10.16
CA PRO A 115 10.91 -22.01 -11.15
C PRO A 115 11.77 -22.52 -12.29
N ASP A 116 12.66 -23.49 -12.04
CA ASP A 116 13.49 -24.03 -13.11
C ASP A 116 12.65 -24.77 -14.15
N GLU A 117 11.70 -25.58 -13.70
CA GLU A 117 10.82 -26.28 -14.64
C GLU A 117 9.99 -25.30 -15.45
N MET A 118 9.46 -24.26 -14.79
CA MET A 118 8.68 -23.25 -15.51
C MET A 118 9.52 -22.53 -16.54
N TRP A 119 10.77 -22.18 -16.19
CA TRP A 119 11.65 -21.50 -17.12
C TRP A 119 11.98 -22.40 -18.31
N GLU A 120 12.24 -23.68 -18.05
CA GLU A 120 12.50 -24.60 -19.16
C GLU A 120 11.30 -24.74 -20.07
N ALA A 121 10.09 -24.83 -19.48
CA ALA A 121 8.88 -24.91 -20.29
C ALA A 121 8.68 -23.65 -21.12
N LEU A 122 8.93 -22.48 -20.53
CA LEU A 122 8.79 -21.23 -21.28
C LEU A 122 9.79 -21.16 -22.42
N LEU A 123 11.04 -21.60 -22.19
CA LEU A 123 12.02 -21.63 -23.26
C LEU A 123 11.63 -22.62 -24.36
N GLU A 124 11.07 -23.76 -24.00
CA GLU A 124 10.63 -24.74 -24.99
C GLU A 124 9.32 -24.36 -25.67
N GLY A 125 8.63 -23.33 -25.18
CA GLY A 125 7.34 -22.97 -25.75
C GLY A 125 6.28 -24.02 -25.53
N LYS A 126 6.23 -24.61 -24.35
CA LYS A 126 5.30 -25.70 -24.06
C LYS A 126 3.87 -25.18 -23.93
N ASP A 127 2.93 -25.95 -24.46
CA ASP A 127 1.51 -25.67 -24.30
C ASP A 127 0.96 -26.54 -23.17
N CYS A 128 0.45 -25.89 -22.12
CA CYS A 128 0.03 -26.59 -20.91
C CYS A 128 -1.47 -26.79 -20.83
N VAL A 129 -2.20 -26.59 -21.92
CA VAL A 129 -3.65 -26.76 -21.96
C VAL A 129 -3.96 -28.17 -22.43
N THR A 130 -4.72 -28.92 -21.63
CA THR A 130 -5.11 -30.29 -21.94
C THR A 130 -6.61 -30.44 -21.73
N ASP A 131 -7.10 -31.65 -21.95
CA ASP A 131 -8.50 -31.96 -21.75
C ASP A 131 -8.82 -32.12 -20.27
N LEU A 132 -10.10 -32.20 -19.96
CA LEU A 132 -10.53 -32.40 -18.58
C LEU A 132 -10.10 -33.80 -18.11
N PRO A 133 -9.41 -33.90 -16.98
CA PRO A 133 -9.01 -35.22 -16.49
C PRO A 133 -10.22 -36.09 -16.16
N GLU A 134 -10.06 -37.40 -16.32
CA GLU A 134 -11.16 -38.33 -16.09
C GLU A 134 -11.59 -38.39 -14.64
N ASP A 135 -10.72 -38.02 -13.70
CA ASP A 135 -11.02 -38.10 -12.28
C ASP A 135 -11.50 -36.77 -11.70
N ARG A 136 -11.72 -35.77 -12.54
CA ARG A 136 -12.17 -34.46 -12.09
C ARG A 136 -13.66 -34.29 -12.31
N TRP A 137 -14.30 -33.54 -11.42
CA TRP A 137 -15.72 -33.20 -11.49
C TRP A 137 -16.61 -34.44 -11.43
N THR A 138 -16.12 -35.53 -10.82
CA THR A 138 -16.91 -36.76 -10.76
C THR A 138 -18.12 -36.63 -9.86
N GLU A 139 -18.13 -35.66 -8.94
CA GLU A 139 -19.27 -35.46 -8.06
C GLU A 139 -20.49 -34.93 -8.81
N PHE A 140 -20.31 -34.37 -10.00
CA PHE A 140 -21.39 -33.78 -10.77
C PHE A 140 -21.76 -34.57 -12.01
N LEU A 141 -20.94 -35.54 -12.42
CA LEU A 141 -21.20 -36.30 -13.64
C LEU A 141 -22.18 -37.45 -13.44
N ASP A 142 -22.64 -37.68 -12.20
CA ASP A 142 -23.62 -38.72 -11.94
C ASP A 142 -25.05 -38.24 -12.14
N GLU A 143 -25.25 -36.95 -12.42
CA GLU A 143 -26.57 -36.40 -12.69
C GLU A 143 -26.72 -36.21 -14.19
N PRO A 144 -27.72 -36.85 -14.82
CA PRO A 144 -27.79 -36.81 -16.29
C PRO A 144 -27.85 -35.42 -16.90
N ARG A 145 -28.60 -34.49 -16.28
CA ARG A 145 -28.69 -33.14 -16.83
C ARG A 145 -27.35 -32.42 -16.72
N ILE A 146 -26.71 -32.49 -15.55
CA ILE A 146 -25.39 -31.88 -15.38
C ILE A 146 -24.37 -32.55 -16.29
N ALA A 147 -24.44 -33.87 -16.41
CA ALA A 147 -23.50 -34.59 -17.25
C ALA A 147 -23.63 -34.17 -18.71
N GLU A 148 -24.87 -34.04 -19.21
CA GLU A 148 -25.05 -33.63 -20.60
C GLU A 148 -24.73 -32.16 -20.80
N ARG A 149 -24.90 -31.34 -19.78
CA ARG A 149 -24.53 -29.92 -19.90
C ARG A 149 -23.02 -29.75 -19.93
N VAL A 150 -22.29 -30.55 -19.16
CA VAL A 150 -20.83 -30.45 -19.14
C VAL A 150 -20.23 -30.85 -20.49
N LYS A 151 -20.76 -31.91 -21.09
CA LYS A 151 -20.25 -32.36 -22.38
C LYS A 151 -20.43 -31.31 -23.48
N LYS A 152 -21.45 -30.45 -23.36
CA LYS A 152 -21.66 -29.39 -24.33
C LYS A 152 -20.65 -28.26 -24.20
N ALA A 153 -20.06 -28.08 -23.02
CA ALA A 153 -19.13 -26.99 -22.78
C ALA A 153 -17.75 -27.35 -23.35
N ARG A 154 -16.80 -26.42 -23.17
CA ARG A 154 -15.44 -26.64 -23.66
C ARG A 154 -14.66 -27.54 -22.70
N THR A 155 -14.54 -27.11 -21.44
CA THR A 155 -13.92 -27.88 -20.36
C THR A 155 -12.45 -28.16 -20.60
N ARG A 156 -11.86 -27.55 -21.64
CA ARG A 156 -10.44 -27.66 -21.86
C ARG A 156 -9.71 -26.51 -21.18
N GLY A 157 -8.57 -26.81 -20.58
CA GLY A 157 -7.80 -25.80 -19.87
C GLY A 157 -6.65 -26.44 -19.13
N GLY A 158 -6.01 -25.62 -18.30
CA GLY A 158 -4.89 -26.08 -17.50
C GLY A 158 -5.32 -26.61 -16.14
N TYR A 159 -5.09 -27.90 -15.91
CA TYR A 159 -5.48 -28.55 -14.68
C TYR A 159 -4.26 -29.08 -13.95
N LEU A 160 -4.35 -29.12 -12.62
CA LEU A 160 -3.27 -29.65 -11.80
C LEU A 160 -3.31 -31.17 -11.79
N THR A 161 -2.12 -31.78 -11.73
CA THR A 161 -2.03 -33.23 -11.78
C THR A 161 -2.61 -33.88 -10.53
N ASP A 162 -2.30 -33.34 -9.36
CA ASP A 162 -2.76 -33.90 -8.08
C ASP A 162 -3.31 -32.76 -7.24
N ILE A 163 -4.63 -32.55 -7.32
CA ILE A 163 -5.27 -31.50 -6.54
C ILE A 163 -5.78 -32.00 -5.20
N LYS A 164 -5.96 -33.31 -5.03
CA LYS A 164 -6.46 -33.87 -3.78
C LYS A 164 -5.36 -34.19 -2.78
N GLY A 165 -4.10 -34.27 -3.23
CA GLY A 165 -3.03 -34.59 -2.32
C GLY A 165 -2.72 -33.44 -1.39
N PHE A 166 -2.41 -33.78 -0.13
CA PHE A 166 -2.08 -32.78 0.87
C PHE A 166 -1.37 -33.46 2.03
N ASP A 167 -0.30 -32.83 2.52
CA ASP A 167 0.47 -33.36 3.64
C ASP A 167 -0.05 -32.75 4.93
N SER A 168 -1.12 -33.36 5.45
CA SER A 168 -1.75 -32.85 6.67
C SER A 168 -0.87 -33.02 7.88
N GLU A 169 -0.03 -34.06 7.91
CA GLU A 169 0.85 -34.28 9.06
C GLU A 169 1.90 -33.17 9.16
N PHE A 170 2.40 -32.69 8.01
CA PHE A 170 3.40 -31.62 8.02
C PHE A 170 2.83 -30.34 8.62
N PHE A 171 1.58 -30.01 8.28
CA PHE A 171 0.95 -28.78 8.73
C PHE A 171 0.12 -28.97 9.98
N ALA A 172 0.18 -30.13 10.62
CA ALA A 172 -0.49 -30.41 11.89
C ALA A 172 -2.00 -30.21 11.79
N LEU A 173 -2.62 -31.01 10.92
CA LEU A 173 -4.05 -30.96 10.69
C LEU A 173 -4.63 -32.37 10.76
N SER A 174 -5.76 -32.51 11.45
CA SER A 174 -6.43 -33.80 11.53
C SER A 174 -7.12 -34.13 10.21
N LYS A 175 -7.46 -35.41 10.04
CA LYS A 175 -8.09 -35.84 8.80
C LYS A 175 -9.44 -35.16 8.60
N MET A 176 -10.24 -35.06 9.66
CA MET A 176 -11.53 -34.39 9.56
C MET A 176 -11.37 -32.94 9.17
N GLU A 177 -10.39 -32.25 9.76
CA GLU A 177 -10.15 -30.85 9.41
C GLU A 177 -9.54 -30.72 8.03
N ALA A 178 -8.62 -31.63 7.67
CA ALA A 178 -7.94 -31.54 6.38
C ALA A 178 -8.89 -31.81 5.23
N ASP A 179 -9.89 -32.68 5.41
CA ASP A 179 -10.82 -32.97 4.34
C ASP A 179 -11.70 -31.77 3.97
N ASN A 180 -11.86 -30.81 4.88
CA ASN A 180 -12.74 -29.66 4.66
C ASN A 180 -11.98 -28.41 4.27
N ILE A 181 -10.70 -28.51 3.92
CA ILE A 181 -9.88 -27.36 3.61
C ILE A 181 -9.89 -27.11 2.10
N ASP A 182 -10.12 -25.86 1.72
CA ASP A 182 -10.07 -25.47 0.32
C ASP A 182 -8.67 -25.75 -0.24
N PRO A 183 -8.54 -26.37 -1.41
CA PRO A 183 -7.22 -26.55 -2.00
C PRO A 183 -6.47 -25.25 -2.24
N GLN A 184 -7.17 -24.11 -2.29
CA GLN A 184 -6.49 -22.82 -2.40
C GLN A 184 -5.61 -22.57 -1.17
N GLN A 185 -6.12 -22.88 0.02
CA GLN A 185 -5.32 -22.70 1.23
C GLN A 185 -4.13 -23.65 1.27
N ARG A 186 -4.32 -24.89 0.82
CA ARG A 186 -3.22 -25.84 0.74
C ARG A 186 -2.15 -25.33 -0.21
N MET A 187 -2.56 -24.83 -1.37
CA MET A 187 -1.61 -24.25 -2.31
C MET A 187 -0.90 -23.04 -1.72
N ALA A 188 -1.63 -22.21 -0.99
CA ALA A 188 -1.01 -21.05 -0.36
C ALA A 188 0.08 -21.47 0.62
N LEU A 189 -0.21 -22.47 1.47
CA LEU A 189 0.78 -22.95 2.43
C LEU A 189 1.99 -23.54 1.72
N GLU A 190 1.75 -24.44 0.76
CA GLU A 190 2.84 -25.10 0.07
C GLU A 190 3.70 -24.11 -0.71
N LEU A 191 3.06 -23.15 -1.39
CA LEU A 191 3.81 -22.15 -2.13
C LEU A 191 4.56 -21.20 -1.21
N THR A 192 4.01 -20.89 -0.05
CA THR A 192 4.76 -20.08 0.92
C THR A 192 6.02 -20.81 1.37
N TRP A 193 5.90 -22.10 1.69
CA TRP A 193 7.07 -22.87 2.10
C TRP A 193 8.09 -22.94 0.98
N GLU A 194 7.63 -23.19 -0.25
CA GLU A 194 8.55 -23.32 -1.37
C GLU A 194 9.21 -22.00 -1.73
N ALA A 195 8.49 -20.88 -1.61
CA ALA A 195 9.08 -19.58 -1.87
C ALA A 195 10.10 -19.22 -0.79
N LEU A 196 9.81 -19.55 0.46
CA LEU A 196 10.79 -19.33 1.52
C LEU A 196 12.05 -20.17 1.29
N GLU A 197 11.88 -21.41 0.84
CA GLU A 197 13.04 -22.23 0.52
C GLU A 197 13.83 -21.67 -0.66
N HIS A 198 13.12 -21.20 -1.69
CA HIS A 198 13.80 -20.67 -2.87
C HIS A 198 14.59 -19.41 -2.54
N ALA A 199 14.04 -18.57 -1.66
CA ALA A 199 14.73 -17.37 -1.23
C ALA A 199 15.91 -17.66 -0.31
N ARG A 200 16.07 -18.92 0.12
CA ARG A 200 17.11 -19.33 1.06
C ARG A 200 17.01 -18.55 2.36
N ILE A 201 15.78 -18.32 2.80
CA ILE A 201 15.49 -17.68 4.08
C ILE A 201 14.87 -18.74 4.99
N PRO A 202 15.50 -19.09 6.10
CA PRO A 202 14.92 -20.10 7.00
C PRO A 202 13.55 -19.66 7.52
N ALA A 203 12.60 -20.58 7.50
CA ALA A 203 11.25 -20.26 7.97
C ALA A 203 11.23 -20.00 9.47
N SER A 204 12.07 -20.70 10.23
CA SER A 204 12.12 -20.51 11.68
C SER A 204 12.64 -19.13 12.07
N SER A 205 13.41 -18.47 11.19
CA SER A 205 13.94 -17.16 11.49
C SER A 205 12.92 -16.04 11.33
N LEU A 206 11.81 -16.31 10.63
CA LEU A 206 10.77 -15.32 10.42
C LEU A 206 9.62 -15.44 11.42
N ARG A 207 9.70 -16.36 12.37
CA ARG A 207 8.64 -16.51 13.35
C ARG A 207 8.65 -15.32 14.31
N GLY A 208 7.48 -14.72 14.52
CA GLY A 208 7.35 -13.55 15.36
C GLY A 208 7.74 -12.25 14.71
N GLU A 209 8.08 -12.26 13.42
CA GLU A 209 8.49 -11.06 12.69
C GLU A 209 7.29 -10.46 11.97
N SER A 210 7.45 -9.20 11.58
CA SER A 210 6.41 -8.45 10.87
C SER A 210 6.47 -8.80 9.38
N VAL A 211 5.83 -9.92 9.05
CA VAL A 211 5.78 -10.42 7.68
C VAL A 211 4.34 -10.30 7.18
N GLY A 212 4.15 -9.59 6.07
CA GLY A 212 2.83 -9.38 5.53
C GLY A 212 2.48 -10.42 4.47
N VAL A 213 1.20 -10.79 4.44
CA VAL A 213 0.68 -11.78 3.51
C VAL A 213 -0.43 -11.12 2.71
N TYR A 214 -0.32 -11.19 1.38
CA TYR A 214 -1.30 -10.59 0.47
C TYR A 214 -1.57 -11.59 -0.65
N ILE A 215 -2.68 -12.31 -0.54
CA ILE A 215 -3.04 -13.36 -1.49
C ILE A 215 -4.35 -12.97 -2.17
N GLY A 216 -4.38 -13.07 -3.49
CA GLY A 216 -5.56 -12.74 -4.26
C GLY A 216 -6.36 -13.98 -4.63
N SER A 217 -7.66 -13.94 -4.36
CA SER A 217 -8.57 -15.03 -4.71
C SER A 217 -9.85 -14.44 -5.24
N SER A 218 -10.56 -15.22 -6.05
CA SER A 218 -11.77 -14.73 -6.72
C SER A 218 -13.02 -15.52 -6.37
N THR A 219 -12.94 -16.85 -6.33
CA THR A 219 -14.13 -17.68 -6.15
C THR A 219 -13.90 -18.68 -5.03
N ASN A 220 -14.97 -18.94 -4.27
CA ASN A 220 -14.96 -20.00 -3.25
C ASN A 220 -15.63 -21.24 -3.82
N ASP A 221 -14.89 -21.93 -4.69
CA ASP A 221 -15.45 -23.07 -5.40
C ASP A 221 -15.62 -24.28 -4.49
N TYR A 222 -14.72 -24.47 -3.53
CA TYR A 222 -14.80 -25.63 -2.65
C TYR A 222 -15.97 -25.55 -1.69
N SER A 223 -16.57 -24.38 -1.52
CA SER A 223 -17.73 -24.24 -0.64
C SER A 223 -18.92 -25.02 -1.18
N PHE A 224 -19.08 -25.08 -2.50
CA PHE A 224 -20.25 -25.73 -3.09
C PHE A 224 -20.26 -27.23 -2.77
N LEU A 225 -19.09 -27.88 -2.79
CA LEU A 225 -19.03 -29.29 -2.40
C LEU A 225 -19.44 -29.48 -0.95
N ALA A 226 -19.02 -28.57 -0.07
CA ALA A 226 -19.35 -28.69 1.35
C ALA A 226 -20.85 -28.60 1.58
N MET A 227 -21.53 -27.68 0.89
CA MET A 227 -22.95 -27.47 1.08
C MET A 227 -23.81 -28.26 0.09
N SER A 228 -23.24 -29.27 -0.56
CA SER A 228 -24.04 -30.12 -1.44
C SER A 228 -25.16 -30.80 -0.66
N ASP A 229 -24.85 -31.32 0.52
CA ASP A 229 -25.86 -31.79 1.45
C ASP A 229 -25.76 -30.95 2.72
N PRO A 230 -26.69 -30.02 2.97
CA PRO A 230 -26.54 -29.12 4.11
C PRO A 230 -26.44 -29.82 5.46
N SER A 231 -27.13 -30.94 5.63
CA SER A 231 -27.10 -31.64 6.92
C SER A 231 -25.76 -32.33 7.15
N ILE A 232 -25.21 -32.97 6.12
CA ILE A 232 -23.95 -33.68 6.28
C ILE A 232 -22.76 -32.73 6.35
N ALA A 233 -22.96 -31.46 6.00
CA ALA A 233 -21.86 -30.50 6.03
C ALA A 233 -21.34 -30.33 7.45
N HIS A 234 -20.00 -30.32 7.58
CA HIS A 234 -19.34 -30.19 8.86
C HIS A 234 -19.02 -28.73 9.16
N PRO A 235 -19.04 -28.33 10.43
CA PRO A 235 -18.69 -26.93 10.77
C PRO A 235 -17.25 -26.56 10.44
N TYR A 236 -16.36 -27.53 10.21
CA TYR A 236 -15.00 -27.22 9.82
C TYR A 236 -14.94 -26.50 8.48
N ALA A 237 -15.95 -26.68 7.63
CA ALA A 237 -15.97 -26.01 6.33
C ALA A 237 -16.02 -24.49 6.45
N ILE A 238 -16.55 -23.98 7.57
CA ILE A 238 -16.61 -22.53 7.76
C ILE A 238 -15.20 -21.93 7.71
N THR A 239 -14.26 -22.56 8.41
CA THR A 239 -12.88 -22.09 8.38
C THR A 239 -12.12 -22.63 7.18
N GLY A 240 -12.51 -23.81 6.66
CA GLY A 240 -11.80 -24.40 5.56
C GLY A 240 -12.15 -23.86 4.19
N THR A 241 -13.20 -23.04 4.07
CA THR A 241 -13.62 -22.51 2.79
C THR A 241 -13.70 -20.98 2.75
N ALA A 242 -13.43 -20.30 3.85
CA ALA A 242 -13.47 -18.85 3.87
C ALA A 242 -12.28 -18.26 3.14
N SER A 243 -12.50 -17.11 2.50
CA SER A 243 -11.45 -16.48 1.69
C SER A 243 -10.37 -15.84 2.54
N SER A 244 -10.74 -15.23 3.68
CA SER A 244 -9.74 -14.62 4.54
C SER A 244 -8.81 -15.67 5.15
N ILE A 245 -9.33 -16.87 5.38
CA ILE A 245 -8.51 -17.94 5.96
C ILE A 245 -7.35 -18.31 5.05
N ILE A 246 -7.46 -18.04 3.74
CA ILE A 246 -6.38 -18.36 2.81
C ILE A 246 -5.08 -17.70 3.24
N ALA A 247 -5.16 -16.45 3.70
CA ALA A 247 -4.00 -15.76 4.23
C ALA A 247 -3.85 -15.91 5.74
N ASN A 248 -4.97 -16.02 6.46
CA ASN A 248 -4.90 -16.11 7.92
C ASN A 248 -4.20 -17.39 8.36
N ARG A 249 -4.48 -18.52 7.70
CA ARG A 249 -3.83 -19.78 8.05
C ARG A 249 -2.34 -19.75 7.71
N VAL A 250 -1.97 -19.09 6.62
CA VAL A 250 -0.55 -18.93 6.29
C VAL A 250 0.14 -18.11 7.38
N SER A 251 -0.49 -17.03 7.82
CA SER A 251 0.10 -16.22 8.89
C SER A 251 0.18 -17.01 10.19
N TYR A 252 -0.83 -17.82 10.48
CA TYR A 252 -0.88 -18.58 11.74
C TYR A 252 0.18 -19.68 11.76
N PHE A 253 0.28 -20.45 10.69
CA PHE A 253 1.21 -21.58 10.69
C PHE A 253 2.65 -21.12 10.75
N TYR A 254 3.00 -20.06 10.02
CA TYR A 254 4.35 -19.54 10.00
C TYR A 254 4.61 -18.48 11.06
N ASP A 255 3.63 -18.20 11.92
CA ASP A 255 3.78 -17.25 13.03
C ASP A 255 4.17 -15.87 12.52
N PHE A 256 3.51 -15.42 11.45
CA PHE A 256 3.75 -14.09 10.90
C PHE A 256 2.91 -13.07 11.67
N ARG A 257 3.53 -11.92 11.94
CA ARG A 257 2.89 -10.87 12.74
C ARG A 257 2.55 -9.63 11.92
N GLY A 258 2.66 -9.69 10.60
CA GLY A 258 2.34 -8.56 9.76
C GLY A 258 0.89 -8.60 9.29
N PRO A 259 0.53 -7.65 8.43
CA PRO A 259 -0.85 -7.64 7.89
C PRO A 259 -1.15 -8.90 7.10
N SER A 260 -2.39 -9.38 7.22
CA SER A 260 -2.83 -10.59 6.53
C SER A 260 -4.23 -10.31 5.96
N VAL A 261 -4.30 -10.03 4.67
CA VAL A 261 -5.55 -9.70 4.01
C VAL A 261 -5.62 -10.44 2.68
N ALA A 262 -6.83 -10.80 2.27
CA ALA A 262 -7.09 -11.42 0.98
C ALA A 262 -7.83 -10.41 0.11
N VAL A 263 -7.28 -10.17 -1.09
CA VAL A 263 -7.86 -9.19 -2.00
C VAL A 263 -8.66 -9.92 -3.06
N ASP A 264 -9.53 -9.16 -3.74
CA ASP A 264 -10.39 -9.71 -4.78
C ASP A 264 -10.63 -8.61 -5.82
N THR A 265 -9.93 -8.72 -6.95
CA THR A 265 -10.17 -7.87 -8.12
C THR A 265 -10.24 -8.73 -9.38
N ALA A 266 -10.96 -9.85 -9.28
CA ALA A 266 -11.14 -10.81 -10.36
C ALA A 266 -9.83 -11.26 -10.99
N CYS A 267 -9.46 -10.70 -12.14
CA CYS A 267 -8.30 -11.15 -12.88
C CYS A 267 -7.04 -10.32 -12.62
N SER A 268 -7.12 -9.31 -11.77
CA SER A 268 -5.95 -8.53 -11.36
C SER A 268 -5.67 -8.70 -9.87
N SER A 269 -6.18 -9.78 -9.28
CA SER A 269 -6.05 -9.98 -7.84
C SER A 269 -4.59 -10.13 -7.42
N SER A 270 -3.81 -10.90 -8.18
CA SER A 270 -2.41 -11.08 -7.84
C SER A 270 -1.62 -9.79 -7.99
N LEU A 271 -1.88 -9.03 -9.06
CA LEU A 271 -1.19 -7.76 -9.25
C LEU A 271 -1.58 -6.75 -8.18
N VAL A 272 -2.87 -6.71 -7.80
CA VAL A 272 -3.30 -5.81 -6.74
C VAL A 272 -2.67 -6.21 -5.40
N ALA A 273 -2.56 -7.52 -5.14
CA ALA A 273 -1.89 -7.98 -3.93
C ALA A 273 -0.42 -7.58 -3.91
N THR A 274 0.25 -7.72 -5.05
CA THR A 274 1.65 -7.31 -5.14
C THR A 274 1.80 -5.81 -4.93
N HIS A 275 0.90 -5.02 -5.52
CA HIS A 275 0.94 -3.58 -5.33
C HIS A 275 0.73 -3.21 -3.86
N GLN A 276 -0.22 -3.87 -3.20
CA GLN A 276 -0.45 -3.60 -1.78
C GLN A 276 0.75 -3.99 -0.93
N GLY A 277 1.38 -5.12 -1.26
CA GLY A 277 2.59 -5.50 -0.54
C GLY A 277 3.72 -4.51 -0.72
N VAL A 278 3.89 -4.01 -1.95
CA VAL A 278 4.93 -3.02 -2.22
C VAL A 278 4.65 -1.73 -1.46
N GLN A 279 3.39 -1.27 -1.47
CA GLN A 279 3.04 -0.05 -0.75
C GLN A 279 3.22 -0.23 0.75
N ALA A 280 2.90 -1.41 1.27
CA ALA A 280 3.14 -1.69 2.69
C ALA A 280 4.64 -1.63 3.00
N LEU A 281 5.45 -2.26 2.15
CA LEU A 281 6.90 -2.28 2.39
C LEU A 281 7.49 -0.87 2.35
N ARG A 282 7.04 -0.04 1.41
CA ARG A 282 7.58 1.31 1.30
C ARG A 282 7.21 2.18 2.49
N ALA A 283 6.10 1.88 3.16
CA ALA A 283 5.60 2.67 4.28
C ALA A 283 5.90 2.04 5.63
N GLY A 284 7.06 1.43 5.79
CA GLY A 284 7.35 0.70 7.02
C GLY A 284 6.42 -0.47 7.16
N GLU A 285 5.81 -0.63 8.33
CA GLU A 285 4.60 -1.44 8.48
C GLU A 285 4.84 -2.92 8.21
N ALA A 286 6.04 -3.27 7.73
CA ALA A 286 6.36 -4.63 7.31
C ALA A 286 7.83 -4.74 6.95
N ASP A 287 8.41 -5.91 7.13
CA ASP A 287 9.79 -6.20 6.72
C ASP A 287 9.88 -7.16 5.55
N VAL A 288 9.02 -8.18 5.53
CA VAL A 288 8.96 -9.15 4.43
C VAL A 288 7.51 -9.25 3.98
N ALA A 289 7.30 -9.29 2.67
CA ALA A 289 5.96 -9.35 2.10
C ALA A 289 5.82 -10.61 1.26
N ILE A 290 4.76 -11.38 1.51
CA ILE A 290 4.43 -12.57 0.74
C ILE A 290 3.21 -12.25 -0.10
N VAL A 291 3.38 -12.22 -1.42
CA VAL A 291 2.32 -11.83 -2.33
C VAL A 291 2.12 -12.94 -3.36
N GLY A 292 0.92 -13.01 -3.91
CA GLY A 292 0.61 -13.99 -4.92
C GLY A 292 -0.89 -14.16 -5.09
N GLY A 293 -1.27 -15.25 -5.74
CA GLY A 293 -2.66 -15.55 -5.96
C GLY A 293 -2.86 -17.02 -6.27
N VAL A 294 -4.05 -17.52 -5.98
CA VAL A 294 -4.39 -18.92 -6.18
C VAL A 294 -5.74 -19.02 -6.89
N ASN A 295 -5.95 -20.14 -7.57
CA ASN A 295 -7.20 -20.40 -8.27
C ASN A 295 -7.35 -21.91 -8.45
N ALA A 296 -8.54 -22.42 -8.18
CA ALA A 296 -8.82 -23.85 -8.29
C ALA A 296 -10.12 -24.06 -9.04
N LEU A 297 -10.13 -25.01 -9.96
CA LEU A 297 -11.33 -25.36 -10.73
C LEU A 297 -11.96 -26.60 -10.08
N VAL A 298 -12.70 -26.35 -9.00
CA VAL A 298 -13.27 -27.46 -8.23
C VAL A 298 -14.58 -27.94 -8.85
N THR A 299 -15.45 -27.00 -9.24
CA THR A 299 -16.76 -27.36 -9.78
C THR A 299 -16.92 -26.76 -11.17
N PRO A 300 -17.73 -27.39 -12.03
CA PRO A 300 -17.92 -26.88 -13.39
C PRO A 300 -18.94 -25.75 -13.53
N LEU A 301 -19.40 -25.17 -12.42
CA LEU A 301 -20.46 -24.16 -12.50
C LEU A 301 -19.99 -22.92 -13.26
N VAL A 302 -18.79 -22.43 -12.95
CA VAL A 302 -18.29 -21.22 -13.59
C VAL A 302 -18.01 -21.48 -15.06
N THR A 303 -17.42 -22.64 -15.39
CA THR A 303 -17.14 -22.96 -16.78
C THR A 303 -18.43 -23.11 -17.58
N VAL A 304 -19.44 -23.77 -17.00
CA VAL A 304 -20.73 -23.92 -17.68
C VAL A 304 -21.38 -22.56 -17.88
N GLY A 305 -21.32 -21.69 -16.88
CA GLY A 305 -21.89 -20.35 -17.04
C GLY A 305 -21.20 -19.56 -18.12
N PHE A 306 -19.87 -19.58 -18.14
CA PHE A 306 -19.12 -18.86 -19.18
C PHE A 306 -19.41 -19.42 -20.57
N ASP A 307 -19.55 -20.75 -20.69
CA ASP A 307 -19.93 -21.34 -21.96
C ASP A 307 -21.33 -20.90 -22.38
N GLU A 308 -22.25 -20.82 -21.42
CA GLU A 308 -23.61 -20.39 -21.74
C GLU A 308 -23.65 -18.91 -22.11
N VAL A 309 -22.68 -18.11 -21.64
CA VAL A 309 -22.62 -16.71 -22.05
C VAL A 309 -22.42 -16.61 -23.55
N GLY A 310 -21.49 -17.41 -24.10
CA GLY A 310 -21.26 -17.42 -25.53
C GLY A 310 -20.21 -16.42 -25.98
N GLY A 311 -19.31 -16.86 -26.86
CA GLY A 311 -18.30 -15.98 -27.38
C GLY A 311 -17.21 -15.60 -26.40
N VAL A 312 -17.02 -16.39 -25.34
CA VAL A 312 -16.01 -16.12 -24.32
C VAL A 312 -14.92 -17.19 -24.31
N LEU A 313 -15.30 -18.46 -24.44
CA LEU A 313 -14.37 -19.57 -24.37
C LEU A 313 -13.96 -19.99 -25.78
N ALA A 314 -12.66 -20.19 -25.97
CA ALA A 314 -12.15 -20.62 -27.26
C ALA A 314 -12.63 -22.04 -27.55
N PRO A 315 -13.05 -22.33 -28.79
CA PRO A 315 -13.52 -23.68 -29.10
C PRO A 315 -12.45 -24.76 -28.93
N ASP A 316 -11.19 -24.43 -29.20
CA ASP A 316 -10.10 -25.40 -29.09
C ASP A 316 -9.34 -25.30 -27.77
N GLY A 317 -9.65 -24.31 -26.94
CA GLY A 317 -9.02 -24.17 -25.65
C GLY A 317 -7.70 -23.44 -25.65
N ARG A 318 -7.18 -23.05 -26.80
CA ARG A 318 -5.90 -22.36 -26.88
C ARG A 318 -6.11 -20.85 -26.86
N ILE A 319 -5.21 -20.15 -26.18
CA ILE A 319 -5.22 -18.70 -26.12
C ILE A 319 -4.26 -18.18 -27.17
N LYS A 320 -4.79 -17.54 -28.21
CA LYS A 320 -3.97 -17.00 -29.30
C LYS A 320 -3.86 -15.49 -29.09
N SER A 321 -2.91 -15.11 -28.25
CA SER A 321 -2.75 -13.71 -27.88
C SER A 321 -2.25 -12.89 -29.07
N PHE A 322 -2.96 -11.83 -29.39
CA PHE A 322 -2.60 -10.89 -30.46
C PHE A 322 -2.47 -11.56 -31.81
N SER A 323 -3.16 -12.68 -32.02
CA SER A 323 -3.10 -13.42 -33.26
C SER A 323 -4.32 -13.09 -34.12
N SER A 324 -4.23 -13.43 -35.40
CA SER A 324 -5.30 -13.17 -36.35
C SER A 324 -6.49 -14.11 -36.18
N ASP A 325 -6.36 -15.16 -35.39
CA ASP A 325 -7.43 -16.13 -35.18
C ASP A 325 -7.81 -16.26 -33.71
N ALA A 326 -7.67 -15.17 -32.94
CA ALA A 326 -8.04 -15.19 -31.54
C ALA A 326 -9.56 -15.29 -31.40
N ASP A 327 -10.02 -16.28 -30.65
CA ASP A 327 -11.45 -16.54 -30.51
C ASP A 327 -11.81 -16.89 -29.06
N GLY A 328 -11.09 -16.32 -28.11
CA GLY A 328 -11.39 -16.50 -26.70
C GLY A 328 -10.23 -17.09 -25.94
N TYR A 329 -10.52 -17.54 -24.72
CA TYR A 329 -9.52 -18.11 -23.83
C TYR A 329 -10.09 -19.35 -23.16
N ALA A 330 -9.29 -19.94 -22.27
CA ALA A 330 -9.70 -21.10 -21.49
C ALA A 330 -9.27 -20.91 -20.04
N ARG A 331 -10.09 -21.42 -19.12
CA ARG A 331 -9.84 -21.25 -17.70
C ARG A 331 -8.85 -22.29 -17.20
N SER A 332 -7.96 -21.86 -16.32
CA SER A 332 -6.93 -22.72 -15.76
C SER A 332 -6.83 -22.50 -14.26
N GLU A 333 -6.21 -23.46 -13.58
CA GLU A 333 -6.06 -23.43 -12.13
C GLU A 333 -4.59 -23.53 -11.75
N GLY A 334 -4.23 -22.89 -10.64
CA GLY A 334 -2.86 -22.90 -10.18
C GLY A 334 -2.63 -21.79 -9.18
N GLY A 335 -1.35 -21.50 -8.94
CA GLY A 335 -1.00 -20.46 -7.99
C GLY A 335 0.48 -20.16 -8.04
N GLY A 336 0.85 -19.03 -7.43
CA GLY A 336 2.23 -18.63 -7.37
C GLY A 336 2.43 -17.63 -6.25
N MET A 337 3.67 -17.55 -5.76
CA MET A 337 4.01 -16.66 -4.67
C MET A 337 5.34 -15.95 -4.94
N LEU A 338 5.49 -14.78 -4.33
CA LEU A 338 6.73 -14.01 -4.40
C LEU A 338 7.08 -13.53 -2.99
N VAL A 339 8.39 -13.43 -2.74
CA VAL A 339 8.92 -12.92 -1.48
C VAL A 339 9.52 -11.56 -1.75
N LEU A 340 9.00 -10.53 -1.08
CA LEU A 340 9.38 -9.15 -1.35
C LEU A 340 10.02 -8.53 -0.12
N LYS A 341 11.15 -7.86 -0.33
CA LYS A 341 11.86 -7.15 0.73
C LYS A 341 12.38 -5.83 0.16
N ARG A 342 12.62 -4.88 1.06
CA ARG A 342 13.26 -3.64 0.65
C ARG A 342 14.68 -3.93 0.18
N ILE A 343 15.10 -3.22 -0.87
CA ILE A 343 16.36 -3.55 -1.52
C ILE A 343 17.54 -3.33 -0.58
N SER A 344 17.46 -2.33 0.31
CA SER A 344 18.51 -2.14 1.29
C SER A 344 18.59 -3.32 2.26
N ASP A 345 17.43 -3.81 2.71
CA ASP A 345 17.41 -4.97 3.60
C ASP A 345 17.96 -6.21 2.91
N ALA A 346 17.58 -6.41 1.64
CA ALA A 346 18.11 -7.55 0.89
C ALA A 346 19.61 -7.46 0.71
N ARG A 347 20.11 -6.25 0.43
CA ARG A 347 21.56 -6.06 0.30
C ARG A 347 22.28 -6.32 1.61
N ARG A 348 21.71 -5.86 2.73
CA ARG A 348 22.40 -6.04 4.01
C ARG A 348 22.30 -7.48 4.52
N ASP A 349 21.28 -8.22 4.10
CA ASP A 349 21.07 -9.59 4.54
C ASP A 349 21.74 -10.61 3.65
N GLY A 350 22.39 -10.19 2.56
CA GLY A 350 23.06 -11.12 1.70
C GLY A 350 22.16 -11.93 0.79
N ASP A 351 20.89 -11.53 0.66
CA ASP A 351 19.97 -12.24 -0.22
C ASP A 351 20.34 -12.01 -1.68
N GLN A 352 20.02 -12.99 -2.52
CA GLN A 352 20.26 -12.90 -3.95
C GLN A 352 19.03 -12.26 -4.60
N ILE A 353 19.22 -11.06 -5.13
CA ILE A 353 18.11 -10.31 -5.74
C ILE A 353 17.87 -10.86 -7.15
N LEU A 354 16.67 -11.37 -7.40
CA LEU A 354 16.33 -11.89 -8.71
C LEU A 354 15.85 -10.78 -9.65
N ALA A 355 15.00 -9.89 -9.14
CA ALA A 355 14.49 -8.79 -9.93
C ALA A 355 14.11 -7.66 -8.99
N VAL A 356 13.93 -6.46 -9.56
CA VAL A 356 13.62 -5.26 -8.80
C VAL A 356 12.29 -4.70 -9.30
N ILE A 357 11.40 -4.40 -8.36
CA ILE A 357 10.12 -3.77 -8.68
C ILE A 357 10.26 -2.28 -8.44
N ALA A 358 10.11 -1.49 -9.51
CA ALA A 358 10.30 -0.05 -9.42
C ALA A 358 9.03 0.69 -9.00
N GLY A 359 7.87 0.24 -9.48
CA GLY A 359 6.63 0.89 -9.09
C GLY A 359 5.44 0.15 -9.66
N SER A 360 4.26 0.56 -9.20
CA SER A 360 3.01 -0.05 -9.63
C SER A 360 1.87 0.92 -9.36
N ALA A 361 0.73 0.66 -9.97
CA ALA A 361 -0.45 1.49 -9.79
C ALA A 361 -1.70 0.68 -10.13
N VAL A 362 -2.82 1.10 -9.54
CA VAL A 362 -4.11 0.45 -9.76
C VAL A 362 -5.17 1.54 -9.94
N ASN A 363 -6.19 1.23 -10.74
CA ASN A 363 -7.31 2.14 -10.96
C ASN A 363 -8.50 1.32 -11.43
N HIS A 364 -9.54 2.01 -11.91
CA HIS A 364 -10.74 1.36 -12.42
C HIS A 364 -11.15 1.99 -13.73
N ASP A 365 -11.89 1.21 -14.53
CA ASP A 365 -12.34 1.70 -15.84
C ASP A 365 -13.35 2.84 -15.71
N GLY A 366 -14.23 2.78 -14.71
CA GLY A 366 -15.29 3.76 -14.61
C GLY A 366 -16.52 3.34 -15.40
N ARG A 367 -17.20 4.32 -15.97
CA ARG A 367 -18.39 4.08 -16.78
C ARG A 367 -17.95 3.79 -18.21
N SER A 368 -17.74 2.52 -18.52
CA SER A 368 -17.36 2.09 -19.85
C SER A 368 -18.61 1.68 -20.62
N ASN A 369 -18.41 1.08 -21.80
CA ASN A 369 -19.51 0.60 -22.63
C ASN A 369 -20.01 -0.75 -22.10
N GLY A 370 -20.46 -0.73 -20.85
CA GLY A 370 -20.87 -1.93 -20.15
C GLY A 370 -19.91 -2.29 -19.03
N LEU A 371 -20.41 -3.12 -18.11
CA LEU A 371 -19.60 -3.52 -16.96
C LEU A 371 -18.40 -4.35 -17.39
N LEU A 372 -18.55 -5.24 -18.36
CA LEU A 372 -17.50 -6.14 -18.79
C LEU A 372 -16.67 -5.61 -19.94
N ALA A 373 -16.91 -4.37 -20.37
CA ALA A 373 -16.19 -3.81 -21.50
C ALA A 373 -14.96 -3.06 -21.01
N PRO A 374 -13.76 -3.41 -21.47
CA PRO A 374 -12.55 -2.68 -21.07
C PRO A 374 -12.54 -1.28 -21.65
N ASN A 375 -11.86 -0.38 -20.95
CA ASN A 375 -11.76 1.02 -21.33
C ASN A 375 -10.30 1.36 -21.64
N PRO A 376 -9.96 1.69 -22.89
CA PRO A 376 -8.56 2.02 -23.20
C PRO A 376 -8.04 3.25 -22.45
N ASP A 377 -8.89 4.23 -22.18
CA ASP A 377 -8.44 5.43 -21.47
C ASP A 377 -7.96 5.10 -20.06
N ALA A 378 -8.71 4.25 -19.36
CA ALA A 378 -8.30 3.86 -18.01
C ALA A 378 -6.99 3.07 -18.04
N GLN A 379 -6.82 2.20 -19.03
CA GLN A 379 -5.56 1.46 -19.14
C GLN A 379 -4.40 2.40 -19.42
N ALA A 380 -4.59 3.39 -20.29
CA ALA A 380 -3.54 4.37 -20.53
C ALA A 380 -3.21 5.16 -19.27
N GLU A 381 -4.25 5.54 -18.52
CA GLU A 381 -4.03 6.28 -17.28
C GLU A 381 -3.29 5.44 -16.25
N VAL A 382 -3.62 4.15 -16.13
CA VAL A 382 -2.92 3.31 -15.16
C VAL A 382 -1.48 3.08 -15.60
N LEU A 383 -1.23 2.96 -16.91
CA LEU A 383 0.14 2.85 -17.38
C LEU A 383 0.93 4.10 -17.02
N ARG A 384 0.35 5.28 -17.27
CA ARG A 384 1.03 6.53 -16.93
C ARG A 384 1.28 6.64 -15.43
N LYS A 385 0.29 6.27 -14.62
CA LYS A 385 0.44 6.34 -13.17
C LYS A 385 1.53 5.39 -12.67
N ALA A 386 1.54 4.16 -13.21
CA ALA A 386 2.54 3.18 -12.79
C ALA A 386 3.95 3.62 -13.18
N TYR A 387 4.10 4.17 -14.38
CA TYR A 387 5.44 4.60 -14.80
C TYR A 387 5.87 5.90 -14.12
N LYS A 388 4.90 6.73 -13.69
CA LYS A 388 5.25 7.86 -12.85
C LYS A 388 5.70 7.41 -11.47
N ASP A 389 5.02 6.43 -10.90
CA ASP A 389 5.42 5.90 -9.59
C ASP A 389 6.78 5.21 -9.66
N ALA A 390 7.04 4.48 -10.75
CA ALA A 390 8.29 3.77 -10.90
C ALA A 390 9.46 4.70 -11.21
N GLY A 391 9.18 5.92 -11.67
CA GLY A 391 10.25 6.83 -12.03
C GLY A 391 10.99 6.47 -13.28
N ILE A 392 10.33 5.80 -14.23
CA ILE A 392 10.95 5.34 -15.46
C ILE A 392 10.14 5.84 -16.64
N ASN A 393 10.83 6.36 -17.65
CA ASN A 393 10.16 6.79 -18.87
C ASN A 393 9.63 5.58 -19.61
N PRO A 394 8.36 5.59 -20.02
CA PRO A 394 7.81 4.42 -20.74
C PRO A 394 8.49 4.14 -22.07
N ARG A 395 9.20 5.12 -22.65
CA ARG A 395 9.89 4.89 -23.91
C ARG A 395 11.05 3.90 -23.77
N ASP A 396 11.55 3.69 -22.57
CA ASP A 396 12.71 2.83 -22.33
C ASP A 396 12.32 1.38 -22.06
N VAL A 397 11.03 1.04 -22.11
CA VAL A 397 10.60 -0.31 -21.80
C VAL A 397 11.00 -1.25 -22.94
N ASP A 398 11.58 -2.40 -22.57
CA ASP A 398 12.02 -3.39 -23.54
C ASP A 398 10.94 -4.43 -23.84
N TYR A 399 10.23 -4.89 -22.81
CA TYR A 399 9.27 -5.97 -22.97
C TYR A 399 8.02 -5.64 -22.16
N ILE A 400 6.86 -6.01 -22.70
CA ILE A 400 5.58 -5.81 -22.04
C ILE A 400 4.90 -7.15 -21.88
N GLU A 401 4.63 -7.55 -20.65
CA GLU A 401 3.84 -8.75 -20.36
C GLU A 401 2.37 -8.32 -20.33
N ALA A 402 1.70 -8.46 -21.46
CA ALA A 402 0.35 -7.95 -21.63
C ALA A 402 -0.68 -8.89 -20.99
N HIS A 403 -1.92 -8.42 -20.95
CA HIS A 403 -3.01 -9.23 -20.43
C HIS A 403 -3.19 -10.50 -21.28
N GLY A 404 -3.29 -10.32 -22.59
CA GLY A 404 -3.27 -11.43 -23.53
C GLY A 404 -4.33 -12.49 -23.33
N THR A 405 -5.58 -12.08 -23.15
CA THR A 405 -6.67 -13.04 -23.01
C THR A 405 -7.09 -13.68 -24.32
N GLY A 406 -6.55 -13.22 -25.45
CA GLY A 406 -6.88 -13.82 -26.72
C GLY A 406 -8.27 -13.51 -27.23
N THR A 407 -8.84 -12.38 -26.85
CA THR A 407 -10.13 -11.95 -27.36
C THR A 407 -9.95 -11.06 -28.59
N ILE A 408 -10.81 -11.24 -29.58
CA ILE A 408 -10.70 -10.47 -30.82
C ILE A 408 -11.03 -9.00 -30.59
N LEU A 409 -11.65 -8.66 -29.45
CA LEU A 409 -12.07 -7.29 -29.20
C LEU A 409 -11.22 -6.59 -28.14
N GLY A 410 -10.66 -7.32 -27.18
CA GLY A 410 -9.88 -6.70 -26.11
C GLY A 410 -8.42 -6.49 -26.44
N ASP A 411 -7.87 -7.37 -27.29
CA ASP A 411 -6.48 -7.19 -27.72
C ASP A 411 -6.27 -5.89 -28.48
N PRO A 412 -7.13 -5.48 -29.44
CA PRO A 412 -6.95 -4.15 -30.03
C PRO A 412 -7.00 -3.02 -29.01
N ILE A 413 -7.85 -3.12 -28.00
CA ILE A 413 -7.94 -2.07 -26.98
C ILE A 413 -6.64 -2.00 -26.19
N GLU A 414 -6.12 -3.16 -25.78
CA GLU A 414 -4.86 -3.17 -25.03
C GLU A 414 -3.71 -2.65 -25.87
N ALA A 415 -3.66 -3.03 -27.15
CA ALA A 415 -2.62 -2.54 -28.04
C ALA A 415 -2.72 -1.04 -28.24
N ASP A 416 -3.95 -0.52 -28.35
CA ASP A 416 -4.15 0.92 -28.48
C ASP A 416 -3.65 1.65 -27.24
N ALA A 417 -3.95 1.11 -26.05
CA ALA A 417 -3.47 1.74 -24.82
C ALA A 417 -1.95 1.72 -24.76
N LEU A 418 -1.34 0.58 -25.10
CA LEU A 418 0.12 0.49 -25.07
C LEU A 418 0.75 1.46 -26.06
N GLY A 419 0.18 1.59 -27.25
CA GLY A 419 0.68 2.58 -28.20
C GLY A 419 0.49 4.00 -27.72
N ARG A 420 -0.62 4.27 -27.01
CA ARG A 420 -0.83 5.60 -26.44
C ARG A 420 0.24 5.93 -25.42
N ILE A 421 0.61 4.98 -24.56
CA ILE A 421 1.53 5.29 -23.47
C ILE A 421 2.93 4.75 -23.77
N VAL A 422 3.06 3.43 -23.88
CA VAL A 422 4.38 2.82 -23.97
C VAL A 422 5.01 3.12 -25.33
N GLY A 423 4.25 2.96 -26.41
CA GLY A 423 4.80 3.08 -27.75
C GLY A 423 4.87 4.48 -28.32
N LYS A 424 4.46 5.50 -27.57
CA LYS A 424 4.45 6.86 -28.09
C LYS A 424 5.87 7.44 -28.07
N GLY A 425 6.28 7.99 -29.21
CA GLY A 425 7.58 8.63 -29.34
C GLY A 425 8.73 7.72 -29.70
N ARG A 426 8.49 6.41 -29.79
CA ARG A 426 9.56 5.49 -30.13
C ARG A 426 9.89 5.56 -31.62
N PRO A 427 11.15 5.36 -31.98
CA PRO A 427 11.50 5.21 -33.40
C PRO A 427 11.00 3.88 -33.94
N ALA A 428 10.90 3.81 -35.26
CA ALA A 428 10.36 2.61 -35.92
C ALA A 428 11.23 1.38 -35.71
N ASP A 429 12.53 1.56 -35.44
CA ASP A 429 13.45 0.45 -35.28
C ASP A 429 13.63 0.03 -33.84
N LYS A 430 12.90 0.64 -32.91
CA LYS A 430 12.99 0.30 -31.48
C LYS A 430 11.59 0.08 -30.92
N PRO A 431 10.93 -1.02 -31.28
CA PRO A 431 9.61 -1.30 -30.75
C PRO A 431 9.67 -2.03 -29.41
N ALA A 432 8.58 -1.91 -28.67
CA ALA A 432 8.44 -2.63 -27.40
C ALA A 432 7.96 -4.05 -27.65
N LEU A 433 8.74 -5.02 -27.21
CA LEU A 433 8.39 -6.42 -27.43
C LEU A 433 7.17 -6.80 -26.60
N LEU A 434 6.31 -7.63 -27.19
CA LEU A 434 5.03 -7.97 -26.60
C LEU A 434 4.87 -9.47 -26.50
N GLY A 435 4.23 -9.92 -25.43
CA GLY A 435 3.97 -11.34 -25.22
C GLY A 435 3.02 -11.54 -24.07
N ALA A 436 2.62 -12.79 -23.88
CA ALA A 436 1.69 -13.15 -22.82
C ALA A 436 1.92 -14.59 -22.41
N VAL A 437 1.85 -14.85 -21.10
CA VAL A 437 2.01 -16.21 -20.58
C VAL A 437 0.72 -17.01 -20.64
N LYS A 438 -0.42 -16.35 -20.89
CA LYS A 438 -1.68 -17.07 -21.01
C LYS A 438 -1.70 -17.96 -22.26
N SER A 439 -0.86 -17.64 -23.26
CA SER A 439 -0.75 -18.52 -24.41
C SER A 439 -0.16 -19.86 -24.03
N ASN A 440 0.67 -19.90 -22.98
CA ASN A 440 1.28 -21.14 -22.52
C ASN A 440 0.44 -21.81 -21.44
N LEU A 441 0.07 -21.07 -20.38
CA LEU A 441 -0.56 -21.65 -19.22
C LEU A 441 -2.09 -21.55 -19.22
N GLY A 442 -2.66 -20.76 -20.12
CA GLY A 442 -4.08 -20.50 -20.05
C GLY A 442 -4.40 -19.30 -19.18
N HIS A 443 -5.69 -19.10 -18.95
CA HIS A 443 -6.17 -17.97 -18.17
C HIS A 443 -6.33 -18.41 -16.72
N LEU A 444 -5.31 -18.14 -15.90
CA LEU A 444 -5.42 -18.30 -14.46
C LEU A 444 -6.17 -17.09 -13.92
N GLU A 445 -7.42 -17.31 -13.49
CA GLU A 445 -8.30 -16.20 -13.18
C GLU A 445 -7.71 -15.28 -12.12
N SER A 446 -7.52 -15.80 -10.91
CA SER A 446 -6.96 -15.01 -9.82
C SER A 446 -5.44 -15.15 -9.70
N ALA A 447 -4.81 -15.93 -10.58
CA ALA A 447 -3.38 -16.18 -10.51
C ALA A 447 -2.64 -15.75 -11.78
N ALA A 448 -3.28 -14.99 -12.67
CA ALA A 448 -2.60 -14.53 -13.87
C ALA A 448 -1.46 -13.60 -13.53
N GLY A 449 -1.67 -12.69 -12.57
CA GLY A 449 -0.61 -11.79 -12.17
C GLY A 449 0.59 -12.51 -11.58
N ALA A 450 0.34 -13.53 -10.76
CA ALA A 450 1.43 -14.31 -10.18
C ALA A 450 2.24 -15.01 -11.26
N ALA A 451 1.57 -15.62 -12.23
CA ALA A 451 2.27 -16.30 -13.31
C ALA A 451 3.08 -15.32 -14.14
N SER A 452 2.50 -14.16 -14.46
CA SER A 452 3.21 -13.15 -15.23
C SER A 452 4.44 -12.63 -14.48
N LEU A 453 4.28 -12.36 -13.18
CA LEU A 453 5.40 -11.88 -12.38
C LEU A 453 6.50 -12.93 -12.28
N ALA A 454 6.13 -14.20 -12.11
CA ALA A 454 7.13 -15.26 -12.07
C ALA A 454 7.86 -15.38 -13.40
N LYS A 455 7.12 -15.31 -14.51
CA LYS A 455 7.74 -15.38 -15.83
C LYS A 455 8.72 -14.24 -16.04
N MET A 456 8.33 -13.02 -15.67
CA MET A 456 9.21 -11.88 -15.89
C MET A 456 10.40 -11.90 -14.94
N THR A 457 10.22 -12.37 -13.71
CA THR A 457 11.34 -12.51 -12.80
C THR A 457 12.35 -13.53 -13.33
N LEU A 458 11.87 -14.66 -13.84
CA LEU A 458 12.77 -15.65 -14.42
C LEU A 458 13.46 -15.11 -15.66
N ALA A 459 12.74 -14.35 -16.49
CA ALA A 459 13.34 -13.77 -17.68
C ALA A 459 14.43 -12.77 -17.33
N LEU A 460 14.18 -11.91 -16.33
CA LEU A 460 15.19 -10.95 -15.91
C LEU A 460 16.39 -11.65 -15.28
N ALA A 461 16.15 -12.69 -14.47
CA ALA A 461 17.25 -13.38 -13.81
C ALA A 461 18.11 -14.16 -14.80
N ASN A 462 17.48 -14.80 -15.79
CA ASN A 462 18.19 -15.63 -16.74
C ASN A 462 18.61 -14.91 -18.01
N ASP A 463 18.29 -13.62 -18.14
CA ASP A 463 18.73 -12.79 -19.26
C ASP A 463 18.27 -13.37 -20.60
N LYS A 464 17.01 -13.78 -20.67
CA LYS A 464 16.43 -14.30 -21.91
C LYS A 464 14.94 -13.96 -21.93
N LEU A 465 14.41 -13.85 -23.15
CA LEU A 465 12.99 -13.58 -23.34
C LEU A 465 12.31 -14.82 -23.93
N PRO A 466 11.44 -15.49 -23.19
CA PRO A 466 10.76 -16.68 -23.74
C PRO A 466 9.79 -16.30 -24.84
N PRO A 467 9.55 -17.20 -25.78
CA PRO A 467 8.64 -16.87 -26.89
C PRO A 467 7.19 -16.90 -26.47
N SER A 468 6.34 -16.34 -27.33
CA SER A 468 4.89 -16.39 -27.19
C SER A 468 4.34 -17.34 -28.25
N ILE A 469 3.50 -18.27 -27.84
CA ILE A 469 3.05 -19.34 -28.70
C ILE A 469 1.62 -19.07 -29.16
N ASN A 470 1.14 -19.91 -30.08
CA ASN A 470 -0.19 -19.76 -30.68
C ASN A 470 -0.33 -18.41 -31.39
N TYR A 471 0.70 -18.02 -32.12
CA TYR A 471 0.73 -16.76 -32.87
C TYR A 471 0.85 -17.09 -34.34
N ALA A 472 -0.29 -17.20 -35.03
CA ALA A 472 -0.28 -17.46 -36.47
C ALA A 472 0.13 -16.22 -37.27
N GLY A 473 -0.26 -15.04 -36.83
CA GLY A 473 0.07 -13.82 -37.51
C GLY A 473 -0.48 -12.59 -36.79
N PRO A 474 -0.10 -11.41 -37.28
CA PRO A 474 -0.56 -10.17 -36.62
C PRO A 474 -2.07 -10.00 -36.77
N ASN A 475 -2.65 -9.36 -35.76
CA ASN A 475 -4.09 -9.07 -35.80
C ASN A 475 -4.35 -8.01 -36.87
N PRO A 476 -5.27 -8.27 -37.81
CA PRO A 476 -5.55 -7.26 -38.85
C PRO A 476 -6.06 -5.95 -38.30
N TYR A 477 -6.71 -5.95 -37.14
CA TYR A 477 -7.26 -4.74 -36.54
C TYR A 477 -6.22 -3.98 -35.71
N ILE A 478 -5.00 -4.48 -35.61
CA ILE A 478 -3.94 -3.86 -34.83
C ILE A 478 -2.81 -3.48 -35.79
N ASP A 479 -2.44 -2.20 -35.78
CA ASP A 479 -1.34 -1.71 -36.60
C ASP A 479 -0.10 -1.66 -35.71
N PHE A 480 0.64 -2.77 -35.67
CA PHE A 480 1.76 -2.88 -34.75
C PHE A 480 2.86 -1.85 -35.07
N GLU A 481 3.08 -1.57 -36.36
CA GLU A 481 4.10 -0.60 -36.72
C GLU A 481 3.74 0.80 -36.21
N LYS A 482 2.47 1.19 -36.31
CA LYS A 482 2.06 2.49 -35.81
C LYS A 482 2.12 2.54 -34.29
N GLU A 483 1.71 1.46 -33.63
CA GLU A 483 1.72 1.42 -32.17
C GLU A 483 3.11 1.18 -31.61
N ARG A 484 4.11 0.93 -32.45
CA ARG A 484 5.48 0.66 -32.02
C ARG A 484 5.54 -0.57 -31.12
N LEU A 485 4.84 -1.62 -31.50
CA LEU A 485 4.81 -2.87 -30.75
C LEU A 485 5.19 -4.03 -31.66
N LYS A 486 5.75 -5.08 -31.05
CA LYS A 486 6.16 -6.26 -31.80
C LYS A 486 5.96 -7.49 -30.91
N VAL A 487 5.36 -8.52 -31.48
CA VAL A 487 5.10 -9.75 -30.74
C VAL A 487 6.35 -10.62 -30.78
N ASN A 488 6.84 -11.01 -29.60
CA ASN A 488 8.02 -11.87 -29.49
C ASN A 488 7.57 -13.33 -29.55
N ASP A 489 7.69 -13.95 -30.73
CA ASP A 489 7.29 -15.33 -30.92
C ASP A 489 8.47 -16.28 -30.96
N THR A 490 9.67 -15.80 -30.69
CA THR A 490 10.87 -16.63 -30.67
C THR A 490 11.69 -16.29 -29.43
N VAL A 491 12.74 -17.07 -29.20
CA VAL A 491 13.66 -16.81 -28.11
C VAL A 491 14.63 -15.72 -28.55
N SER A 492 14.67 -14.63 -27.80
CA SER A 492 15.49 -13.47 -28.16
C SER A 492 16.08 -12.84 -26.92
N ASP A 493 17.13 -12.06 -27.13
CA ASP A 493 17.81 -11.34 -26.05
C ASP A 493 17.06 -10.05 -25.72
N TRP A 494 17.38 -9.50 -24.56
CA TRP A 494 16.81 -8.21 -24.16
C TRP A 494 17.39 -7.11 -25.03
N PRO A 495 16.56 -6.31 -25.70
CA PRO A 495 17.10 -5.21 -26.51
C PRO A 495 17.88 -4.19 -25.70
N ARG A 496 17.46 -3.93 -24.46
CA ARG A 496 18.13 -2.96 -23.58
C ARG A 496 18.27 -1.60 -24.25
N TYR A 497 17.13 -0.98 -24.55
CA TYR A 497 17.13 0.32 -25.20
C TYR A 497 17.78 1.37 -24.32
N SER A 498 17.52 1.34 -23.02
CA SER A 498 18.07 2.29 -22.07
C SER A 498 19.36 1.80 -21.43
N GLY A 499 19.90 0.67 -21.88
CA GLY A 499 21.09 0.09 -21.31
C GLY A 499 20.82 -0.95 -20.25
N LYS A 500 19.60 -1.03 -19.74
CA LYS A 500 19.23 -2.03 -18.75
C LYS A 500 17.86 -2.59 -19.11
N ALA A 501 17.60 -3.80 -18.63
CA ALA A 501 16.35 -4.49 -18.94
C ALA A 501 15.22 -3.91 -18.09
N ILE A 502 14.17 -3.45 -18.76
CA ILE A 502 12.99 -2.89 -18.11
C ILE A 502 11.77 -3.57 -18.70
N ALA A 503 10.87 -4.03 -17.83
CA ALA A 503 9.69 -4.77 -18.26
C ALA A 503 8.47 -4.28 -17.51
N GLY A 504 7.31 -4.46 -18.13
CA GLY A 504 6.05 -4.08 -17.51
C GLY A 504 5.05 -5.23 -17.57
N VAL A 505 4.31 -5.38 -16.48
CA VAL A 505 3.32 -6.46 -16.34
C VAL A 505 1.95 -5.82 -16.17
N SER A 506 1.00 -6.21 -17.02
CA SER A 506 -0.34 -5.67 -17.01
C SER A 506 -1.36 -6.77 -16.73
N GLY A 507 -2.46 -6.38 -16.09
CA GLY A 507 -3.55 -7.30 -15.82
C GLY A 507 -4.84 -6.57 -15.50
N PHE A 508 -5.93 -6.95 -16.15
CA PHE A 508 -7.21 -6.27 -16.00
C PHE A 508 -8.28 -7.29 -15.66
N GLY A 509 -9.05 -7.02 -14.60
CA GLY A 509 -10.18 -7.86 -14.28
C GLY A 509 -11.39 -7.53 -15.15
N PHE A 510 -12.33 -8.47 -15.21
CA PHE A 510 -13.51 -8.28 -16.03
C PHE A 510 -14.49 -7.26 -15.42
N GLY A 511 -14.29 -6.87 -14.17
CA GLY A 511 -15.10 -5.86 -13.53
C GLY A 511 -14.65 -4.43 -13.74
N GLY A 512 -13.51 -4.23 -14.40
CA GLY A 512 -12.99 -2.90 -14.66
C GLY A 512 -11.75 -2.53 -13.88
N ALA A 513 -11.25 -3.40 -13.01
CA ALA A 513 -10.06 -3.09 -12.21
C ALA A 513 -8.81 -3.36 -13.03
N ASN A 514 -7.92 -2.36 -13.09
CA ASN A 514 -6.70 -2.44 -13.87
C ASN A 514 -5.49 -2.30 -12.94
N ALA A 515 -4.39 -2.94 -13.34
CA ALA A 515 -3.15 -2.87 -12.58
C ALA A 515 -1.97 -2.99 -13.54
N HIS A 516 -0.85 -2.40 -13.14
CA HIS A 516 0.38 -2.48 -13.93
C HIS A 516 1.57 -2.39 -12.99
N VAL A 517 2.55 -3.27 -13.20
CA VAL A 517 3.75 -3.33 -12.38
C VAL A 517 4.96 -3.16 -13.28
N VAL A 518 5.88 -2.30 -12.87
CA VAL A 518 7.11 -2.02 -13.62
C VAL A 518 8.27 -2.73 -12.94
N MET A 519 9.03 -3.49 -13.70
CA MET A 519 10.14 -4.28 -13.17
C MET A 519 11.41 -3.99 -13.94
N ARG A 520 12.55 -4.15 -13.28
CA ARG A 520 13.85 -3.95 -13.89
C ARG A 520 14.83 -4.96 -13.31
N GLU A 521 15.90 -5.19 -14.05
CA GLU A 521 16.93 -6.13 -13.61
C GLU A 521 17.78 -5.51 -12.51
N VAL A 522 18.37 -6.37 -11.69
CA VAL A 522 19.27 -5.90 -10.63
C VAL A 522 20.58 -5.44 -11.24
N LEU A 523 21.05 -4.28 -10.80
CA LEU A 523 22.27 -3.66 -11.32
C LEU A 523 23.39 -3.77 -10.29
N ALA A 524 24.60 -3.45 -10.75
CA ALA A 524 25.76 -3.52 -9.87
C ALA A 524 25.70 -2.47 -8.76
N GLY A 525 25.04 -1.34 -9.01
CA GLY A 525 24.93 -0.30 -8.01
C GLY A 525 23.96 -0.62 -6.89
N ASP A 526 23.13 -1.65 -7.04
CA ASP A 526 22.20 -2.04 -5.99
C ASP A 526 22.85 -2.92 -4.93
N LEU A 527 24.05 -3.43 -5.19
CA LEU A 527 24.74 -4.33 -4.27
C LEU A 527 25.88 -3.65 -3.52
N VAL A 528 25.94 -2.31 -3.54
CA VAL A 528 27.00 -1.57 -2.88
C VAL A 528 26.38 -0.56 -1.92
N GLU A 529 27.17 -0.15 -0.94
CA GLU A 529 26.76 0.83 0.08
C GLU A 529 25.51 0.37 0.81
N THR A 588 52.15 -2.10 21.58
CA THR A 588 52.01 -3.25 20.69
C THR A 588 53.15 -3.27 19.67
N GLU A 589 54.38 -3.35 20.18
CA GLU A 589 55.57 -3.40 19.34
C GLU A 589 56.29 -4.73 19.42
N ALA A 590 56.62 -5.19 20.62
CA ALA A 590 57.24 -6.50 20.78
C ALA A 590 56.29 -7.61 20.35
N ALA A 591 55.00 -7.47 20.69
CA ALA A 591 54.02 -8.46 20.29
C ALA A 591 53.84 -8.50 18.78
N GLN A 592 54.12 -7.39 18.09
CA GLN A 592 53.96 -7.37 16.64
C GLN A 592 54.94 -8.34 15.96
N ARG A 593 56.19 -8.37 16.42
CA ARG A 593 57.17 -9.28 15.83
C ARG A 593 56.78 -10.72 16.10
N LEU A 594 56.30 -11.02 17.31
CA LEU A 594 55.84 -12.37 17.63
C LEU A 594 54.66 -12.76 16.74
N LEU A 595 53.72 -11.84 16.53
CA LEU A 595 52.59 -12.13 15.64
C LEU A 595 53.05 -12.41 14.22
N GLU A 596 53.98 -11.58 13.72
CA GLU A 596 54.48 -11.76 12.36
C GLU A 596 55.18 -13.11 12.20
N GLN A 597 56.04 -13.47 13.16
CA GLN A 597 56.75 -14.73 13.05
C GLN A 597 55.82 -15.91 13.23
N ALA A 598 54.79 -15.79 14.09
CA ALA A 598 53.82 -16.87 14.23
C ALA A 598 53.02 -17.07 12.95
N ARG A 599 52.61 -15.97 12.31
CA ARG A 599 51.89 -16.08 11.05
C ARG A 599 52.77 -16.70 9.96
N GLU A 600 54.04 -16.29 9.89
CA GLU A 600 54.94 -16.85 8.91
C GLU A 600 55.26 -18.31 9.15
N GLU A 601 55.36 -18.74 10.41
CA GLU A 601 55.56 -20.15 10.70
C GLU A 601 54.30 -20.96 10.41
N LEU A 602 53.12 -20.40 10.69
CA LEU A 602 51.88 -21.08 10.36
C LEU A 602 51.72 -21.25 8.85
N GLU A 603 52.10 -20.22 8.08
CA GLU A 603 52.03 -20.33 6.63
C GLU A 603 52.97 -21.42 6.11
N ALA A 604 54.15 -21.55 6.71
CA ALA A 604 55.10 -22.56 6.29
C ALA A 604 54.54 -23.97 6.50
N LYS A 605 53.90 -24.20 7.65
CA LYS A 605 53.34 -25.52 7.93
C LYS A 605 52.19 -25.83 6.98
N GLU A 606 51.35 -24.83 6.67
CA GLU A 606 50.25 -25.06 5.74
C GLU A 606 50.75 -25.38 4.34
N ALA A 607 51.84 -24.75 3.92
CA ALA A 607 52.41 -25.06 2.62
C ALA A 607 52.88 -26.51 2.55
N GLU A 608 53.51 -27.00 3.62
CA GLU A 608 53.94 -28.39 3.66
C GLU A 608 52.76 -29.34 3.59
N GLU A 609 51.69 -29.03 4.34
CA GLU A 609 50.50 -29.87 4.35
C GLU A 609 49.28 -29.02 4.65
N PRO A 610 48.40 -28.77 3.67
CA PRO A 610 47.21 -27.96 3.93
C PRO A 610 46.21 -28.73 4.78
N THR A 611 45.71 -28.08 5.82
CA THR A 611 44.72 -28.69 6.71
C THR A 611 43.36 -28.73 6.03
N LYS A 612 42.53 -29.67 6.47
CA LYS A 612 41.18 -29.84 5.93
C LYS A 612 40.18 -29.19 6.87
N GLN A 613 39.40 -28.25 6.36
CA GLN A 613 38.43 -27.53 7.16
C GLN A 613 37.28 -28.44 7.59
N LEU A 614 36.77 -28.18 8.78
CA LEU A 614 35.63 -28.92 9.31
C LEU A 614 34.34 -28.18 8.94
N VAL A 615 33.51 -28.80 8.12
CA VAL A 615 32.28 -28.18 7.61
C VAL A 615 31.11 -28.83 8.34
N PRO A 616 30.40 -28.10 9.21
CA PRO A 616 29.20 -28.66 9.85
C PRO A 616 28.02 -28.67 8.90
N LEU A 617 27.36 -29.82 8.80
CA LEU A 617 26.20 -30.00 7.93
C LEU A 617 24.96 -30.12 8.80
N ALA A 618 24.03 -29.19 8.64
CA ALA A 618 22.83 -29.15 9.46
C ALA A 618 21.67 -29.81 8.73
N VAL A 619 21.10 -30.84 9.35
CA VAL A 619 19.91 -31.51 8.83
C VAL A 619 18.85 -31.48 9.92
N SER A 620 17.65 -31.03 9.59
CA SER A 620 16.61 -30.88 10.58
C SER A 620 15.24 -31.10 9.95
N ALA A 621 14.27 -31.41 10.80
CA ALA A 621 12.89 -31.61 10.39
C ALA A 621 12.00 -31.53 11.62
N PHE A 622 10.69 -31.51 11.40
CA PHE A 622 9.75 -31.46 12.51
C PHE A 622 9.55 -32.83 13.17
N LEU A 623 10.03 -33.89 12.53
CA LEU A 623 10.00 -35.23 13.12
C LEU A 623 11.35 -35.91 12.89
N THR A 624 11.67 -36.84 13.79
CA THR A 624 12.95 -37.55 13.69
C THR A 624 13.00 -38.42 12.43
N SER A 625 11.90 -39.09 12.11
CA SER A 625 11.87 -39.94 10.92
C SER A 625 12.06 -39.12 9.65
N ARG A 626 11.41 -37.96 9.58
CA ARG A 626 11.60 -37.07 8.44
C ARG A 626 13.05 -36.58 8.36
N LYS A 627 13.67 -36.30 9.50
CA LYS A 627 15.07 -35.91 9.51
C LYS A 627 15.96 -37.03 8.97
N ARG A 628 15.69 -38.27 9.37
CA ARG A 628 16.47 -39.40 8.87
C ARG A 628 16.28 -39.57 7.37
N GLN A 629 15.04 -39.44 6.89
CA GLN A 629 14.79 -39.54 5.46
C GLN A 629 15.51 -38.44 4.68
N ALA A 630 15.48 -37.21 5.20
CA ALA A 630 16.19 -36.11 4.55
C ALA A 630 17.69 -36.35 4.55
N ALA A 631 18.23 -36.88 5.65
CA ALA A 631 19.66 -37.20 5.70
C ALA A 631 20.02 -38.27 4.68
N ALA A 632 19.17 -39.30 4.54
CA ALA A 632 19.43 -40.33 3.54
C ALA A 632 19.40 -39.76 2.13
N GLU A 633 18.42 -38.90 1.85
CA GLU A 633 18.34 -38.28 0.52
C GLU A 633 19.54 -37.39 0.25
N LEU A 634 19.99 -36.63 1.26
CA LEU A 634 21.17 -35.80 1.09
C LEU A 634 22.43 -36.65 0.87
N ALA A 635 22.53 -37.78 1.58
CA ALA A 635 23.65 -38.68 1.35
C ALA A 635 23.64 -39.25 -0.06
N ASP A 636 22.45 -39.60 -0.56
CA ASP A 636 22.34 -40.06 -1.94
C ASP A 636 22.75 -38.98 -2.92
N TRP A 637 22.34 -37.74 -2.67
CA TRP A 637 22.67 -36.64 -3.59
C TRP A 637 24.17 -36.34 -3.58
N ILE A 638 24.80 -36.37 -2.41
CA ILE A 638 26.23 -36.03 -2.33
C ILE A 638 27.07 -37.04 -3.10
N ASP A 639 26.72 -38.33 -2.99
CA ASP A 639 27.46 -39.36 -3.72
C ASP A 639 27.29 -39.25 -5.22
N SER A 640 26.26 -38.54 -5.69
CA SER A 640 26.05 -38.37 -7.11
C SER A 640 27.14 -37.49 -7.72
N PRO A 641 27.38 -37.60 -9.03
CA PRO A 641 28.41 -36.76 -9.66
C PRO A 641 28.19 -35.27 -9.47
N GLU A 642 26.94 -34.82 -9.44
CA GLU A 642 26.68 -33.40 -9.18
C GLU A 642 27.13 -32.99 -7.79
N GLY A 643 26.89 -33.85 -6.80
CA GLY A 643 27.36 -33.55 -5.45
C GLY A 643 28.88 -33.53 -5.34
N ARG A 644 29.54 -34.45 -6.06
CA ARG A 644 31.00 -34.49 -6.05
C ARG A 644 31.62 -33.24 -6.65
N ALA A 645 30.93 -32.59 -7.59
CA ALA A 645 31.45 -31.40 -8.25
C ALA A 645 31.23 -30.12 -7.46
N SER A 646 30.56 -30.21 -6.31
CA SER A 646 30.28 -29.04 -5.48
C SER A 646 31.16 -29.07 -4.23
N SER A 647 31.70 -27.92 -3.87
CA SER A 647 32.55 -27.82 -2.69
C SER A 647 31.75 -28.13 -1.43
N LEU A 648 32.41 -28.73 -0.45
CA LEU A 648 31.74 -29.08 0.81
C LEU A 648 31.28 -27.83 1.55
N GLU A 649 31.99 -26.71 1.40
CA GLU A 649 31.57 -25.47 2.04
C GLU A 649 30.25 -24.97 1.45
N SER A 650 30.07 -25.10 0.14
CA SER A 650 28.82 -24.67 -0.48
C SER A 650 27.64 -25.49 0.01
N ILE A 651 27.81 -26.80 0.17
CA ILE A 651 26.75 -27.65 0.68
C ILE A 651 26.36 -27.22 2.10
N GLY A 652 27.37 -26.96 2.94
CA GLY A 652 27.09 -26.49 4.29
C GLY A 652 26.39 -25.14 4.31
N ARG A 653 26.80 -24.21 3.44
CA ARG A 653 26.14 -22.92 3.38
C ARG A 653 24.69 -23.07 2.93
N SER A 654 24.43 -23.95 1.96
CA SER A 654 23.06 -24.19 1.51
C SER A 654 22.23 -24.82 2.62
N LEU A 655 22.80 -25.75 3.38
CA LEU A 655 22.07 -26.38 4.47
C LEU A 655 21.81 -25.43 5.62
N SER A 656 22.72 -24.49 5.88
CA SER A 656 22.56 -23.58 7.01
C SER A 656 21.44 -22.58 6.82
N ARG A 657 20.97 -22.38 5.59
CA ARG A 657 19.91 -21.43 5.30
C ARG A 657 18.56 -22.11 5.10
N ARG A 658 18.48 -23.40 5.40
CA ARG A 658 17.20 -24.12 5.40
C ARG A 658 16.50 -23.93 6.74
N ASN A 659 15.26 -24.42 6.81
CA ASN A 659 14.49 -24.32 8.04
C ASN A 659 15.11 -25.19 9.11
N HIS A 660 15.25 -24.63 10.31
CA HIS A 660 15.78 -25.35 11.47
C HIS A 660 14.60 -25.81 12.30
N GLY A 661 14.26 -27.09 12.19
CA GLY A 661 13.06 -27.63 12.80
C GLY A 661 13.27 -28.04 14.25
N ARG A 662 12.25 -28.70 14.79
CA ARG A 662 12.28 -29.14 16.18
C ARG A 662 13.36 -30.20 16.40
N SER A 663 13.46 -31.16 15.49
CA SER A 663 14.48 -32.20 15.55
C SER A 663 15.65 -31.80 14.67
N ARG A 664 16.84 -31.73 15.25
CA ARG A 664 18.02 -31.23 14.56
C ARG A 664 19.16 -32.22 14.67
N ALA A 665 20.07 -32.15 13.69
CA ALA A 665 21.27 -32.99 13.70
C ALA A 665 22.36 -32.28 12.91
N VAL A 666 23.60 -32.49 13.34
CA VAL A 666 24.77 -31.86 12.72
C VAL A 666 25.80 -32.94 12.44
N VAL A 667 26.33 -32.95 11.22
CA VAL A 667 27.38 -33.88 10.81
C VAL A 667 28.66 -33.09 10.59
N LEU A 668 29.70 -33.44 11.32
CA LEU A 668 31.00 -32.79 11.23
C LEU A 668 31.89 -33.61 10.31
N ALA A 669 32.23 -33.06 9.15
CA ALA A 669 33.00 -33.77 8.14
C ALA A 669 34.08 -32.87 7.56
N HIS A 670 35.13 -33.49 7.04
CA HIS A 670 36.22 -32.79 6.39
C HIS A 670 36.17 -32.91 4.87
N ASP A 671 35.58 -33.97 4.34
CA ASP A 671 35.47 -34.15 2.91
C ASP A 671 34.12 -34.82 2.61
N HIS A 672 33.92 -35.16 1.33
CA HIS A 672 32.65 -35.73 0.92
C HIS A 672 32.42 -37.12 1.52
N ASP A 673 33.48 -37.93 1.60
CA ASP A 673 33.32 -39.30 2.08
C ASP A 673 32.89 -39.33 3.55
N GLU A 674 33.51 -38.50 4.39
CA GLU A 674 33.11 -38.44 5.79
C GLU A 674 31.67 -37.95 5.94
N ALA A 675 31.28 -36.96 5.13
CA ALA A 675 29.90 -36.48 5.17
C ALA A 675 28.92 -37.58 4.78
N ILE A 676 29.26 -38.35 3.73
CA ILE A 676 28.38 -39.43 3.30
C ILE A 676 28.26 -40.48 4.39
N LYS A 677 29.38 -40.85 5.01
CA LYS A 677 29.35 -41.84 6.08
C LYS A 677 28.52 -41.35 7.26
N GLY A 678 28.70 -40.08 7.65
CA GLY A 678 27.91 -39.54 8.74
C GLY A 678 26.43 -39.48 8.43
N LEU A 679 26.06 -39.11 7.21
CA LEU A 679 24.65 -39.07 6.84
C LEU A 679 24.05 -40.48 6.80
N ARG A 680 24.83 -41.47 6.32
CA ARG A 680 24.35 -42.84 6.35
C ARG A 680 24.12 -43.32 7.78
N ALA A 681 25.05 -42.98 8.69
CA ALA A 681 24.87 -43.33 10.09
C ALA A 681 23.64 -42.64 10.68
N LEU A 682 23.44 -41.37 10.33
CA LEU A 682 22.28 -40.63 10.82
C LEU A 682 20.97 -41.17 10.26
N ALA A 683 21.02 -41.81 9.09
CA ALA A 683 19.80 -42.36 8.49
C ALA A 683 19.18 -43.42 9.40
N GLU A 684 20.00 -44.27 9.99
CA GLU A 684 19.56 -45.22 11.00
C GLU A 684 19.78 -44.63 12.39
N GLY A 685 19.54 -45.43 13.42
CA GLY A 685 19.72 -44.98 14.78
C GLY A 685 21.12 -45.22 15.31
N LYS A 686 22.04 -45.56 14.40
CA LYS A 686 23.40 -45.88 14.78
C LYS A 686 24.13 -44.63 15.27
N GLN A 687 24.80 -44.75 16.43
CA GLN A 687 25.60 -43.66 16.95
C GLN A 687 26.90 -43.53 16.15
N HIS A 688 27.35 -42.29 15.99
CA HIS A 688 28.58 -42.02 15.26
C HIS A 688 29.29 -40.86 15.93
N PRO A 689 30.61 -40.94 16.12
CA PRO A 689 31.35 -39.84 16.77
C PRO A 689 31.30 -38.54 15.98
N SER A 690 31.05 -38.58 14.68
CA SER A 690 31.02 -37.39 13.85
C SER A 690 29.61 -36.84 13.68
N VAL A 691 28.62 -37.41 14.35
CA VAL A 691 27.23 -37.01 14.21
C VAL A 691 26.69 -36.60 15.57
N LEU A 692 26.13 -35.40 15.65
CA LEU A 692 25.44 -34.91 16.83
C LEU A 692 23.96 -34.80 16.53
N SER A 693 23.13 -35.41 17.36
CA SER A 693 21.70 -35.45 17.09
C SER A 693 20.90 -35.40 18.39
N ALA A 694 19.67 -34.93 18.29
CA ALA A 694 18.73 -34.91 19.39
C ALA A 694 17.32 -34.89 18.83
N ASP A 695 16.39 -35.51 19.55
CA ASP A 695 15.01 -35.61 19.09
C ASP A 695 14.19 -34.36 19.36
N GLY A 696 14.66 -33.45 20.21
CA GLY A 696 13.93 -32.24 20.50
C GLY A 696 14.73 -31.26 21.35
N PRO A 697 14.23 -30.04 21.46
CA PRO A 697 14.93 -29.03 22.26
C PRO A 697 14.74 -29.27 23.75
N VAL A 698 15.63 -28.67 24.54
CA VAL A 698 15.58 -28.75 25.99
C VAL A 698 14.64 -27.67 26.51
N THR A 699 14.20 -27.81 27.77
CA THR A 699 13.20 -26.88 28.30
C THR A 699 13.78 -25.49 28.53
N ASN A 700 14.96 -25.40 29.15
CA ASN A 700 15.54 -24.13 29.54
C ASN A 700 16.84 -23.89 28.78
N GLY A 701 17.32 -22.64 28.86
CA GLY A 701 18.52 -22.26 28.17
C GLY A 701 19.77 -22.77 28.88
N PRO A 702 20.93 -22.46 28.30
CA PRO A 702 22.19 -22.95 28.87
C PRO A 702 22.73 -22.04 29.96
N VAL A 703 23.64 -22.60 30.75
CA VAL A 703 24.30 -21.89 31.84
C VAL A 703 25.79 -21.87 31.55
N TRP A 704 26.38 -20.67 31.56
CA TRP A 704 27.79 -20.50 31.28
C TRP A 704 28.57 -20.59 32.58
N VAL A 705 29.56 -21.48 32.63
CA VAL A 705 30.38 -21.71 33.81
C VAL A 705 31.72 -21.01 33.59
N LEU A 706 32.02 -20.02 34.42
CA LEU A 706 33.27 -19.26 34.30
C LEU A 706 34.30 -19.84 35.28
N ALA A 707 34.81 -21.00 34.91
CA ALA A 707 35.85 -21.69 35.66
C ALA A 707 37.22 -21.27 35.09
N GLY A 708 38.27 -22.00 35.44
CA GLY A 708 39.57 -21.70 34.87
C GLY A 708 40.77 -21.93 35.77
N PHE A 709 40.55 -22.22 37.05
CA PHE A 709 41.67 -22.52 37.93
C PHE A 709 42.35 -23.81 37.49
N GLY A 710 43.68 -23.74 37.36
CA GLY A 710 44.43 -24.90 36.91
C GLY A 710 44.09 -25.38 35.52
N ALA A 711 43.75 -24.45 34.61
CA ALA A 711 43.38 -24.80 33.24
C ALA A 711 44.33 -24.22 32.21
N GLN A 712 45.53 -23.83 32.64
CA GLN A 712 46.50 -23.21 31.75
C GLN A 712 47.46 -24.24 31.17
N HIS A 713 47.96 -23.96 29.98
CA HIS A 713 48.98 -24.78 29.34
C HIS A 713 49.86 -23.88 28.49
N ARG A 714 50.78 -24.50 27.73
CA ARG A 714 51.84 -23.74 27.07
C ARG A 714 51.28 -22.80 26.00
N LYS A 715 50.43 -23.31 25.13
CA LYS A 715 49.98 -22.53 23.97
C LYS A 715 48.46 -22.34 23.95
N MET A 716 47.87 -21.98 25.08
CA MET A 716 46.43 -21.76 25.13
C MET A 716 46.06 -20.49 24.38
N GLY A 717 45.12 -20.62 23.45
CA GLY A 717 44.57 -19.48 22.73
C GLY A 717 45.43 -18.98 21.58
N LYS A 718 46.59 -19.57 21.33
CA LYS A 718 47.44 -19.09 20.25
C LYS A 718 46.87 -19.47 18.89
N SER A 719 46.41 -20.71 18.74
CA SER A 719 45.90 -21.17 17.44
C SER A 719 44.63 -20.43 17.05
N LEU A 720 43.73 -20.21 18.02
CA LEU A 720 42.47 -19.54 17.70
C LEU A 720 42.68 -18.05 17.44
N TYR A 721 43.70 -17.45 18.05
CA TYR A 721 43.99 -16.04 17.82
C TYR A 721 44.38 -15.80 16.37
N LEU A 722 45.18 -16.69 15.79
CA LEU A 722 45.65 -16.50 14.42
C LEU A 722 44.57 -16.82 13.39
N ARG A 723 43.65 -17.74 13.70
CA ARG A 723 42.70 -18.25 12.74
C ARG A 723 41.29 -17.71 12.95
N ASN A 724 41.11 -16.76 13.86
CA ASN A 724 39.81 -16.14 14.10
C ASN A 724 40.00 -14.64 14.30
N GLU A 725 39.08 -13.85 13.75
CA GLU A 725 39.24 -12.40 13.79
C GLU A 725 38.52 -11.77 14.98
N VAL A 726 37.33 -12.27 15.33
CA VAL A 726 36.62 -11.75 16.49
C VAL A 726 37.38 -12.09 17.76
N PHE A 727 37.87 -13.32 17.87
CA PHE A 727 38.66 -13.72 19.02
C PHE A 727 39.91 -12.84 19.15
N ALA A 728 40.60 -12.60 18.03
CA ALA A 728 41.79 -11.75 18.06
C ALA A 728 41.45 -10.32 18.45
N GLU A 729 40.33 -9.80 17.94
CA GLU A 729 39.92 -8.44 18.26
C GLU A 729 39.65 -8.29 19.75
N TRP A 730 38.90 -9.23 20.34
CA TRP A 730 38.62 -9.13 21.77
C TRP A 730 39.86 -9.39 22.62
N ILE A 731 40.76 -10.27 22.18
CA ILE A 731 42.01 -10.46 22.90
C ILE A 731 42.83 -9.17 22.88
N ASN A 732 42.89 -8.49 21.73
CA ASN A 732 43.61 -7.22 21.66
C ASN A 732 42.96 -6.16 22.53
N LYS A 733 41.63 -6.14 22.58
CA LYS A 733 40.94 -5.18 23.44
C LYS A 733 41.27 -5.41 24.91
N VAL A 734 41.21 -6.66 25.36
CA VAL A 734 41.54 -6.97 26.75
C VAL A 734 43.02 -6.69 27.02
N ASP A 735 43.89 -6.96 26.05
CA ASP A 735 45.31 -6.67 26.21
C ASP A 735 45.55 -5.17 26.36
N ALA A 736 44.84 -4.35 25.57
CA ALA A 736 44.96 -2.90 25.71
C ALA A 736 44.46 -2.44 27.07
N LEU A 737 43.35 -3.02 27.54
CA LEU A 737 42.85 -2.66 28.88
C LEU A 737 43.87 -3.02 29.96
N ILE A 738 44.50 -4.19 29.85
CA ILE A 738 45.47 -4.61 30.85
C ILE A 738 46.73 -3.75 30.77
N GLN A 739 47.14 -3.37 29.56
CA GLN A 739 48.26 -2.45 29.41
C GLN A 739 47.96 -1.10 30.06
N ASP A 740 46.72 -0.61 29.92
CA ASP A 740 46.33 0.61 30.61
C ASP A 740 46.38 0.40 32.12
N GLU A 741 45.97 -0.77 32.60
CA GLU A 741 45.94 -1.03 34.04
C GLU A 741 47.30 -1.47 34.57
N ARG A 742 47.83 -2.59 34.07
CA ARG A 742 49.02 -3.19 34.63
C ARG A 742 50.32 -2.77 33.94
N GLY A 743 50.24 -2.05 32.83
CA GLY A 743 51.43 -1.54 32.19
C GLY A 743 52.27 -2.57 31.45
N TYR A 744 51.68 -3.71 31.09
CA TYR A 744 52.38 -4.68 30.25
C TYR A 744 51.36 -5.44 29.42
N SER A 745 51.85 -6.05 28.35
CA SER A 745 51.00 -6.70 27.36
C SER A 745 50.95 -8.20 27.62
N ILE A 746 49.73 -8.74 27.76
CA ILE A 746 49.56 -10.18 27.86
C ILE A 746 49.61 -10.85 26.50
N LEU A 747 49.43 -10.11 25.41
CA LEU A 747 49.48 -10.70 24.08
C LEU A 747 50.87 -11.24 23.78
N GLU A 748 51.91 -10.61 24.32
CA GLU A 748 53.27 -11.13 24.15
C GLU A 748 53.42 -12.51 24.77
N LEU A 749 52.83 -12.72 25.94
CA LEU A 749 52.88 -14.03 26.58
C LEU A 749 52.11 -15.07 25.75
N ILE A 750 50.96 -14.69 25.22
CA ILE A 750 50.14 -15.62 24.44
C ILE A 750 50.85 -16.02 23.16
N LEU A 751 51.42 -15.04 22.45
CA LEU A 751 52.08 -15.33 21.18
C LEU A 751 53.41 -16.02 21.36
N ASP A 752 54.03 -15.92 22.53
CA ASP A 752 55.30 -16.58 22.78
C ASP A 752 55.09 -18.09 22.88
N ASP A 753 56.06 -18.85 22.37
CA ASP A 753 55.92 -20.30 22.32
C ASP A 753 56.51 -20.98 23.55
N ASN A 754 57.64 -20.49 24.04
CA ASN A 754 58.37 -21.15 25.13
C ASN A 754 58.00 -20.58 26.50
N VAL A 755 56.78 -20.10 26.67
CA VAL A 755 56.29 -19.63 27.96
C VAL A 755 55.38 -20.70 28.55
N ASP A 756 55.82 -21.29 29.65
CA ASP A 756 55.08 -22.36 30.32
C ASP A 756 54.15 -21.85 31.42
N TYR A 757 54.07 -20.53 31.61
CA TYR A 757 53.27 -19.93 32.67
C TYR A 757 53.64 -20.49 34.04
N THR A 758 54.95 -20.66 34.26
CA THR A 758 55.49 -21.18 35.50
C THR A 758 56.51 -20.20 36.07
N ASP A 759 57.18 -20.61 37.15
CA ASP A 759 58.15 -19.74 37.80
C ASP A 759 59.41 -19.54 36.95
N ALA A 760 59.75 -20.50 36.09
CA ALA A 760 60.98 -20.43 35.31
C ALA A 760 60.83 -19.63 34.03
N THR A 761 59.61 -19.23 33.65
CA THR A 761 59.39 -18.50 32.42
C THR A 761 58.63 -17.19 32.59
N CYS A 762 58.04 -16.94 33.75
CA CYS A 762 57.26 -15.73 33.98
C CYS A 762 57.75 -15.03 35.24
N GLU A 763 57.84 -13.69 35.16
CA GLU A 763 58.25 -12.91 36.33
C GLU A 763 57.16 -12.92 37.40
N TYR A 764 55.89 -12.89 36.99
CA TYR A 764 54.74 -12.89 37.90
C TYR A 764 53.83 -14.04 37.48
N PRO A 765 54.20 -15.28 37.77
CA PRO A 765 53.42 -16.42 37.27
C PRO A 765 51.98 -16.45 37.76
N ILE A 766 51.74 -15.98 39.00
CA ILE A 766 50.38 -16.03 39.54
C ILE A 766 49.47 -15.05 38.81
N GLU A 767 49.95 -13.82 38.59
CA GLU A 767 49.11 -12.77 38.01
C GLU A 767 48.85 -13.03 36.52
N VAL A 768 49.91 -13.38 35.77
CA VAL A 768 49.77 -13.49 34.33
C VAL A 768 48.84 -14.63 33.94
N VAL A 769 48.86 -15.73 34.68
CA VAL A 769 47.96 -16.85 34.37
C VAL A 769 46.51 -16.40 34.50
N GLN A 770 46.18 -15.73 35.61
CA GLN A 770 44.82 -15.25 35.80
C GLN A 770 44.42 -14.24 34.74
N LEU A 771 45.31 -13.31 34.40
CA LEU A 771 44.97 -12.31 33.38
C LEU A 771 44.73 -12.95 32.02
N VAL A 772 45.59 -13.90 31.63
CA VAL A 772 45.42 -14.55 30.33
C VAL A 772 44.15 -15.39 30.30
N ILE A 773 43.86 -16.09 31.41
CA ILE A 773 42.64 -16.89 31.47
C ILE A 773 41.40 -16.01 31.38
N PHE A 774 41.42 -14.86 32.08
CA PHE A 774 40.30 -13.93 31.99
C PHE A 774 40.13 -13.41 30.57
N ALA A 775 41.23 -13.06 29.90
CA ALA A 775 41.15 -12.59 28.53
C ALA A 775 40.59 -13.66 27.60
N ILE A 776 41.03 -14.91 27.78
CA ILE A 776 40.55 -16.00 26.94
C ILE A 776 39.05 -16.23 27.17
N GLN A 777 38.61 -16.17 28.44
CA GLN A 777 37.19 -16.34 28.73
C GLN A 777 36.36 -15.24 28.09
N ILE A 778 36.81 -13.99 28.20
CA ILE A 778 36.08 -12.88 27.60
C ILE A 778 36.01 -13.04 26.08
N ALA A 779 37.13 -13.39 25.47
CA ALA A 779 37.17 -13.54 24.01
C ALA A 779 36.26 -14.68 23.55
N LEU A 780 36.28 -15.81 24.27
CA LEU A 780 35.42 -16.93 23.89
C LEU A 780 33.94 -16.58 24.05
N GLY A 781 33.58 -15.90 25.15
CA GLY A 781 32.21 -15.49 25.32
C GLY A 781 31.74 -14.52 24.25
N GLU A 782 32.59 -13.56 23.88
CA GLU A 782 32.21 -12.63 22.81
C GLU A 782 32.15 -13.31 21.46
N LEU A 783 33.02 -14.29 21.21
CA LEU A 783 32.95 -15.06 19.97
C LEU A 783 31.65 -15.85 19.90
N LEU A 784 31.24 -16.44 21.02
CA LEU A 784 29.95 -17.13 21.05
C LEU A 784 28.79 -16.17 20.83
N ARG A 785 28.86 -14.98 21.44
CA ARG A 785 27.84 -13.97 21.21
C ARG A 785 27.81 -13.51 19.75
N HIS A 786 28.94 -13.58 19.06
CA HIS A 786 28.99 -13.17 17.66
C HIS A 786 28.10 -14.06 16.78
N HIS A 787 27.99 -15.34 17.12
CA HIS A 787 27.20 -16.28 16.34
C HIS A 787 25.76 -16.39 16.83
N GLY A 788 25.35 -15.56 17.77
CA GLY A 788 23.99 -15.54 18.26
C GLY A 788 23.75 -16.25 19.57
N ALA A 789 24.78 -16.82 20.18
CA ALA A 789 24.62 -17.50 21.45
C ALA A 789 24.52 -16.49 22.59
N LYS A 790 23.66 -16.79 23.55
CA LYS A 790 23.47 -15.94 24.72
C LYS A 790 23.17 -16.83 25.91
N PRO A 791 23.72 -16.54 27.08
CA PRO A 791 23.48 -17.38 28.26
C PRO A 791 22.15 -17.06 28.92
N ALA A 792 21.44 -18.12 29.33
CA ALA A 792 20.24 -17.94 30.14
C ALA A 792 20.59 -17.62 31.58
N ALA A 793 21.67 -18.20 32.10
CA ALA A 793 22.15 -17.92 33.44
C ALA A 793 23.66 -18.06 33.47
N VAL A 794 24.29 -17.39 34.43
CA VAL A 794 25.74 -17.35 34.54
C VAL A 794 26.14 -17.72 35.95
N VAL A 795 27.09 -18.66 36.07
CA VAL A 795 27.66 -19.04 37.35
C VAL A 795 29.17 -18.99 37.23
N GLY A 796 29.84 -18.37 38.20
CA GLY A 796 31.28 -18.19 38.17
C GLY A 796 31.99 -18.93 39.29
N GLN A 797 33.31 -18.91 39.22
CA GLN A 797 34.14 -19.55 40.23
C GLN A 797 35.16 -18.55 40.77
N SER A 798 36.16 -19.03 41.52
CA SER A 798 37.06 -18.18 42.29
C SER A 798 37.68 -17.07 41.46
N LEU A 799 38.25 -17.40 40.31
CA LEU A 799 38.86 -16.38 39.46
C LEU A 799 37.97 -15.94 38.31
N GLY A 800 36.90 -16.67 38.02
CA GLY A 800 35.99 -16.35 36.94
C GLY A 800 34.87 -15.41 37.30
N GLU A 801 34.88 -14.84 38.51
CA GLU A 801 33.79 -13.96 38.93
C GLU A 801 33.74 -12.68 38.11
N ALA A 802 34.90 -12.14 37.72
CA ALA A 802 34.91 -10.94 36.89
C ALA A 802 34.25 -11.20 35.54
N ALA A 803 34.59 -12.31 34.90
CA ALA A 803 33.96 -12.67 33.63
C ALA A 803 32.47 -12.93 33.82
N ALA A 804 32.09 -13.60 34.91
CA ALA A 804 30.68 -13.84 35.17
C ALA A 804 29.91 -12.53 35.33
N SER A 805 30.49 -11.58 36.05
CA SER A 805 29.85 -10.29 36.23
C SER A 805 29.74 -9.54 34.90
N TYR A 806 30.79 -9.59 34.08
CA TYR A 806 30.72 -8.93 32.78
C TYR A 806 29.65 -9.53 31.89
N PHE A 807 29.55 -10.86 31.85
CA PHE A 807 28.56 -11.50 31.00
C PHE A 807 27.15 -11.40 31.57
N ALA A 808 27.02 -11.16 32.88
CA ALA A 808 25.71 -11.00 33.49
C ALA A 808 25.21 -9.56 33.44
N GLY A 809 26.02 -8.62 32.95
CA GLY A 809 25.64 -7.23 32.88
C GLY A 809 25.87 -6.43 34.14
N GLY A 810 26.42 -7.05 35.19
CA GLY A 810 26.66 -6.31 36.43
C GLY A 810 27.71 -5.23 36.27
N LEU A 811 28.79 -5.53 35.56
CA LEU A 811 29.88 -4.59 35.35
C LEU A 811 30.24 -4.52 33.87
N SER A 812 30.87 -3.42 33.49
CA SER A 812 31.37 -3.25 32.13
C SER A 812 32.70 -3.99 31.98
N LEU A 813 33.21 -4.01 30.75
CA LEU A 813 34.47 -4.70 30.48
C LEU A 813 35.62 -4.05 31.24
N ALA A 814 35.66 -2.72 31.26
CA ALA A 814 36.75 -2.02 31.94
C ALA A 814 36.73 -2.29 33.45
N ASP A 815 35.53 -2.26 34.06
CA ASP A 815 35.44 -2.50 35.50
C ASP A 815 35.87 -3.92 35.86
N ALA A 816 35.41 -4.91 35.09
CA ALA A 816 35.81 -6.29 35.35
C ALA A 816 37.30 -6.49 35.13
N THR A 817 37.85 -5.86 34.09
CA THR A 817 39.29 -5.95 33.86
C THR A 817 40.08 -5.35 35.01
N ARG A 818 39.66 -4.18 35.49
CA ARG A 818 40.34 -3.57 36.63
C ARG A 818 40.22 -4.44 37.87
N THR A 819 39.05 -5.04 38.11
CA THR A 819 38.87 -5.90 39.26
C THR A 819 39.81 -7.11 39.20
N ILE A 820 39.85 -7.79 38.05
CA ILE A 820 40.67 -8.99 37.95
C ILE A 820 42.16 -8.64 38.00
N CYS A 821 42.55 -7.51 37.39
CA CYS A 821 43.94 -7.10 37.46
C CYS A 821 44.35 -6.78 38.90
N SER A 822 43.49 -6.06 39.63
CA SER A 822 43.80 -5.74 41.02
C SER A 822 43.91 -7.01 41.85
N ARG A 823 42.95 -7.94 41.69
CA ARG A 823 42.99 -9.18 42.44
C ARG A 823 44.27 -9.97 42.15
N SER A 824 44.59 -10.15 40.86
CA SER A 824 45.76 -10.94 40.49
C SER A 824 47.05 -10.29 40.98
N HIS A 825 47.16 -8.97 40.83
CA HIS A 825 48.39 -8.30 41.24
C HIS A 825 48.55 -8.30 42.76
N LEU A 826 47.46 -8.14 43.51
CA LEU A 826 47.56 -8.22 44.97
C LEU A 826 47.93 -9.62 45.41
N MET A 827 47.34 -10.65 44.79
CA MET A 827 47.70 -12.02 45.13
C MET A 827 49.16 -12.31 44.81
N GLY A 828 49.65 -11.82 43.68
CA GLY A 828 51.04 -12.04 43.32
C GLY A 828 52.00 -11.32 44.25
N GLU A 829 51.71 -10.06 44.60
CA GLU A 829 52.60 -9.31 45.47
C GLU A 829 52.58 -9.85 46.89
N GLY A 830 51.41 -10.19 47.41
CA GLY A 830 51.32 -10.65 48.79
C GLY A 830 52.04 -11.97 49.02
N GLU A 831 52.02 -12.86 48.02
CA GLU A 831 52.67 -14.15 48.16
C GLU A 831 54.19 -14.01 48.26
N ALA A 832 54.75 -12.94 47.66
CA ALA A 832 56.20 -12.78 47.67
C ALA A 832 56.74 -12.60 49.09
N MET A 833 56.06 -11.79 49.90
CA MET A 833 56.53 -11.57 51.27
C MET A 833 56.25 -12.76 52.17
N LEU A 834 55.24 -13.56 51.85
CA LEU A 834 54.87 -14.72 52.66
C LEU A 834 55.66 -15.92 52.17
N PHE A 835 56.68 -16.32 52.92
CA PHE A 835 57.51 -17.48 52.59
C PHE A 835 58.08 -18.06 53.88
N GLY A 836 58.73 -19.20 53.74
CA GLY A 836 59.33 -19.89 54.90
C GLY A 836 58.33 -20.82 55.57
N GLU A 837 57.88 -20.43 56.76
CA GLU A 837 56.93 -21.22 57.53
C GLU A 837 55.52 -20.63 57.55
N TYR A 838 55.33 -19.42 57.01
CA TYR A 838 54.02 -18.79 57.00
C TYR A 838 53.21 -19.11 55.76
N ILE A 839 53.71 -19.96 54.86
CA ILE A 839 53.00 -20.29 53.64
C ILE A 839 51.77 -21.13 53.97
N ARG A 840 50.75 -21.04 53.12
CA ARG A 840 49.54 -21.82 53.25
C ARG A 840 49.38 -22.68 52.00
N LEU A 841 49.09 -23.96 52.20
CA LEU A 841 48.93 -24.91 51.11
C LEU A 841 47.47 -25.36 51.02
N MET A 842 46.99 -25.47 49.78
CA MET A 842 45.62 -25.89 49.50
C MET A 842 45.61 -27.34 49.06
N ALA A 843 44.60 -28.09 49.51
CA ALA A 843 44.49 -29.51 49.21
C ALA A 843 43.04 -29.87 48.95
N LEU A 844 42.85 -30.96 48.22
CA LEU A 844 41.53 -31.49 47.88
C LEU A 844 41.25 -32.73 48.71
N VAL A 845 40.07 -32.79 49.31
CA VAL A 845 39.65 -33.91 50.14
C VAL A 845 38.30 -34.41 49.65
N GLU A 846 37.89 -35.57 50.17
CA GLU A 846 36.63 -36.21 49.82
C GLU A 846 35.58 -36.03 50.92
N TYR A 847 35.57 -34.85 51.55
CA TYR A 847 34.63 -34.54 52.61
C TYR A 847 33.57 -33.58 52.09
N SER A 848 32.31 -33.84 52.45
CA SER A 848 31.20 -33.01 51.99
C SER A 848 31.13 -31.72 52.82
N ALA A 849 30.08 -30.94 52.56
CA ALA A 849 29.93 -29.66 53.26
C ALA A 849 29.69 -29.87 54.75
N ASP A 850 28.84 -30.84 55.11
CA ASP A 850 28.54 -31.09 56.51
C ASP A 850 29.44 -32.13 57.15
N GLU A 851 29.92 -33.10 56.38
CA GLU A 851 30.81 -34.12 56.93
C GLU A 851 32.16 -33.54 57.30
N ILE A 852 32.55 -32.42 56.68
CA ILE A 852 33.82 -31.79 57.00
C ILE A 852 33.76 -30.99 58.30
N LYS A 853 32.55 -30.75 58.84
CA LYS A 853 32.44 -30.07 60.12
C LYS A 853 33.04 -30.91 61.24
N THR A 854 32.81 -32.22 61.23
CA THR A 854 33.30 -33.08 62.30
C THR A 854 34.82 -33.15 62.31
N VAL A 855 35.44 -33.29 61.13
CA VAL A 855 36.89 -33.39 61.07
C VAL A 855 37.55 -32.07 61.45
N PHE A 856 36.90 -30.94 61.14
CA PHE A 856 37.46 -29.64 61.46
C PHE A 856 37.54 -29.37 62.97
N SER A 857 36.86 -30.18 63.79
CA SER A 857 36.99 -30.02 65.23
C SER A 857 38.40 -30.30 65.71
N ASP A 858 39.15 -31.13 64.99
CA ASP A 858 40.55 -31.41 65.32
C ASP A 858 41.51 -30.42 64.69
N TYR A 859 41.04 -29.54 63.80
CA TYR A 859 41.91 -28.60 63.13
C TYR A 859 41.30 -27.20 63.18
N PRO A 860 41.77 -26.32 64.06
CA PRO A 860 41.15 -25.00 64.19
C PRO A 860 41.57 -24.03 63.09
N ASP A 861 42.80 -24.13 62.62
CA ASP A 861 43.33 -23.18 61.65
C ASP A 861 42.95 -23.51 60.21
N LEU A 862 42.47 -24.71 59.93
CA LEU A 862 42.11 -25.09 58.58
C LEU A 862 40.82 -24.38 58.15
N GLU A 863 40.80 -23.93 56.91
CA GLU A 863 39.64 -23.25 56.34
C GLU A 863 39.24 -23.93 55.03
N VAL A 864 37.98 -23.73 54.66
CA VAL A 864 37.42 -24.30 53.43
C VAL A 864 37.54 -23.26 52.32
N CYS A 865 38.07 -23.68 51.18
CA CYS A 865 38.26 -22.78 50.04
C CYS A 865 37.09 -22.80 49.07
N VAL A 866 36.70 -23.97 48.57
CA VAL A 866 35.60 -24.07 47.62
C VAL A 866 35.03 -25.48 47.64
N TYR A 867 33.70 -25.59 47.62
CA TYR A 867 33.02 -26.88 47.54
C TYR A 867 32.85 -27.21 46.06
N ALA A 868 33.88 -27.84 45.49
CA ALA A 868 33.86 -28.16 44.06
C ALA A 868 32.76 -29.16 43.72
N ALA A 869 32.60 -30.19 44.55
CA ALA A 869 31.68 -31.28 44.32
C ALA A 869 30.91 -31.58 45.59
N PRO A 870 29.75 -32.24 45.49
CA PRO A 870 29.04 -32.66 46.71
C PRO A 870 29.87 -33.58 47.59
N THR A 871 30.76 -34.38 47.01
CA THR A 871 31.60 -35.31 47.77
C THR A 871 33.06 -34.88 47.80
N GLN A 872 33.38 -33.67 47.34
CA GLN A 872 34.75 -33.18 47.33
C GLN A 872 34.79 -31.76 47.86
N THR A 873 35.91 -31.41 48.50
CA THR A 873 36.08 -30.08 49.06
C THR A 873 37.55 -29.70 49.00
N VAL A 874 37.81 -28.43 48.73
CA VAL A 874 39.17 -27.88 48.70
C VAL A 874 39.38 -27.06 49.96
N ILE A 875 40.45 -27.36 50.70
CA ILE A 875 40.74 -26.71 51.96
C ILE A 875 42.18 -26.21 51.93
N GLY A 876 42.45 -25.21 52.77
CA GLY A 876 43.78 -24.61 52.84
C GLY A 876 44.18 -24.22 54.25
N GLY A 877 45.46 -24.40 54.57
CA GLY A 877 45.97 -24.07 55.88
C GLY A 877 47.46 -24.27 55.98
N PRO A 878 47.98 -24.29 57.21
CA PRO A 878 49.42 -24.53 57.41
C PRO A 878 49.84 -25.89 56.87
N PRO A 879 51.03 -25.98 56.28
CA PRO A 879 51.45 -27.27 55.70
C PRO A 879 51.51 -28.40 56.70
N ASP A 880 51.90 -28.12 57.94
CA ASP A 880 51.94 -29.17 58.97
C ASP A 880 50.53 -29.57 59.38
N GLN A 881 49.55 -28.69 59.18
CA GLN A 881 48.17 -29.01 59.49
C GLN A 881 47.39 -29.55 58.28
N VAL A 882 47.91 -29.32 57.07
CA VAL A 882 47.21 -29.82 55.88
C VAL A 882 47.51 -31.30 55.65
N ASP A 883 48.77 -31.70 55.76
CA ASP A 883 49.11 -33.10 55.56
C ASP A 883 48.54 -33.98 56.67
N ALA A 884 48.25 -33.39 57.83
CA ALA A 884 47.68 -34.16 58.94
C ALA A 884 46.28 -34.66 58.60
N ILE A 885 45.41 -33.77 58.11
CA ILE A 885 44.06 -34.19 57.74
C ILE A 885 44.10 -35.08 56.49
N ILE A 886 45.07 -34.85 55.62
CA ILE A 886 45.25 -35.72 54.46
C ILE A 886 45.60 -37.14 54.91
N ALA A 887 46.52 -37.26 55.88
CA ALA A 887 46.85 -38.57 56.41
C ALA A 887 45.65 -39.22 57.08
N ARG A 888 44.85 -38.42 57.80
CA ARG A 888 43.62 -38.94 58.39
C ARG A 888 42.65 -39.42 57.32
N ALA A 889 42.54 -38.68 56.21
CA ALA A 889 41.66 -39.08 55.12
C ALA A 889 42.15 -40.35 54.44
N GLU A 890 43.48 -40.55 54.38
CA GLU A 890 44.02 -41.74 53.75
C GLU A 890 43.73 -43.01 54.55
N SER A 891 43.33 -42.87 55.82
CA SER A 891 42.99 -44.05 56.62
C SER A 891 41.76 -44.77 56.06
N GLU A 892 40.79 -44.02 55.52
CA GLU A 892 39.60 -44.59 54.92
C GLU A 892 39.78 -44.89 53.44
N GLY A 893 40.98 -44.69 52.90
CA GLY A 893 41.22 -44.91 51.48
C GLY A 893 40.51 -43.94 50.57
N LYS A 894 40.45 -42.66 50.95
CA LYS A 894 39.81 -41.64 50.13
C LYS A 894 40.85 -41.03 49.18
N PHE A 895 40.45 -40.00 48.45
CA PHE A 895 41.32 -39.31 47.50
C PHE A 895 41.75 -37.98 48.08
N ALA A 896 43.06 -37.74 48.09
CA ALA A 896 43.60 -36.50 48.63
C ALA A 896 44.86 -36.12 47.87
N ARG A 897 44.95 -34.86 47.45
CA ARG A 897 46.11 -34.37 46.73
C ARG A 897 46.41 -32.95 47.20
N LYS A 898 47.69 -32.56 47.07
CA LYS A 898 48.14 -31.22 47.44
C LYS A 898 48.34 -30.40 46.19
N PHE A 899 47.75 -29.21 46.16
CA PHE A 899 47.94 -28.29 45.04
C PHE A 899 49.37 -27.78 45.01
N GLN A 900 49.91 -27.61 43.81
CA GLN A 900 51.27 -27.13 43.62
C GLN A 900 51.35 -25.62 43.42
N THR A 901 50.25 -24.91 43.60
CA THR A 901 50.21 -23.47 43.44
C THR A 901 50.18 -22.81 44.82
N LYS A 902 51.05 -21.82 45.02
CA LYS A 902 51.15 -21.11 46.29
C LYS A 902 50.21 -19.92 46.38
N GLY A 903 49.17 -19.87 45.55
CA GLY A 903 48.25 -18.74 45.59
C GLY A 903 47.56 -18.62 46.95
N ALA A 904 47.01 -19.72 47.45
CA ALA A 904 46.37 -19.79 48.76
C ALA A 904 45.32 -18.69 48.93
N SER A 905 44.29 -18.77 48.09
CA SER A 905 43.22 -17.79 48.13
C SER A 905 42.09 -18.27 49.04
N HIS A 906 41.19 -17.32 49.38
CA HIS A 906 40.02 -17.60 50.21
C HIS A 906 40.42 -18.16 51.57
N THR A 907 41.37 -17.50 52.22
CA THR A 907 41.85 -17.93 53.53
C THR A 907 42.28 -16.71 54.33
N GLN A 908 42.88 -16.94 55.49
CA GLN A 908 43.34 -15.85 56.34
C GLN A 908 44.49 -15.07 55.72
N GLN A 909 45.24 -15.68 54.80
CA GLN A 909 46.39 -15.01 54.21
C GLN A 909 45.98 -13.77 53.43
N MET A 910 44.75 -13.71 52.94
CA MET A 910 44.28 -12.58 52.16
C MET A 910 43.81 -11.41 53.01
N ASP A 911 43.79 -11.55 54.33
CA ASP A 911 43.33 -10.47 55.20
C ASP A 911 44.09 -9.16 55.03
N PRO A 912 45.42 -9.13 54.96
CA PRO A 912 46.10 -7.84 54.77
C PRO A 912 45.79 -7.16 53.45
N LEU A 913 45.28 -7.89 52.46
CA LEU A 913 45.03 -7.34 51.14
C LEU A 913 43.67 -6.70 50.98
N LEU A 914 42.79 -6.81 51.99
CA LEU A 914 41.45 -6.22 51.87
C LEU A 914 41.51 -4.70 51.77
N GLY A 915 42.35 -4.05 52.58
CA GLY A 915 42.44 -2.60 52.52
C GLY A 915 42.97 -2.11 51.19
N GLU A 916 43.99 -2.80 50.65
CA GLU A 916 44.52 -2.45 49.35
C GLU A 916 43.52 -2.74 48.24
N LEU A 917 42.75 -3.83 48.37
CA LEU A 917 41.74 -4.15 47.38
C LEU A 917 40.64 -3.09 47.35
N ALA A 918 40.22 -2.61 48.52
CA ALA A 918 39.13 -1.64 48.56
C ALA A 918 39.53 -0.33 47.90
N ALA A 919 40.77 0.13 48.14
CA ALA A 919 41.21 1.39 47.55
C ALA A 919 41.29 1.31 46.04
N GLU A 920 41.83 0.21 45.51
CA GLU A 920 41.98 0.06 44.07
C GLU A 920 40.63 -0.08 43.37
N LEU A 921 39.69 -0.79 44.00
CA LEU A 921 38.38 -1.04 43.42
C LEU A 921 37.42 0.13 43.59
N GLN A 922 37.81 1.17 44.32
CA GLN A 922 36.93 2.31 44.54
C GLN A 922 36.78 3.09 43.25
N GLY A 923 35.59 3.02 42.64
CA GLY A 923 35.35 3.72 41.40
C GLY A 923 34.52 2.94 40.40
N ILE A 924 34.38 1.63 40.62
CA ILE A 924 33.57 0.81 39.73
C ILE A 924 32.10 1.16 39.90
N GLU A 925 31.34 1.01 38.81
CA GLU A 925 29.92 1.34 38.81
C GLU A 925 29.10 0.09 38.58
N PRO A 926 28.53 -0.52 39.62
CA PRO A 926 27.68 -1.70 39.41
C PRO A 926 26.42 -1.35 38.64
N LYS A 927 25.92 -2.33 37.90
CA LYS A 927 24.73 -2.19 37.07
C LYS A 927 23.77 -3.32 37.34
N PRO A 928 22.48 -3.12 37.13
CA PRO A 928 21.52 -4.21 37.33
C PRO A 928 21.78 -5.36 36.36
N LEU A 929 21.54 -6.57 36.85
CA LEU A 929 21.82 -7.77 36.06
C LEU A 929 20.78 -7.94 34.95
N THR A 930 21.27 -8.22 33.74
CA THR A 930 20.41 -8.52 32.61
C THR A 930 20.27 -10.01 32.36
N THR A 931 20.90 -10.85 33.18
CA THR A 931 20.87 -12.29 33.03
C THR A 931 20.80 -12.93 34.40
N GLY A 932 20.23 -14.13 34.45
CA GLY A 932 20.20 -14.88 35.70
C GLY A 932 21.60 -15.13 36.23
N TYR A 933 21.74 -15.04 37.55
CA TYR A 933 23.05 -15.12 38.18
C TYR A 933 22.98 -16.06 39.38
N PHE A 934 23.95 -16.98 39.45
CA PHE A 934 24.10 -17.88 40.59
C PHE A 934 25.36 -17.47 41.33
N SER A 935 25.22 -16.54 42.27
CA SER A 935 26.35 -15.97 42.98
C SER A 935 26.89 -16.99 43.97
N THR A 936 28.01 -17.62 43.62
CA THR A 936 28.66 -18.54 44.55
C THR A 936 29.18 -17.85 45.80
N VAL A 937 29.38 -16.53 45.75
CA VAL A 937 29.74 -15.79 46.95
C VAL A 937 28.58 -15.74 47.93
N HIS A 938 27.37 -15.50 47.42
CA HIS A 938 26.17 -15.41 48.25
C HIS A 938 25.50 -16.77 48.37
N GLU A 939 26.30 -17.77 48.77
CA GLU A 939 25.83 -19.12 49.06
C GLU A 939 25.09 -19.75 47.88
N GLY A 940 25.51 -19.43 46.66
CA GLY A 940 24.88 -20.02 45.48
C GLY A 940 23.42 -19.69 45.31
N THR A 941 23.02 -18.46 45.66
CA THR A 941 21.62 -18.07 45.57
C THR A 941 21.33 -17.48 44.20
N PHE A 942 20.28 -18.01 43.55
CA PHE A 942 19.89 -17.50 42.24
C PHE A 942 19.34 -16.08 42.36
N ILE A 943 19.72 -15.23 41.41
CA ILE A 943 19.29 -13.85 41.37
C ILE A 943 18.58 -13.61 40.03
N ARG A 944 17.34 -13.15 40.09
CA ARG A 944 16.56 -12.91 38.88
C ARG A 944 17.14 -11.73 38.11
N PRO A 945 17.02 -11.74 36.78
CA PRO A 945 17.49 -10.59 35.99
C PRO A 945 16.69 -9.34 36.31
N GLY A 946 17.37 -8.20 36.19
CA GLY A 946 16.76 -6.92 36.51
C GLY A 946 16.77 -6.56 37.98
N SER A 947 17.45 -7.35 38.81
CA SER A 947 17.51 -7.06 40.24
C SER A 947 18.47 -5.91 40.52
N ALA A 948 18.60 -5.56 41.79
CA ALA A 948 19.50 -4.49 42.19
C ALA A 948 20.94 -4.90 41.95
N PRO A 949 21.83 -3.93 41.67
CA PRO A 949 23.25 -4.26 41.49
C PRO A 949 23.84 -4.90 42.73
N ILE A 950 24.73 -5.86 42.51
CA ILE A 950 25.31 -6.63 43.62
C ILE A 950 26.83 -6.52 43.59
N HIS A 951 27.38 -6.16 42.43
CA HIS A 951 28.83 -6.18 42.22
C HIS A 951 29.50 -4.92 42.75
N ASP A 952 29.32 -4.65 44.05
CA ASP A 952 30.00 -3.53 44.69
C ASP A 952 31.36 -3.99 45.22
N VAL A 953 32.07 -3.08 45.87
CA VAL A 953 33.40 -3.39 46.40
C VAL A 953 33.31 -4.45 47.48
N ASP A 954 32.32 -4.35 48.37
CA ASP A 954 32.18 -5.34 49.44
C ASP A 954 31.94 -6.75 48.88
N TYR A 955 31.23 -6.86 47.75
CA TYR A 955 31.02 -8.16 47.13
C TYR A 955 32.33 -8.80 46.72
N TRP A 956 33.20 -8.02 46.07
CA TRP A 956 34.51 -8.55 45.67
C TRP A 956 35.38 -8.86 46.87
N LYS A 957 35.33 -8.02 47.92
CA LYS A 957 36.08 -8.30 49.13
C LYS A 957 35.65 -9.61 49.77
N LYS A 958 34.33 -9.84 49.87
CA LYS A 958 33.82 -11.09 50.42
C LYS A 958 34.20 -12.28 49.55
N GLY A 959 34.12 -12.12 48.23
CA GLY A 959 34.48 -13.21 47.34
C GLY A 959 35.95 -13.59 47.45
N LEU A 960 36.82 -12.59 47.53
CA LEU A 960 38.25 -12.87 47.65
C LEU A 960 38.60 -13.44 49.03
N ARG A 961 37.89 -13.00 50.07
CA ARG A 961 38.22 -13.43 51.42
C ARG A 961 37.54 -14.73 51.82
N HIS A 962 36.25 -14.88 51.52
CA HIS A 962 35.48 -16.01 51.99
C HIS A 962 35.51 -17.14 50.95
N SER A 963 34.84 -18.24 51.30
CA SER A 963 34.85 -19.44 50.47
C SER A 963 33.92 -19.28 49.27
N VAL A 964 33.99 -20.26 48.37
CA VAL A 964 33.19 -20.29 47.15
C VAL A 964 32.26 -21.49 47.23
N TYR A 965 30.95 -21.24 47.11
CA TYR A 965 29.95 -22.31 47.13
C TYR A 965 29.59 -22.70 45.70
N PHE A 966 30.53 -23.40 45.05
CA PHE A 966 30.36 -23.75 43.64
C PHE A 966 29.28 -24.80 43.45
N THR A 967 29.30 -25.86 44.24
CA THR A 967 28.34 -26.94 44.06
C THR A 967 26.93 -26.53 44.44
N GLN A 968 26.77 -25.61 45.39
CA GLN A 968 25.44 -25.12 45.74
C GLN A 968 24.80 -24.38 44.58
N GLY A 969 25.58 -23.56 43.87
CA GLY A 969 25.03 -22.87 42.70
C GLY A 969 24.63 -23.83 41.59
N ILE A 970 25.44 -24.86 41.36
CA ILE A 970 25.11 -25.86 40.34
C ILE A 970 23.84 -26.62 40.74
N ARG A 971 23.71 -26.97 42.02
CA ARG A 971 22.52 -27.65 42.48
C ARG A 971 21.28 -26.77 42.33
N ASN A 972 21.42 -25.47 42.63
CA ASN A 972 20.30 -24.55 42.44
C ASN A 972 19.93 -24.43 40.97
N ALA A 973 20.94 -24.38 40.08
CA ALA A 973 20.67 -24.32 38.66
C ALA A 973 19.94 -25.57 38.18
N VAL A 974 20.34 -26.75 38.67
CA VAL A 974 19.65 -27.98 38.33
C VAL A 974 18.21 -27.94 38.83
N ASP A 975 18.01 -27.46 40.06
CA ASP A 975 16.67 -27.35 40.63
C ASP A 975 15.81 -26.35 39.86
N ASN A 976 16.42 -25.37 39.19
CA ASN A 976 15.70 -24.40 38.39
C ASN A 976 15.36 -24.91 37.00
N GLY A 977 15.77 -26.13 36.66
CA GLY A 977 15.43 -26.70 35.37
C GLY A 977 16.50 -26.58 34.31
N HIS A 978 17.71 -26.18 34.66
CA HIS A 978 18.80 -26.05 33.71
C HIS A 978 19.52 -27.38 33.55
N THR A 979 19.65 -27.83 32.30
CA THR A 979 20.30 -29.10 32.00
C THR A 979 21.54 -28.95 31.13
N THR A 980 21.74 -27.81 30.49
CA THR A 980 22.89 -27.56 29.63
C THR A 980 23.87 -26.64 30.34
N PHE A 981 25.12 -27.07 30.44
CA PHE A 981 26.16 -26.30 31.10
C PHE A 981 27.33 -26.14 30.14
N LEU A 982 27.72 -24.90 29.88
CA LEU A 982 28.81 -24.57 28.97
C LEU A 982 29.93 -23.89 29.75
N GLU A 983 31.15 -24.36 29.56
CA GLU A 983 32.32 -23.84 30.28
C GLU A 983 33.20 -23.06 29.31
N LEU A 984 33.53 -21.83 29.68
CA LEU A 984 34.45 -20.99 28.92
C LEU A 984 35.81 -21.03 29.62
N ALA A 985 36.71 -21.85 29.10
CA ALA A 985 38.03 -22.01 29.70
C ALA A 985 38.97 -22.59 28.64
N PRO A 986 40.27 -22.33 28.75
CA PRO A 986 41.23 -22.95 27.83
C PRO A 986 41.29 -24.46 27.94
N ASN A 987 40.84 -25.05 29.05
CA ASN A 987 40.84 -26.49 29.25
C ASN A 987 39.70 -26.86 30.18
N PRO A 988 38.89 -27.87 29.85
CA PRO A 988 37.75 -28.23 30.69
C PRO A 988 38.21 -28.91 31.97
N VAL A 989 38.11 -28.19 33.09
CA VAL A 989 38.51 -28.68 34.39
C VAL A 989 37.32 -28.84 35.34
N ALA A 990 36.36 -27.92 35.27
CA ALA A 990 35.19 -27.96 36.15
C ALA A 990 34.04 -28.75 35.55
N LEU A 991 34.16 -29.27 34.33
CA LEU A 991 33.09 -30.08 33.76
C LEU A 991 32.88 -31.35 34.57
N MET A 992 33.96 -31.95 35.07
CA MET A 992 33.82 -33.12 35.93
C MET A 992 33.06 -32.79 37.21
N GLN A 993 33.38 -31.64 37.82
CA GLN A 993 32.68 -31.22 39.03
C GLN A 993 31.21 -30.97 38.75
N VAL A 994 30.90 -30.31 37.62
CA VAL A 994 29.51 -30.04 37.27
C VAL A 994 28.76 -31.35 37.03
N GLY A 995 29.39 -32.31 36.35
CA GLY A 995 28.76 -33.60 36.14
C GLY A 995 28.51 -34.34 37.43
N LEU A 996 29.48 -34.31 38.35
CA LEU A 996 29.30 -34.95 39.65
C LEU A 996 28.15 -34.31 40.41
N THR A 997 28.06 -32.97 40.39
CA THR A 997 26.97 -32.29 41.08
C THR A 997 25.62 -32.62 40.46
N THR A 998 25.54 -32.64 39.13
CA THR A 998 24.27 -32.93 38.46
C THR A 998 23.84 -34.37 38.69
N ALA A 999 24.79 -35.31 38.69
CA ALA A 999 24.45 -36.71 38.94
C ALA A 999 23.87 -36.89 40.34
N SER A 1000 24.45 -36.21 41.33
CA SER A 1000 23.92 -36.28 42.69
C SER A 1000 22.59 -35.57 42.81
N ALA A 1001 22.28 -34.66 41.89
CA ALA A 1001 21.03 -33.91 41.93
C ALA A 1001 19.91 -34.58 41.15
N GLY A 1002 20.16 -35.74 40.55
CA GLY A 1002 19.13 -36.44 39.80
C GLY A 1002 19.03 -36.02 38.35
N LEU A 1003 20.19 -35.81 37.71
CA LEU A 1003 20.25 -35.43 36.30
C LEU A 1003 21.42 -36.17 35.68
N HIS A 1004 21.13 -37.33 35.10
CA HIS A 1004 22.16 -38.21 34.54
C HIS A 1004 22.35 -38.04 33.04
N ASP A 1005 21.65 -37.09 32.43
CA ASP A 1005 21.74 -36.85 30.99
C ASP A 1005 21.94 -35.36 30.71
N ALA A 1006 22.65 -34.68 31.59
CA ALA A 1006 22.93 -33.26 31.40
C ALA A 1006 23.86 -33.04 30.22
N GLN A 1007 23.75 -31.88 29.59
CA GLN A 1007 24.57 -31.51 28.45
C GLN A 1007 25.76 -30.71 28.95
N LEU A 1008 26.94 -31.32 28.95
CA LEU A 1008 28.19 -30.68 29.36
C LEU A 1008 29.01 -30.39 28.11
N ILE A 1009 29.18 -29.12 27.79
CA ILE A 1009 29.82 -28.69 26.56
C ILE A 1009 31.09 -27.93 26.89
N ALA A 1010 32.20 -28.31 26.25
CA ALA A 1010 33.47 -27.64 26.41
C ALA A 1010 33.79 -26.80 25.18
N THR A 1011 34.53 -25.71 25.40
CA THR A 1011 34.89 -24.79 24.32
C THR A 1011 36.28 -25.07 23.78
N LEU A 1012 37.29 -25.05 24.64
CA LEU A 1012 38.66 -25.34 24.25
C LEU A 1012 39.23 -26.43 25.14
N ALA A 1013 40.13 -27.24 24.56
CA ALA A 1013 40.71 -28.35 25.29
C ALA A 1013 42.16 -28.54 24.84
N ARG A 1014 42.94 -29.20 25.70
CA ARG A 1014 44.34 -29.47 25.41
C ARG A 1014 44.45 -30.55 24.34
N LYS A 1015 45.48 -30.43 23.50
CA LYS A 1015 45.76 -31.40 22.44
C LYS A 1015 44.62 -31.52 21.44
N GLN A 1016 43.81 -30.47 21.33
CA GLN A 1016 42.68 -30.44 20.41
C GLN A 1016 42.78 -29.19 19.54
N ASP A 1017 42.29 -29.30 18.31
CA ASP A 1017 42.26 -28.14 17.42
C ASP A 1017 41.26 -27.13 17.94
N GLU A 1018 41.73 -25.88 18.13
CA GLU A 1018 40.88 -24.87 18.74
C GLU A 1018 39.76 -24.40 17.82
N VAL A 1019 40.01 -24.38 16.51
CA VAL A 1019 38.96 -23.99 15.57
C VAL A 1019 37.87 -25.05 15.52
N GLU A 1020 38.25 -26.32 15.44
CA GLU A 1020 37.26 -27.39 15.40
C GLU A 1020 36.55 -27.54 16.73
N SER A 1021 37.22 -27.24 17.84
CA SER A 1021 36.59 -27.34 19.15
C SER A 1021 35.45 -26.34 19.30
N MET A 1022 35.65 -25.12 18.80
CA MET A 1022 34.59 -24.12 18.86
C MET A 1022 33.43 -24.44 17.93
N ILE A 1023 33.73 -25.00 16.75
CA ILE A 1023 32.67 -25.41 15.83
C ILE A 1023 31.81 -26.51 16.44
N SER A 1024 32.45 -27.48 17.09
CA SER A 1024 31.70 -28.54 17.75
C SER A 1024 30.90 -28.02 18.93
N ALA A 1025 31.43 -27.03 19.66
CA ALA A 1025 30.70 -26.48 20.80
C ALA A 1025 29.42 -25.78 20.36
N MET A 1026 29.49 -25.00 19.28
CA MET A 1026 28.29 -24.34 18.76
C MET A 1026 27.33 -25.34 18.13
N ALA A 1027 27.87 -26.42 17.54
CA ALA A 1027 27.00 -27.44 16.96
C ALA A 1027 26.13 -28.09 18.02
N GLN A 1028 26.70 -28.38 19.19
CA GLN A 1028 25.90 -28.95 20.27
C GLN A 1028 24.83 -27.99 20.75
N LEU A 1029 25.15 -26.69 20.82
CA LEU A 1029 24.15 -25.70 21.19
C LEU A 1029 23.02 -25.66 20.16
N TYR A 1030 23.36 -25.73 18.87
CA TYR A 1030 22.33 -25.72 17.84
C TYR A 1030 21.45 -26.97 17.92
N VAL A 1031 22.06 -28.13 18.17
CA VAL A 1031 21.30 -29.39 18.16
C VAL A 1031 20.26 -29.40 19.27
N HIS A 1032 20.62 -28.91 20.46
CA HIS A 1032 19.72 -28.93 21.61
C HIS A 1032 18.73 -27.77 21.60
N GLY A 1033 18.64 -27.03 20.50
CA GLY A 1033 17.64 -25.98 20.37
C GLY A 1033 17.99 -24.66 21.01
N HIS A 1034 19.24 -24.44 21.40
CA HIS A 1034 19.61 -23.18 22.00
C HIS A 1034 19.75 -22.09 20.94
N ASP A 1035 19.86 -20.85 21.40
CA ASP A 1035 19.94 -19.71 20.49
C ASP A 1035 21.29 -19.72 19.77
N LEU A 1036 21.25 -19.89 18.45
CA LEU A 1036 22.46 -19.85 17.62
C LEU A 1036 22.09 -19.66 16.15
N ASP A 1037 22.68 -18.65 15.51
CA ASP A 1037 22.43 -18.40 14.10
C ASP A 1037 23.41 -19.24 13.30
N PHE A 1038 22.93 -20.35 12.74
CA PHE A 1038 23.79 -21.25 11.99
C PHE A 1038 24.26 -20.65 10.67
N ARG A 1039 23.59 -19.60 10.19
CA ARG A 1039 24.03 -18.94 8.97
C ARG A 1039 25.33 -18.18 9.16
N THR A 1040 25.63 -17.76 10.40
CA THR A 1040 26.86 -17.03 10.68
C THR A 1040 28.09 -17.90 10.51
N LEU A 1041 27.94 -19.23 10.52
CA LEU A 1041 29.07 -20.14 10.33
C LEU A 1041 29.55 -20.19 8.88
N PHE A 1042 28.77 -19.66 7.94
CA PHE A 1042 29.13 -19.65 6.52
C PHE A 1042 28.94 -18.24 5.97
N PRO A 1043 29.81 -17.30 6.35
CA PRO A 1043 29.68 -15.94 5.84
C PRO A 1043 29.99 -15.86 4.36
N ARG A 1044 29.38 -14.89 3.69
CA ARG A 1044 29.59 -14.67 2.27
C ARG A 1044 30.64 -13.57 2.07
N ARG A 1045 31.62 -13.84 1.21
CA ARG A 1045 32.70 -12.91 0.94
C ARG A 1045 32.55 -12.18 -0.38
N SER A 1046 31.52 -12.49 -1.16
CA SER A 1046 31.32 -11.89 -2.47
C SER A 1046 29.87 -11.49 -2.64
N LYS A 1047 29.64 -10.50 -3.51
CA LYS A 1047 28.30 -9.96 -3.74
C LYS A 1047 27.76 -10.34 -5.12
N GLY A 1048 28.54 -10.14 -6.17
CA GLY A 1048 28.06 -10.33 -7.52
C GLY A 1048 28.35 -11.70 -8.12
N LEU A 1049 28.99 -11.70 -9.30
CA LEU A 1049 29.28 -12.94 -10.01
C LEU A 1049 30.21 -13.85 -9.23
N ALA A 1050 31.07 -13.29 -8.36
CA ALA A 1050 31.99 -14.11 -7.59
C ALA A 1050 31.25 -14.97 -6.57
N GLY A 1051 29.99 -14.68 -6.30
CA GLY A 1051 29.20 -15.46 -5.38
C GLY A 1051 28.29 -16.45 -6.07
N ALA A 1052 28.61 -16.79 -7.32
CA ALA A 1052 27.77 -17.70 -8.08
C ALA A 1052 27.79 -19.11 -7.52
N LEU A 1053 28.94 -19.56 -7.00
CA LEU A 1053 29.09 -20.92 -6.49
C LEU A 1053 29.05 -20.98 -4.97
N ASP A 1054 28.49 -19.95 -4.31
CA ASP A 1054 28.39 -19.97 -2.86
C ASP A 1054 27.43 -21.04 -2.36
N PHE A 1055 26.42 -21.39 -3.16
CA PHE A 1055 25.39 -22.33 -2.76
C PHE A 1055 25.39 -23.55 -3.68
N ALA A 1056 24.99 -24.69 -3.12
CA ALA A 1056 24.88 -25.93 -3.86
C ALA A 1056 23.42 -26.27 -4.13
N ASN A 1057 23.20 -27.20 -5.05
CA ASN A 1057 21.85 -27.60 -5.44
C ASN A 1057 21.40 -28.83 -4.64
N ILE A 1058 21.28 -28.63 -3.33
CA ILE A 1058 20.86 -29.69 -2.42
C ILE A 1058 19.41 -30.04 -2.68
N PRO A 1059 18.98 -31.27 -2.39
CA PRO A 1059 17.58 -31.62 -2.62
C PRO A 1059 16.66 -30.79 -1.76
N PRO A 1060 15.47 -30.48 -2.24
CA PRO A 1060 14.51 -29.71 -1.44
C PRO A 1060 13.77 -30.60 -0.46
N THR A 1061 12.95 -29.96 0.37
CA THR A 1061 12.15 -30.69 1.35
C THR A 1061 11.10 -31.54 0.63
N ARG A 1062 10.94 -32.77 1.11
CA ARG A 1062 9.99 -33.71 0.53
C ARG A 1062 8.75 -33.81 1.42
N PHE A 1063 7.59 -33.88 0.78
CA PHE A 1063 6.31 -33.93 1.46
C PHE A 1063 5.63 -35.27 1.18
N LYS A 1064 4.94 -35.79 2.19
CA LYS A 1064 4.16 -37.02 2.06
C LYS A 1064 2.70 -36.62 1.88
N ARG A 1065 2.29 -36.52 0.62
CA ARG A 1065 0.95 -36.06 0.28
C ARG A 1065 -0.05 -37.21 0.34
N LYS A 1066 -1.16 -36.97 1.03
CA LYS A 1066 -2.25 -37.93 1.14
C LYS A 1066 -3.52 -37.31 0.58
N GLU A 1067 -4.43 -38.18 0.14
CA GLU A 1067 -5.68 -37.72 -0.46
C GLU A 1067 -6.64 -37.25 0.62
N HIS A 1068 -7.06 -35.98 0.52
CA HIS A 1068 -8.04 -35.39 1.43
C HIS A 1068 -9.09 -34.69 0.59
N TRP A 1069 -10.32 -35.20 0.62
CA TRP A 1069 -11.39 -34.65 -0.21
C TRP A 1069 -12.73 -34.94 0.46
N LEU A 1070 -13.72 -34.16 0.07
CA LEU A 1070 -15.08 -34.30 0.62
C LEU A 1070 -15.90 -35.25 -0.26
N PRO A 1071 -16.41 -36.35 0.28
CA PRO A 1071 -17.29 -37.24 -0.49
C PRO A 1071 -18.66 -36.60 -0.67
N ALA A 1072 -18.95 -36.18 -1.91
CA ALA A 1072 -20.19 -35.50 -2.22
C ALA A 1072 -20.84 -36.13 -3.45
N HIS A 1073 -22.16 -36.07 -3.50
CA HIS A 1073 -22.93 -36.61 -4.61
C HIS A 1073 -24.10 -35.70 -4.90
N PHE A 1074 -24.61 -35.78 -6.13
CA PHE A 1074 -25.75 -34.99 -6.55
C PHE A 1074 -26.82 -35.86 -7.21
N ASP B 89 8.32 8.80 23.28
CA ASP B 89 7.92 9.86 22.35
C ASP B 89 6.93 9.27 21.34
N TRP B 90 5.71 9.80 21.34
CA TRP B 90 4.65 9.28 20.48
C TRP B 90 4.41 10.16 19.26
N SER B 91 5.32 11.08 18.96
CA SER B 91 5.14 11.95 17.79
C SER B 91 5.30 11.15 16.50
N ARG B 92 4.71 11.68 15.43
CA ARG B 92 4.77 11.03 14.13
C ARG B 92 6.21 11.01 13.61
N THR B 93 6.62 9.88 13.05
CA THR B 93 7.91 9.78 12.39
C THR B 93 7.82 10.15 10.91
N ARG B 94 6.69 9.87 10.28
CA ARG B 94 6.45 10.21 8.89
C ARG B 94 5.70 11.54 8.79
N ASP B 95 5.85 12.20 7.66
CA ASP B 95 5.14 13.46 7.38
C ASP B 95 3.92 13.13 6.54
N VAL B 96 2.78 12.94 7.21
CA VAL B 96 1.53 12.59 6.54
C VAL B 96 0.43 13.51 7.07
N GLU B 97 -0.63 13.63 6.27
CA GLU B 97 -1.77 14.46 6.64
C GLU B 97 -2.82 13.64 7.38
N ASP B 98 -3.77 14.35 7.98
CA ASP B 98 -4.92 13.72 8.62
C ASP B 98 -6.05 13.55 7.61
N ILE B 99 -6.91 12.57 7.88
CA ILE B 99 -8.02 12.21 7.00
C ILE B 99 -9.31 12.70 7.63
N ALA B 100 -10.12 13.39 6.85
CA ALA B 100 -11.37 13.98 7.32
C ALA B 100 -12.56 13.15 6.86
N ILE B 101 -13.47 12.87 7.77
CA ILE B 101 -14.70 12.15 7.47
C ILE B 101 -15.79 13.17 7.16
N VAL B 102 -16.37 13.09 5.96
CA VAL B 102 -17.34 14.08 5.52
C VAL B 102 -18.71 13.48 5.25
N GLY B 103 -18.86 12.17 5.11
CA GLY B 103 -20.15 11.58 4.82
C GLY B 103 -20.29 10.23 5.46
N VAL B 104 -21.48 9.96 5.98
CA VAL B 104 -21.80 8.69 6.65
C VAL B 104 -23.12 8.17 6.11
N ALA B 105 -23.14 6.89 5.77
CA ALA B 105 -24.35 6.21 5.34
C ALA B 105 -24.53 4.94 6.15
N THR B 106 -25.73 4.71 6.65
CA THR B 106 -26.01 3.59 7.54
C THR B 106 -27.17 2.76 7.01
N ARG B 107 -27.01 1.43 7.07
CA ARG B 107 -28.08 0.47 6.79
C ARG B 107 -27.93 -0.62 7.84
N PHE B 108 -28.61 -0.45 8.96
CA PHE B 108 -28.42 -1.25 10.16
C PHE B 108 -29.74 -1.79 10.66
N PRO B 109 -29.72 -2.89 11.43
CA PRO B 109 -30.96 -3.43 11.99
C PRO B 109 -31.66 -2.42 12.89
N GLY B 110 -32.98 -2.52 12.93
CA GLY B 110 -33.79 -1.56 13.65
C GLY B 110 -34.27 -0.39 12.81
N ASP B 111 -34.23 -0.52 11.48
CA ASP B 111 -34.64 0.55 10.56
C ASP B 111 -33.81 1.82 10.79
N LEU B 112 -32.50 1.64 10.95
CA LEU B 112 -31.57 2.76 11.09
C LEU B 112 -30.95 3.00 9.72
N ASN B 113 -31.65 3.76 8.89
CA ASN B 113 -31.25 3.99 7.51
C ASN B 113 -30.54 5.32 7.31
N THR B 114 -30.56 6.21 8.28
CA THR B 114 -29.89 7.50 8.22
C THR B 114 -29.07 7.71 9.48
N PRO B 115 -28.01 8.51 9.41
CA PRO B 115 -27.21 8.76 10.62
C PRO B 115 -28.00 9.36 11.77
N ASP B 116 -29.00 10.19 11.49
CA ASP B 116 -29.81 10.77 12.55
C ASP B 116 -30.60 9.70 13.30
N GLU B 117 -31.21 8.78 12.56
CA GLU B 117 -31.96 7.69 13.21
C GLU B 117 -31.03 6.81 14.03
N MET B 118 -29.85 6.51 13.51
CA MET B 118 -28.89 5.69 14.27
C MET B 118 -28.45 6.41 15.54
N TRP B 119 -28.20 7.72 15.44
CA TRP B 119 -27.79 8.47 16.62
C TRP B 119 -28.89 8.51 17.67
N GLU B 120 -30.15 8.70 17.22
CA GLU B 120 -31.26 8.69 18.17
C GLU B 120 -31.41 7.33 18.83
N ALA B 121 -31.25 6.25 18.06
CA ALA B 121 -31.33 4.91 18.63
C ALA B 121 -30.21 4.67 19.63
N LEU B 122 -29.00 5.12 19.32
CA LEU B 122 -27.89 4.97 20.25
C LEU B 122 -28.12 5.75 21.54
N LEU B 123 -28.66 6.97 21.42
CA LEU B 123 -28.98 7.74 22.61
C LEU B 123 -30.07 7.09 23.44
N GLU B 124 -31.08 6.50 22.79
CA GLU B 124 -32.15 5.81 23.50
C GLU B 124 -31.74 4.44 24.02
N GLY B 125 -30.57 3.93 23.63
CA GLY B 125 -30.16 2.61 24.04
C GLY B 125 -31.03 1.50 23.47
N LYS B 126 -31.40 1.62 22.20
CA LYS B 126 -32.31 0.66 21.58
C LYS B 126 -31.61 -0.67 21.33
N ASP B 127 -32.35 -1.76 21.54
CA ASP B 127 -31.88 -3.10 21.21
C ASP B 127 -32.48 -3.50 19.87
N CYS B 128 -31.62 -3.76 18.89
CA CYS B 128 -32.04 -4.03 17.52
C CYS B 128 -32.06 -5.50 17.17
N VAL B 129 -31.96 -6.39 18.15
CA VAL B 129 -31.96 -7.83 17.92
C VAL B 129 -33.38 -8.34 18.07
N THR B 130 -33.88 -9.01 17.04
CA THR B 130 -35.23 -9.56 17.02
C THR B 130 -35.18 -11.01 16.55
N ASP B 131 -36.35 -11.63 16.47
CA ASP B 131 -36.44 -13.01 16.00
C ASP B 131 -36.33 -13.06 14.48
N LEU B 132 -36.20 -14.27 13.96
CA LEU B 132 -36.12 -14.47 12.52
C LEU B 132 -37.45 -14.08 11.87
N PRO B 133 -37.46 -13.21 10.87
CA PRO B 133 -38.72 -12.86 10.21
C PRO B 133 -39.36 -14.06 9.54
N GLU B 134 -40.69 -14.04 9.47
CA GLU B 134 -41.43 -15.16 8.91
C GLU B 134 -41.20 -15.34 7.42
N ASP B 135 -40.79 -14.28 6.72
CA ASP B 135 -40.59 -14.34 5.28
C ASP B 135 -39.14 -14.58 4.89
N ARG B 136 -38.26 -14.86 5.85
CA ARG B 136 -36.86 -15.10 5.58
C ARG B 136 -36.56 -16.60 5.59
N TRP B 137 -35.59 -17.00 4.76
CA TRP B 137 -35.12 -18.37 4.66
C TRP B 137 -36.22 -19.35 4.25
N THR B 138 -37.24 -18.86 3.53
CA THR B 138 -38.34 -19.72 3.13
C THR B 138 -37.93 -20.74 2.07
N GLU B 139 -36.82 -20.50 1.36
CA GLU B 139 -36.35 -21.45 0.37
C GLU B 139 -35.81 -22.73 0.99
N PHE B 140 -35.48 -22.71 2.29
CA PHE B 140 -34.91 -23.85 2.96
C PHE B 140 -35.84 -24.50 3.97
N LEU B 141 -36.95 -23.85 4.31
CA LEU B 141 -37.87 -24.39 5.31
C LEU B 141 -38.84 -25.41 4.75
N ASP B 142 -38.82 -25.67 3.45
CA ASP B 142 -39.67 -26.67 2.83
C ASP B 142 -39.07 -28.08 2.90
N GLU B 143 -37.83 -28.20 3.36
CA GLU B 143 -37.18 -29.50 3.52
C GLU B 143 -37.23 -29.90 4.99
N PRO B 144 -37.84 -31.04 5.33
CA PRO B 144 -38.05 -31.37 6.76
C PRO B 144 -36.78 -31.42 7.58
N ARG B 145 -35.68 -31.95 7.03
CA ARG B 145 -34.44 -32.03 7.80
C ARG B 145 -33.87 -30.62 8.04
N ILE B 146 -33.82 -29.80 7.00
CA ILE B 146 -33.35 -28.43 7.15
C ILE B 146 -34.26 -27.65 8.08
N ALA B 147 -35.58 -27.85 7.93
CA ALA B 147 -36.53 -27.13 8.78
C ALA B 147 -36.35 -27.49 10.24
N GLU B 148 -36.16 -28.78 10.55
CA GLU B 148 -35.98 -29.16 11.95
C GLU B 148 -34.60 -28.75 12.47
N ARG B 149 -33.60 -28.68 11.60
CA ARG B 149 -32.28 -28.22 12.04
C ARG B 149 -32.29 -26.72 12.34
N VAL B 150 -33.04 -25.94 11.57
CA VAL B 150 -33.09 -24.50 11.79
C VAL B 150 -33.78 -24.19 13.11
N LYS B 151 -34.87 -24.90 13.43
CA LYS B 151 -35.58 -24.67 14.68
C LYS B 151 -34.72 -24.95 15.89
N LYS B 152 -33.74 -25.85 15.78
CA LYS B 152 -32.84 -26.14 16.89
C LYS B 152 -31.82 -25.02 17.13
N ALA B 153 -31.52 -24.23 16.11
CA ALA B 153 -30.52 -23.17 16.23
C ALA B 153 -31.12 -21.95 16.93
N ARG B 154 -30.30 -20.91 17.07
CA ARG B 154 -30.75 -19.68 17.72
C ARG B 154 -31.56 -18.83 16.75
N THR B 155 -30.96 -18.46 15.62
CA THR B 155 -31.59 -17.72 14.53
C THR B 155 -32.08 -16.33 14.95
N ARG B 156 -31.73 -15.89 16.16
CA ARG B 156 -32.04 -14.54 16.58
C ARG B 156 -30.87 -13.61 16.25
N GLY B 157 -31.20 -12.41 15.80
CA GLY B 157 -30.19 -11.45 15.42
C GLY B 157 -30.81 -10.24 14.76
N GLY B 158 -29.96 -9.40 14.21
CA GLY B 158 -30.40 -8.20 13.52
C GLY B 158 -30.65 -8.43 12.05
N TYR B 159 -31.90 -8.28 11.62
CA TYR B 159 -32.29 -8.50 10.24
C TYR B 159 -32.82 -7.21 9.63
N LEU B 160 -32.63 -7.07 8.32
CA LEU B 160 -33.14 -5.92 7.60
C LEU B 160 -34.63 -6.08 7.31
N THR B 161 -35.35 -4.96 7.32
CA THR B 161 -36.80 -5.01 7.12
C THR B 161 -37.15 -5.41 5.70
N ASP B 162 -36.46 -4.85 4.70
CA ASP B 162 -36.75 -5.12 3.29
C ASP B 162 -35.42 -5.42 2.59
N ILE B 163 -35.07 -6.71 2.50
CA ILE B 163 -33.84 -7.10 1.84
C ILE B 163 -34.05 -7.40 0.36
N LYS B 164 -35.29 -7.68 -0.07
CA LYS B 164 -35.56 -7.99 -1.46
C LYS B 164 -35.84 -6.76 -2.32
N GLY B 165 -36.14 -5.63 -1.69
CA GLY B 165 -36.43 -4.43 -2.47
C GLY B 165 -35.18 -3.86 -3.12
N PHE B 166 -35.34 -3.36 -4.34
CA PHE B 166 -34.23 -2.77 -5.08
C PHE B 166 -34.79 -1.93 -6.21
N ASP B 167 -34.21 -0.75 -6.41
CA ASP B 167 -34.64 0.17 -7.46
C ASP B 167 -33.76 -0.08 -8.69
N SER B 168 -34.15 -1.07 -9.47
CA SER B 168 -33.38 -1.44 -10.66
C SER B 168 -33.43 -0.37 -11.74
N GLU B 169 -34.55 0.36 -11.83
CA GLU B 169 -34.68 1.42 -12.82
C GLU B 169 -33.70 2.55 -12.55
N PHE B 170 -33.48 2.88 -11.29
CA PHE B 170 -32.55 3.96 -10.94
C PHE B 170 -31.13 3.62 -11.36
N PHE B 171 -30.71 2.35 -11.18
CA PHE B 171 -29.36 1.93 -11.48
C PHE B 171 -29.24 1.31 -12.88
N ALA B 172 -30.29 1.38 -13.69
CA ALA B 172 -30.26 0.94 -15.08
C ALA B 172 -29.91 -0.55 -15.18
N LEU B 173 -30.77 -1.38 -14.59
CA LEU B 173 -30.59 -2.82 -14.59
C LEU B 173 -31.89 -3.50 -15.00
N SER B 174 -31.78 -4.49 -15.88
CA SER B 174 -32.95 -5.25 -16.30
C SER B 174 -33.41 -6.19 -15.19
N LYS B 175 -34.65 -6.66 -15.32
CA LYS B 175 -35.21 -7.54 -14.29
C LYS B 175 -34.42 -8.84 -14.19
N MET B 176 -34.05 -9.43 -15.33
CA MET B 176 -33.26 -10.65 -15.31
C MET B 176 -31.92 -10.43 -14.63
N GLU B 177 -31.26 -9.31 -14.93
CA GLU B 177 -29.98 -9.02 -14.30
C GLU B 177 -30.16 -8.65 -12.83
N ALA B 178 -31.22 -7.90 -12.51
CA ALA B 178 -31.42 -7.45 -11.13
C ALA B 178 -31.76 -8.60 -10.20
N ASP B 179 -32.46 -9.62 -10.71
CA ASP B 179 -32.82 -10.76 -9.86
C ASP B 179 -31.61 -11.58 -9.44
N ASN B 180 -30.50 -11.49 -10.16
CA ASN B 180 -29.31 -12.29 -9.87
C ASN B 180 -28.23 -11.50 -9.15
N ILE B 181 -28.54 -10.33 -8.62
CA ILE B 181 -27.56 -9.47 -7.98
C ILE B 181 -27.56 -9.73 -6.48
N ASP B 182 -26.37 -9.91 -5.91
CA ASP B 182 -26.24 -10.08 -4.47
C ASP B 182 -26.75 -8.82 -3.76
N PRO B 183 -27.58 -8.96 -2.72
CA PRO B 183 -28.01 -7.78 -1.96
C PRO B 183 -26.87 -6.98 -1.38
N GLN B 184 -25.68 -7.58 -1.23
CA GLN B 184 -24.52 -6.82 -0.78
C GLN B 184 -24.16 -5.72 -1.78
N GLN B 185 -24.21 -6.03 -3.07
CA GLN B 185 -23.92 -5.02 -4.10
C GLN B 185 -24.99 -3.93 -4.12
N ARG B 186 -26.26 -4.30 -3.94
CA ARG B 186 -27.32 -3.32 -3.86
C ARG B 186 -27.12 -2.38 -2.67
N MET B 187 -26.76 -2.96 -1.52
CA MET B 187 -26.48 -2.14 -0.35
C MET B 187 -25.27 -1.24 -0.59
N ALA B 188 -24.25 -1.75 -1.27
CA ALA B 188 -23.07 -0.92 -1.57
C ALA B 188 -23.46 0.27 -2.42
N LEU B 189 -24.26 0.05 -3.46
CA LEU B 189 -24.68 1.15 -4.33
C LEU B 189 -25.53 2.16 -3.57
N GLU B 190 -26.53 1.68 -2.83
CA GLU B 190 -27.43 2.57 -2.11
C GLU B 190 -26.68 3.36 -1.04
N LEU B 191 -25.79 2.70 -0.30
CA LEU B 191 -25.01 3.38 0.73
C LEU B 191 -24.02 4.36 0.12
N THR B 192 -23.45 4.06 -1.04
CA THR B 192 -22.58 5.03 -1.71
C THR B 192 -23.37 6.28 -2.08
N TRP B 193 -24.56 6.11 -2.66
CA TRP B 193 -25.38 7.27 -3.00
C TRP B 193 -25.77 8.07 -1.76
N GLU B 194 -26.17 7.37 -0.69
CA GLU B 194 -26.59 8.06 0.53
C GLU B 194 -25.43 8.77 1.21
N ALA B 195 -24.23 8.17 1.19
CA ALA B 195 -23.07 8.83 1.78
C ALA B 195 -22.65 10.04 0.96
N LEU B 196 -22.73 9.96 -0.37
CA LEU B 196 -22.45 11.12 -1.19
C LEU B 196 -23.45 12.24 -0.93
N GLU B 197 -24.73 11.88 -0.75
CA GLU B 197 -25.73 12.90 -0.41
C GLU B 197 -25.46 13.50 0.96
N HIS B 198 -25.10 12.68 1.94
CA HIS B 198 -24.85 13.18 3.29
C HIS B 198 -23.65 14.11 3.33
N ALA B 199 -22.61 13.80 2.55
CA ALA B 199 -21.45 14.67 2.46
C ALA B 199 -21.73 15.96 1.70
N ARG B 200 -22.90 16.08 1.08
CA ARG B 200 -23.27 17.24 0.26
C ARG B 200 -22.28 17.43 -0.89
N ILE B 201 -21.83 16.32 -1.47
CA ILE B 201 -20.96 16.31 -2.63
C ILE B 201 -21.78 15.78 -3.81
N PRO B 202 -22.01 16.57 -4.85
CA PRO B 202 -22.77 16.06 -6.00
C PRO B 202 -22.09 14.86 -6.63
N ALA B 203 -22.89 13.84 -6.94
CA ALA B 203 -22.34 12.63 -7.56
C ALA B 203 -21.84 12.90 -8.96
N SER B 204 -22.49 13.80 -9.70
CA SER B 204 -22.07 14.12 -11.06
C SER B 204 -20.72 14.82 -11.09
N SER B 205 -20.31 15.46 -10.00
CA SER B 205 -19.03 16.16 -9.97
C SER B 205 -17.85 15.22 -9.77
N LEU B 206 -18.10 13.99 -9.33
CA LEU B 206 -17.04 13.02 -9.10
C LEU B 206 -16.86 12.06 -10.27
N ARG B 207 -17.61 12.22 -11.34
CA ARG B 207 -17.47 11.34 -12.50
C ARG B 207 -16.16 11.63 -13.21
N GLY B 208 -15.39 10.56 -13.49
CA GLY B 208 -14.09 10.70 -14.10
C GLY B 208 -12.97 11.07 -13.16
N GLU B 209 -13.24 11.18 -11.86
CA GLU B 209 -12.23 11.55 -10.89
C GLU B 209 -11.62 10.31 -10.26
N SER B 210 -10.47 10.50 -9.61
CA SER B 210 -9.73 9.42 -8.97
C SER B 210 -10.33 9.18 -7.58
N VAL B 211 -11.42 8.41 -7.55
CA VAL B 211 -12.12 8.07 -6.32
C VAL B 211 -11.91 6.58 -6.06
N GLY B 212 -11.39 6.27 -4.88
CA GLY B 212 -11.11 4.88 -4.51
C GLY B 212 -12.26 4.26 -3.73
N VAL B 213 -12.49 2.97 -3.99
CA VAL B 213 -13.56 2.21 -3.34
C VAL B 213 -12.92 1.04 -2.61
N TYR B 214 -13.21 0.91 -1.32
CA TYR B 214 -12.67 -0.17 -0.49
C TYR B 214 -13.80 -0.71 0.37
N ILE B 215 -14.35 -1.85 -0.04
CA ILE B 215 -15.50 -2.46 0.63
C ILE B 215 -15.08 -3.82 1.14
N GLY B 216 -15.40 -4.09 2.42
CA GLY B 216 -15.06 -5.37 3.02
C GLY B 216 -16.25 -6.31 3.03
N SER B 217 -16.01 -7.54 2.57
CA SER B 217 -17.03 -8.58 2.57
C SER B 217 -16.38 -9.90 2.98
N SER B 218 -17.20 -10.79 3.52
CA SER B 218 -16.70 -12.06 4.06
C SER B 218 -17.26 -13.29 3.38
N THR B 219 -18.57 -13.32 3.11
CA THR B 219 -19.22 -14.52 2.60
C THR B 219 -20.03 -14.19 1.36
N ASN B 220 -20.04 -15.13 0.41
CA ASN B 220 -20.90 -15.04 -0.77
C ASN B 220 -22.14 -15.90 -0.56
N ASP B 221 -23.04 -15.38 0.27
CA ASP B 221 -24.21 -16.15 0.67
C ASP B 221 -25.23 -16.26 -0.46
N TYR B 222 -25.36 -15.22 -1.29
CA TYR B 222 -26.34 -15.24 -2.37
C TYR B 222 -25.96 -16.23 -3.47
N SER B 223 -24.71 -16.68 -3.52
CA SER B 223 -24.30 -17.65 -4.52
C SER B 223 -25.02 -18.98 -4.34
N PHE B 224 -25.27 -19.38 -3.08
CA PHE B 224 -25.88 -20.68 -2.82
C PHE B 224 -27.29 -20.77 -3.41
N LEU B 225 -28.06 -19.68 -3.33
CA LEU B 225 -29.38 -19.68 -3.96
C LEU B 225 -29.28 -19.83 -5.46
N ALA B 226 -28.29 -19.19 -6.08
CA ALA B 226 -28.14 -19.27 -7.53
C ALA B 226 -27.84 -20.70 -7.98
N MET B 227 -26.97 -21.40 -7.25
CA MET B 227 -26.57 -22.74 -7.62
C MET B 227 -27.40 -23.82 -6.94
N SER B 228 -28.58 -23.48 -6.40
CA SER B 228 -29.46 -24.49 -5.84
C SER B 228 -29.86 -25.51 -6.89
N ASP B 229 -30.22 -25.04 -8.08
CA ASP B 229 -30.40 -25.91 -9.24
C ASP B 229 -29.38 -25.51 -10.29
N PRO B 230 -28.32 -26.30 -10.51
CA PRO B 230 -27.26 -25.87 -11.44
C PRO B 230 -27.73 -25.60 -12.85
N SER B 231 -28.72 -26.34 -13.33
CA SER B 231 -29.19 -26.15 -14.71
C SER B 231 -29.98 -24.85 -14.85
N ILE B 232 -30.85 -24.54 -13.88
CA ILE B 232 -31.67 -23.34 -13.97
C ILE B 232 -30.87 -22.08 -13.66
N ALA B 233 -29.66 -22.23 -13.12
CA ALA B 233 -28.85 -21.07 -12.80
C ALA B 233 -28.50 -20.29 -14.06
N HIS B 234 -28.62 -18.96 -13.97
CA HIS B 234 -28.36 -18.06 -15.10
C HIS B 234 -26.92 -17.57 -15.06
N PRO B 235 -26.31 -17.34 -16.23
CA PRO B 235 -24.93 -16.81 -16.24
C PRO B 235 -24.79 -15.43 -15.62
N TYR B 236 -25.88 -14.68 -15.45
CA TYR B 236 -25.80 -13.39 -14.79
C TYR B 236 -25.31 -13.49 -13.34
N ALA B 237 -25.52 -14.65 -12.71
CA ALA B 237 -25.08 -14.84 -11.33
C ALA B 237 -23.57 -14.75 -11.18
N ILE B 238 -22.81 -15.01 -12.25
CA ILE B 238 -21.36 -14.91 -12.19
C ILE B 238 -20.94 -13.50 -11.81
N THR B 239 -21.54 -12.50 -12.45
CA THR B 239 -21.26 -11.11 -12.11
C THR B 239 -22.09 -10.63 -10.92
N GLY B 240 -23.26 -11.21 -10.70
CA GLY B 240 -24.12 -10.76 -9.62
C GLY B 240 -23.77 -11.30 -8.26
N THR B 241 -22.87 -12.27 -8.16
CA THR B 241 -22.51 -12.86 -6.88
C THR B 241 -21.02 -12.82 -6.58
N ALA B 242 -20.19 -12.31 -7.48
CA ALA B 242 -18.76 -12.22 -7.23
C ALA B 242 -18.45 -11.12 -6.23
N SER B 243 -17.40 -11.35 -5.43
CA SER B 243 -17.04 -10.41 -4.36
C SER B 243 -16.40 -9.14 -4.90
N SER B 244 -15.57 -9.25 -5.95
CA SER B 244 -14.95 -8.06 -6.51
C SER B 244 -15.98 -7.14 -7.16
N ILE B 245 -17.07 -7.71 -7.68
CA ILE B 245 -18.11 -6.90 -8.30
C ILE B 245 -18.75 -5.95 -7.30
N ILE B 246 -18.70 -6.27 -6.01
CA ILE B 246 -19.30 -5.40 -4.99
C ILE B 246 -18.73 -3.99 -5.08
N ALA B 247 -17.41 -3.89 -5.31
CA ALA B 247 -16.79 -2.58 -5.51
C ALA B 247 -16.69 -2.20 -6.98
N ASN B 248 -16.55 -3.17 -7.88
CA ASN B 248 -16.42 -2.85 -9.30
C ASN B 248 -17.67 -2.21 -9.86
N ARG B 249 -18.85 -2.69 -9.46
CA ARG B 249 -20.10 -2.10 -9.92
C ARG B 249 -20.30 -0.70 -9.36
N VAL B 250 -19.88 -0.47 -8.11
CA VAL B 250 -19.94 0.88 -7.55
C VAL B 250 -19.05 1.83 -8.34
N SER B 251 -17.84 1.37 -8.67
CA SER B 251 -16.94 2.22 -9.47
C SER B 251 -17.50 2.45 -10.87
N TYR B 252 -18.13 1.44 -11.45
CA TYR B 252 -18.65 1.55 -12.81
C TYR B 252 -19.84 2.50 -12.88
N PHE B 253 -20.80 2.34 -11.97
CA PHE B 253 -22.02 3.15 -12.02
C PHE B 253 -21.72 4.62 -11.77
N TYR B 254 -20.84 4.92 -10.81
CA TYR B 254 -20.50 6.28 -10.48
C TYR B 254 -19.31 6.82 -11.27
N ASP B 255 -18.79 6.03 -12.21
CA ASP B 255 -17.69 6.46 -13.09
C ASP B 255 -16.46 6.87 -12.28
N PHE B 256 -16.12 6.08 -11.26
CA PHE B 256 -14.94 6.32 -10.45
C PHE B 256 -13.72 5.73 -11.14
N ARG B 257 -12.61 6.48 -11.10
CA ARG B 257 -11.38 6.09 -11.77
C ARG B 257 -10.26 5.71 -10.81
N GLY B 258 -10.56 5.59 -9.52
CA GLY B 258 -9.56 5.22 -8.55
C GLY B 258 -9.50 3.72 -8.33
N PRO B 259 -8.67 3.29 -7.38
CA PRO B 259 -8.59 1.85 -7.08
C PRO B 259 -9.93 1.30 -6.59
N SER B 260 -10.22 0.07 -6.98
CA SER B 260 -11.47 -0.60 -6.61
C SER B 260 -11.13 -2.04 -6.23
N VAL B 261 -11.06 -2.31 -4.93
CA VAL B 261 -10.71 -3.63 -4.43
C VAL B 261 -11.65 -3.99 -3.29
N ALA B 262 -11.93 -5.28 -3.16
CA ALA B 262 -12.72 -5.82 -2.06
C ALA B 262 -11.79 -6.62 -1.14
N VAL B 263 -11.82 -6.27 0.15
CA VAL B 263 -10.94 -6.90 1.12
C VAL B 263 -11.73 -7.95 1.90
N ASP B 264 -11.01 -8.85 2.55
CA ASP B 264 -11.62 -9.93 3.33
C ASP B 264 -10.69 -10.26 4.50
N THR B 265 -11.05 -9.78 5.69
CA THR B 265 -10.40 -10.14 6.95
C THR B 265 -11.44 -10.51 7.99
N ALA B 266 -12.44 -11.30 7.58
CA ALA B 266 -13.53 -11.75 8.43
C ALA B 266 -14.25 -10.61 9.15
N CYS B 267 -13.92 -10.40 10.43
CA CYS B 267 -14.62 -9.43 11.25
C CYS B 267 -13.91 -8.09 11.35
N SER B 268 -12.77 -7.92 10.69
CA SER B 268 -12.08 -6.64 10.63
C SER B 268 -12.02 -6.11 9.19
N SER B 269 -12.93 -6.60 8.34
CA SER B 269 -12.90 -6.23 6.93
C SER B 269 -13.14 -4.74 6.73
N SER B 270 -14.12 -4.18 7.45
CA SER B 270 -14.40 -2.76 7.31
C SER B 270 -13.25 -1.90 7.81
N LEU B 271 -12.66 -2.28 8.95
CA LEU B 271 -11.52 -1.53 9.48
C LEU B 271 -10.31 -1.64 8.56
N VAL B 272 -10.07 -2.83 8.00
CA VAL B 272 -8.96 -2.98 7.06
C VAL B 272 -9.20 -2.16 5.80
N ALA B 273 -10.44 -2.13 5.32
CA ALA B 273 -10.76 -1.30 4.16
C ALA B 273 -10.55 0.18 4.46
N THR B 274 -10.96 0.63 5.65
CA THR B 274 -10.74 2.02 6.03
C THR B 274 -9.25 2.34 6.13
N HIS B 275 -8.47 1.42 6.70
CA HIS B 275 -7.03 1.61 6.78
C HIS B 275 -6.40 1.70 5.39
N GLN B 276 -6.82 0.83 4.47
CA GLN B 276 -6.29 0.87 3.11
C GLN B 276 -6.68 2.16 2.42
N GLY B 277 -7.90 2.64 2.63
CA GLY B 277 -8.30 3.91 2.04
C GLY B 277 -7.49 5.08 2.58
N VAL B 278 -7.23 5.07 3.90
CA VAL B 278 -6.43 6.13 4.51
C VAL B 278 -5.00 6.10 3.96
N GLN B 279 -4.41 4.90 3.85
CA GLN B 279 -3.06 4.79 3.32
C GLN B 279 -3.00 5.22 1.86
N ALA B 280 -4.03 4.89 1.08
CA ALA B 280 -4.09 5.35 -0.29
C ALA B 280 -4.16 6.87 -0.35
N LEU B 281 -5.02 7.48 0.48
CA LEU B 281 -5.15 8.93 0.47
C LEU B 281 -3.86 9.63 0.87
N ARG B 282 -3.15 9.09 1.86
CA ARG B 282 -1.91 9.72 2.31
C ARG B 282 -0.82 9.64 1.24
N ALA B 283 -0.87 8.64 0.37
CA ALA B 283 0.15 8.43 -0.65
C ALA B 283 -0.27 8.90 -2.03
N GLY B 284 -0.99 10.01 -2.11
CA GLY B 284 -1.52 10.46 -3.39
C GLY B 284 -2.54 9.46 -3.89
N GLU B 285 -2.43 9.06 -5.15
CA GLU B 285 -3.06 7.84 -5.64
C GLU B 285 -4.58 7.89 -5.61
N ALA B 286 -5.13 8.95 -5.02
CA ALA B 286 -6.57 9.07 -4.81
C ALA B 286 -6.92 10.44 -4.24
N ASP B 287 -8.11 10.94 -4.55
CA ASP B 287 -8.60 12.19 -3.98
C ASP B 287 -9.76 11.99 -3.01
N VAL B 288 -10.67 11.06 -3.31
CA VAL B 288 -11.79 10.72 -2.44
C VAL B 288 -11.79 9.21 -2.25
N ALA B 289 -12.03 8.76 -1.02
CA ALA B 289 -12.03 7.35 -0.69
C ALA B 289 -13.39 6.95 -0.13
N ILE B 290 -13.97 5.89 -0.68
CA ILE B 290 -15.23 5.34 -0.21
C ILE B 290 -14.90 4.01 0.47
N VAL B 291 -15.12 3.95 1.79
CA VAL B 291 -14.77 2.78 2.58
C VAL B 291 -15.99 2.32 3.34
N GLY B 292 -16.02 1.02 3.66
CA GLY B 292 -17.12 0.46 4.43
C GLY B 292 -17.12 -1.05 4.32
N GLY B 293 -18.26 -1.63 4.68
CA GLY B 293 -18.43 -3.07 4.61
C GLY B 293 -19.90 -3.44 4.62
N VAL B 294 -20.20 -4.61 4.06
CA VAL B 294 -21.57 -5.09 3.95
C VAL B 294 -21.63 -6.54 4.40
N ASN B 295 -22.81 -6.96 4.81
CA ASN B 295 -23.04 -8.34 5.25
C ASN B 295 -24.53 -8.64 5.13
N ALA B 296 -24.84 -9.82 4.58
CA ALA B 296 -26.22 -10.23 4.38
C ALA B 296 -26.40 -11.66 4.86
N LEU B 297 -27.50 -11.91 5.58
CA LEU B 297 -27.82 -13.25 6.07
C LEU B 297 -28.85 -13.86 5.11
N VAL B 298 -28.35 -14.37 3.99
CA VAL B 298 -29.23 -14.90 2.95
C VAL B 298 -29.65 -16.34 3.25
N THR B 299 -28.71 -17.17 3.66
CA THR B 299 -28.99 -18.58 3.93
C THR B 299 -28.62 -18.93 5.36
N PRO B 300 -29.28 -19.93 5.95
CA PRO B 300 -28.98 -20.31 7.34
C PRO B 300 -27.79 -21.25 7.50
N LEU B 301 -26.97 -21.45 6.46
CA LEU B 301 -25.88 -22.41 6.56
C LEU B 301 -24.85 -21.97 7.59
N VAL B 302 -24.45 -20.71 7.57
CA VAL B 302 -23.44 -20.22 8.51
C VAL B 302 -23.97 -20.23 9.94
N THR B 303 -25.22 -19.81 10.12
CA THR B 303 -25.81 -19.82 11.46
C THR B 303 -25.93 -21.24 12.00
N VAL B 304 -26.37 -22.18 11.16
CA VAL B 304 -26.48 -23.57 11.59
C VAL B 304 -25.10 -24.13 11.94
N GLY B 305 -24.09 -23.83 11.12
CA GLY B 305 -22.75 -24.29 11.43
C GLY B 305 -22.22 -23.74 12.75
N PHE B 306 -22.41 -22.43 12.97
CA PHE B 306 -21.96 -21.83 14.22
C PHE B 306 -22.71 -22.39 15.43
N ASP B 307 -24.01 -22.67 15.27
CA ASP B 307 -24.75 -23.32 16.34
C ASP B 307 -24.24 -24.73 16.60
N GLU B 308 -23.89 -25.45 15.55
CA GLU B 308 -23.35 -26.81 15.71
C GLU B 308 -21.97 -26.79 16.34
N VAL B 309 -21.22 -25.69 16.18
CA VAL B 309 -19.92 -25.58 16.85
C VAL B 309 -20.10 -25.64 18.37
N GLY B 310 -21.08 -24.89 18.88
CA GLY B 310 -21.36 -24.92 20.31
C GLY B 310 -20.58 -23.88 21.09
N GLY B 311 -21.26 -23.20 22.01
CA GLY B 311 -20.60 -22.21 22.85
C GLY B 311 -20.20 -20.94 22.13
N VAL B 312 -20.81 -20.65 20.99
CA VAL B 312 -20.50 -19.46 20.21
C VAL B 312 -21.66 -18.48 20.18
N LEU B 313 -22.88 -18.98 20.01
CA LEU B 313 -24.07 -18.14 19.90
C LEU B 313 -24.76 -18.02 21.24
N ALA B 314 -25.14 -16.80 21.59
CA ALA B 314 -25.84 -16.57 22.85
C ALA B 314 -27.23 -17.20 22.79
N PRO B 315 -27.67 -17.87 23.87
CA PRO B 315 -29.00 -18.50 23.85
C PRO B 315 -30.13 -17.52 23.66
N ASP B 316 -30.01 -16.30 24.18
CA ASP B 316 -31.07 -15.30 24.06
C ASP B 316 -30.83 -14.31 22.94
N GLY B 317 -29.69 -14.38 22.26
CA GLY B 317 -29.41 -13.53 21.13
C GLY B 317 -28.85 -12.16 21.47
N ARG B 318 -28.72 -11.82 22.75
CA ARG B 318 -28.20 -10.53 23.15
C ARG B 318 -26.70 -10.60 23.38
N ILE B 319 -26.01 -9.54 22.98
CA ILE B 319 -24.57 -9.41 23.19
C ILE B 319 -24.35 -8.60 24.46
N LYS B 320 -23.85 -9.25 25.50
CA LYS B 320 -23.59 -8.60 26.78
C LYS B 320 -22.09 -8.33 26.88
N SER B 321 -21.68 -7.20 26.28
CA SER B 321 -20.26 -6.87 26.21
C SER B 321 -19.73 -6.51 27.59
N PHE B 322 -18.65 -7.19 27.99
CA PHE B 322 -17.95 -6.93 29.25
C PHE B 322 -18.86 -7.10 30.46
N SER B 323 -19.90 -7.90 30.34
CA SER B 323 -20.84 -8.14 31.43
C SER B 323 -20.52 -9.46 32.13
N SER B 324 -21.09 -9.62 33.33
CA SER B 324 -20.86 -10.81 34.12
C SER B 324 -21.60 -12.04 33.59
N ASP B 325 -22.53 -11.85 32.65
CA ASP B 325 -23.32 -12.95 32.10
C ASP B 325 -23.15 -13.08 30.59
N ALA B 326 -21.97 -12.71 30.07
CA ALA B 326 -21.71 -12.83 28.65
C ALA B 326 -21.60 -14.30 28.25
N ASP B 327 -22.40 -14.71 27.27
CA ASP B 327 -22.46 -16.10 26.85
C ASP B 327 -22.52 -16.23 25.34
N GLY B 328 -21.90 -15.31 24.63
CA GLY B 328 -21.81 -15.37 23.18
C GLY B 328 -22.40 -14.14 22.52
N TYR B 329 -22.60 -14.26 21.21
CA TYR B 329 -23.11 -13.17 20.39
C TYR B 329 -24.16 -13.72 19.42
N ALA B 330 -24.68 -12.82 18.58
CA ALA B 330 -25.63 -13.18 17.55
C ALA B 330 -25.26 -12.50 16.25
N ARG B 331 -25.50 -13.19 15.13
CA ARG B 331 -25.13 -12.68 13.82
C ARG B 331 -26.18 -11.71 13.31
N SER B 332 -25.72 -10.63 12.67
CA SER B 332 -26.58 -9.59 12.13
C SER B 332 -26.13 -9.22 10.73
N GLU B 333 -27.03 -8.57 9.99
CA GLU B 333 -26.77 -8.17 8.62
C GLU B 333 -26.99 -6.67 8.47
N GLY B 334 -26.23 -6.07 7.57
CA GLY B 334 -26.31 -4.64 7.34
C GLY B 334 -25.08 -4.14 6.60
N GLY B 335 -24.91 -2.83 6.62
CA GLY B 335 -23.77 -2.22 5.95
C GLY B 335 -23.66 -0.75 6.29
N GLY B 336 -22.49 -0.19 5.98
CA GLY B 336 -22.24 1.22 6.20
C GLY B 336 -21.11 1.70 5.33
N MET B 337 -21.09 3.01 5.07
CA MET B 337 -20.08 3.61 4.22
C MET B 337 -19.59 4.92 4.82
N LEU B 338 -18.35 5.28 4.48
CA LEU B 338 -17.76 6.55 4.87
C LEU B 338 -17.10 7.19 3.66
N VAL B 339 -17.11 8.52 3.64
CA VAL B 339 -16.46 9.30 2.60
C VAL B 339 -15.24 9.97 3.20
N LEU B 340 -14.06 9.66 2.67
CA LEU B 340 -12.80 10.11 3.24
C LEU B 340 -12.07 11.01 2.25
N LYS B 341 -11.58 12.14 2.77
CA LYS B 341 -10.79 13.08 1.99
C LYS B 341 -9.65 13.60 2.86
N ARG B 342 -8.59 14.07 2.20
CA ARG B 342 -7.53 14.74 2.93
C ARG B 342 -8.05 16.02 3.55
N ILE B 343 -7.58 16.32 4.76
CA ILE B 343 -8.16 17.42 5.54
C ILE B 343 -7.92 18.76 4.85
N SER B 344 -6.78 18.92 4.16
CA SER B 344 -6.56 20.15 3.41
C SER B 344 -7.57 20.28 2.26
N ASP B 345 -7.84 19.17 1.56
CA ASP B 345 -8.82 19.21 0.48
C ASP B 345 -10.21 19.52 1.01
N ALA B 346 -10.58 18.92 2.14
CA ALA B 346 -11.88 19.20 2.75
C ALA B 346 -11.99 20.65 3.17
N ARG B 347 -10.91 21.20 3.74
CA ARG B 347 -10.92 22.61 4.14
C ARG B 347 -11.05 23.53 2.93
N ARG B 348 -10.34 23.22 1.84
CA ARG B 348 -10.38 24.10 0.67
C ARG B 348 -11.69 23.96 -0.10
N ASP B 349 -12.37 22.81 0.01
CA ASP B 349 -13.61 22.58 -0.71
C ASP B 349 -14.85 22.98 0.08
N GLY B 350 -14.68 23.47 1.30
CA GLY B 350 -15.82 23.90 2.09
C GLY B 350 -16.65 22.78 2.68
N ASP B 351 -16.13 21.55 2.68
CA ASP B 351 -16.87 20.44 3.26
C ASP B 351 -16.93 20.55 4.77
N GLN B 352 -17.99 20.00 5.35
CA GLN B 352 -18.18 19.99 6.80
C GLN B 352 -17.51 18.73 7.36
N ILE B 353 -16.45 18.92 8.12
CA ILE B 353 -15.69 17.79 8.67
C ILE B 353 -16.43 17.26 9.90
N LEU B 354 -16.82 15.99 9.85
CA LEU B 354 -17.52 15.38 10.97
C LEU B 354 -16.53 14.85 12.02
N ALA B 355 -15.48 14.18 11.55
CA ALA B 355 -14.46 13.63 12.44
C ALA B 355 -13.16 13.53 11.67
N VAL B 356 -12.07 13.35 12.41
CA VAL B 356 -10.72 13.28 11.85
C VAL B 356 -10.11 11.95 12.23
N ILE B 357 -9.55 11.26 11.24
CA ILE B 357 -8.84 10.00 11.45
C ILE B 357 -7.35 10.31 11.52
N ALA B 358 -6.74 10.04 12.67
CA ALA B 358 -5.34 10.37 12.89
C ALA B 358 -4.41 9.27 12.41
N GLY B 359 -4.77 8.00 12.60
CA GLY B 359 -3.94 6.91 12.15
C GLY B 359 -4.62 5.58 12.38
N SER B 360 -4.01 4.54 11.82
CA SER B 360 -4.52 3.19 11.93
C SER B 360 -3.39 2.21 11.66
N ALA B 361 -3.63 0.95 12.04
CA ALA B 361 -2.64 -0.10 11.83
C ALA B 361 -3.34 -1.45 11.80
N VAL B 362 -2.71 -2.41 11.13
CA VAL B 362 -3.23 -3.77 11.02
C VAL B 362 -2.08 -4.75 11.22
N ASN B 363 -2.38 -5.91 11.78
CA ASN B 363 -1.40 -6.97 11.99
C ASN B 363 -2.15 -8.30 12.10
N HIS B 364 -1.43 -9.33 12.54
CA HIS B 364 -2.01 -10.66 12.71
C HIS B 364 -1.56 -11.24 14.04
N ASP B 365 -2.37 -12.18 14.56
CA ASP B 365 -2.06 -12.81 15.84
C ASP B 365 -0.80 -13.67 15.76
N GLY B 366 -0.60 -14.36 14.65
CA GLY B 366 0.50 -15.30 14.56
C GLY B 366 0.10 -16.68 15.06
N ARG B 367 1.05 -17.37 15.68
CA ARG B 367 0.81 -18.70 16.23
C ARG B 367 0.25 -18.55 17.63
N SER B 368 -1.07 -18.50 17.74
CA SER B 368 -1.76 -18.40 19.01
C SER B 368 -2.15 -19.80 19.49
N ASN B 369 -2.96 -19.86 20.55
CA ASN B 369 -3.43 -21.13 21.08
C ASN B 369 -4.61 -21.65 20.25
N GLY B 370 -4.33 -21.86 18.97
CA GLY B 370 -5.34 -22.25 18.01
C GLY B 370 -5.62 -21.14 17.01
N LEU B 371 -6.22 -21.53 15.88
CA LEU B 371 -6.52 -20.57 14.83
C LEU B 371 -7.54 -19.54 15.27
N LEU B 372 -8.55 -19.94 16.03
CA LEU B 372 -9.64 -19.07 16.44
C LEU B 372 -9.39 -18.41 17.79
N ALA B 373 -8.22 -18.62 18.40
CA ALA B 373 -7.95 -18.05 19.71
C ALA B 373 -7.28 -16.69 19.57
N PRO B 374 -7.85 -15.64 20.14
CA PRO B 374 -7.20 -14.32 20.08
C PRO B 374 -5.92 -14.28 20.90
N ASN B 375 -5.00 -13.42 20.48
CA ASN B 375 -3.71 -13.26 21.13
C ASN B 375 -3.60 -11.86 21.73
N PRO B 376 -3.52 -11.72 23.06
CA PRO B 376 -3.41 -10.37 23.64
C PRO B 376 -2.16 -9.62 23.22
N ASP B 377 -1.04 -10.33 23.01
CA ASP B 377 0.20 -9.66 22.62
C ASP B 377 0.06 -8.98 21.26
N ALA B 378 -0.57 -9.65 20.29
CA ALA B 378 -0.78 -9.04 18.99
C ALA B 378 -1.71 -7.83 19.07
N GLN B 379 -2.74 -7.92 19.90
CA GLN B 379 -3.63 -6.77 20.08
C GLN B 379 -2.90 -5.58 20.71
N ALA B 380 -2.05 -5.85 21.70
CA ALA B 380 -1.26 -4.77 22.28
C ALA B 380 -0.31 -4.17 21.25
N GLU B 381 0.31 -5.02 20.43
CA GLU B 381 1.21 -4.52 19.40
C GLU B 381 0.48 -3.68 18.36
N VAL B 382 -0.73 -4.11 17.96
CA VAL B 382 -1.46 -3.31 16.98
C VAL B 382 -1.94 -2.00 17.59
N LEU B 383 -2.31 -2.00 18.87
CA LEU B 383 -2.65 -0.74 19.52
C LEU B 383 -1.45 0.21 19.54
N ARG B 384 -0.27 -0.30 19.91
CA ARG B 384 0.93 0.53 19.91
C ARG B 384 1.25 1.05 18.52
N LYS B 385 1.14 0.19 17.51
CA LYS B 385 1.44 0.60 16.13
C LYS B 385 0.46 1.66 15.65
N ALA B 386 -0.83 1.48 15.95
CA ALA B 386 -1.84 2.45 15.52
C ALA B 386 -1.64 3.79 16.19
N TYR B 387 -1.32 3.79 17.49
CA TYR B 387 -1.12 5.06 18.18
C TYR B 387 0.21 5.71 17.82
N LYS B 388 1.21 4.91 17.41
CA LYS B 388 2.42 5.50 16.86
C LYS B 388 2.16 6.15 15.51
N ASP B 389 1.36 5.49 14.67
CA ASP B 389 1.02 6.07 13.37
C ASP B 389 0.19 7.33 13.53
N ALA B 390 -0.74 7.33 14.49
CA ALA B 390 -1.61 8.48 14.70
C ALA B 390 -0.89 9.65 15.36
N GLY B 391 0.26 9.40 15.99
CA GLY B 391 0.97 10.46 16.66
C GLY B 391 0.32 10.93 17.95
N ILE B 392 -0.41 10.06 18.63
CA ILE B 392 -1.15 10.41 19.84
C ILE B 392 -0.76 9.45 20.95
N ASN B 393 -0.49 9.99 22.13
CA ASN B 393 -0.19 9.16 23.29
C ASN B 393 -1.45 8.40 23.71
N PRO B 394 -1.37 7.08 23.90
CA PRO B 394 -2.56 6.32 24.29
C PRO B 394 -3.14 6.72 25.64
N ARG B 395 -2.36 7.40 26.49
CA ARG B 395 -2.88 7.84 27.79
C ARG B 395 -3.95 8.91 27.65
N ASP B 396 -4.01 9.60 26.52
CA ASP B 396 -4.96 10.69 26.32
C ASP B 396 -6.29 10.24 25.72
N VAL B 397 -6.47 8.94 25.50
CA VAL B 397 -7.70 8.45 24.89
C VAL B 397 -8.85 8.56 25.88
N ASP B 398 -9.98 9.11 25.42
CA ASP B 398 -11.17 9.27 26.25
C ASP B 398 -12.10 8.07 26.17
N TYR B 399 -12.31 7.52 24.98
CA TYR B 399 -13.27 6.46 24.78
C TYR B 399 -12.67 5.40 23.86
N ILE B 400 -12.99 4.14 24.13
CA ILE B 400 -12.53 3.02 23.32
C ILE B 400 -13.74 2.26 22.82
N GLU B 401 -13.89 2.18 21.50
CA GLU B 401 -14.92 1.35 20.87
C GLU B 401 -14.33 -0.04 20.68
N ALA B 402 -14.58 -0.92 21.66
CA ALA B 402 -13.95 -2.23 21.70
C ALA B 402 -14.64 -3.20 20.74
N HIS B 403 -14.03 -4.38 20.59
CA HIS B 403 -14.62 -5.42 19.77
C HIS B 403 -15.97 -5.85 20.33
N GLY B 404 -16.01 -6.17 21.62
CA GLY B 404 -17.26 -6.41 22.32
C GLY B 404 -18.14 -7.50 21.77
N THR B 405 -17.56 -8.67 21.47
CA THR B 405 -18.35 -9.79 20.98
C THR B 405 -19.14 -10.49 22.08
N GLY B 406 -18.95 -10.12 23.34
CA GLY B 406 -19.70 -10.73 24.41
C GLY B 406 -19.32 -12.14 24.75
N THR B 407 -18.08 -12.54 24.50
CA THR B 407 -17.60 -13.87 24.86
C THR B 407 -16.96 -13.81 26.25
N ILE B 408 -17.19 -14.86 27.04
CA ILE B 408 -16.66 -14.90 28.39
C ILE B 408 -15.14 -15.06 28.39
N LEU B 409 -14.55 -15.44 27.26
CA LEU B 409 -13.12 -15.67 27.19
C LEU B 409 -12.35 -14.60 26.43
N GLY B 410 -12.98 -13.94 25.46
CA GLY B 410 -12.29 -12.95 24.65
C GLY B 410 -12.30 -11.56 25.25
N ASP B 411 -13.36 -11.23 25.99
CA ASP B 411 -13.43 -9.94 26.66
C ASP B 411 -12.30 -9.74 27.68
N PRO B 412 -11.97 -10.72 28.53
CA PRO B 412 -10.78 -10.53 29.38
C PRO B 412 -9.50 -10.31 28.61
N ILE B 413 -9.34 -10.98 27.47
CA ILE B 413 -8.13 -10.78 26.66
C ILE B 413 -8.07 -9.37 26.11
N GLU B 414 -9.19 -8.88 25.58
CA GLU B 414 -9.23 -7.52 25.05
C GLU B 414 -9.00 -6.50 26.15
N ALA B 415 -9.60 -6.71 27.32
CA ALA B 415 -9.38 -5.79 28.44
C ALA B 415 -7.93 -5.81 28.90
N ASP B 416 -7.30 -6.99 28.91
CA ASP B 416 -5.89 -7.08 29.26
C ASP B 416 -5.02 -6.32 28.27
N ALA B 417 -5.31 -6.44 26.97
CA ALA B 417 -4.55 -5.70 25.97
C ALA B 417 -4.74 -4.20 26.14
N LEU B 418 -5.98 -3.76 26.37
CA LEU B 418 -6.24 -2.33 26.55
C LEU B 418 -5.52 -1.79 27.78
N GLY B 419 -5.52 -2.56 28.88
CA GLY B 419 -4.77 -2.15 30.06
C GLY B 419 -3.28 -2.14 29.82
N ARG B 420 -2.77 -3.07 29.01
CA ARG B 420 -1.36 -3.06 28.67
C ARG B 420 -0.97 -1.80 27.92
N ILE B 421 -1.81 -1.37 26.96
CA ILE B 421 -1.44 -0.25 26.11
C ILE B 421 -2.17 1.03 26.52
N VAL B 422 -3.50 1.02 26.40
CA VAL B 422 -4.27 2.25 26.60
C VAL B 422 -4.27 2.66 28.06
N GLY B 423 -4.52 1.70 28.95
CA GLY B 423 -4.68 2.01 30.37
C GLY B 423 -3.42 2.10 31.19
N LYS B 424 -2.25 1.92 30.58
CA LYS B 424 -1.01 1.94 31.34
C LYS B 424 -0.61 3.38 31.65
N GLY B 425 -0.29 3.63 32.93
CA GLY B 425 0.15 4.93 33.37
C GLY B 425 -0.93 5.91 33.74
N ARG B 426 -2.19 5.56 33.55
CA ARG B 426 -3.28 6.46 33.88
C ARG B 426 -3.50 6.53 35.39
N PRO B 427 -3.90 7.69 35.90
CA PRO B 427 -4.32 7.76 37.31
C PRO B 427 -5.67 7.07 37.50
N ALA B 428 -5.94 6.73 38.76
CA ALA B 428 -7.15 5.98 39.08
C ALA B 428 -8.43 6.77 38.80
N ASP B 429 -8.35 8.09 38.77
CA ASP B 429 -9.53 8.93 38.57
C ASP B 429 -9.73 9.33 37.11
N LYS B 430 -8.89 8.84 36.20
CA LYS B 430 -8.99 9.14 34.77
C LYS B 430 -8.93 7.85 33.97
N PRO B 431 -9.99 7.05 34.01
CA PRO B 431 -10.04 5.81 33.23
C PRO B 431 -10.53 6.06 31.82
N ALA B 432 -10.17 5.12 30.94
CA ALA B 432 -10.64 5.15 29.56
C ALA B 432 -12.02 4.51 29.47
N LEU B 433 -12.99 5.27 28.98
CA LEU B 433 -14.36 4.78 28.88
C LEU B 433 -14.45 3.69 27.82
N LEU B 434 -15.26 2.67 28.09
CA LEU B 434 -15.34 1.48 27.26
C LEU B 434 -16.78 1.21 26.86
N GLY B 435 -16.96 0.74 25.63
CA GLY B 435 -18.29 0.40 25.14
C GLY B 435 -18.18 -0.35 23.83
N ALA B 436 -19.34 -0.82 23.35
CA ALA B 436 -19.39 -1.57 22.11
C ALA B 436 -20.77 -1.40 21.48
N VAL B 437 -20.79 -1.26 20.15
CA VAL B 437 -22.07 -1.12 19.43
C VAL B 437 -22.70 -2.47 19.12
N LYS B 438 -21.97 -3.57 19.31
CA LYS B 438 -22.54 -4.89 19.10
C LYS B 438 -23.62 -5.20 20.14
N SER B 439 -23.57 -4.55 21.30
CA SER B 439 -24.64 -4.71 22.28
C SER B 439 -25.96 -4.17 21.75
N ASN B 440 -25.92 -3.19 20.87
CA ASN B 440 -27.12 -2.61 20.27
C ASN B 440 -27.51 -3.30 18.97
N LEU B 441 -26.56 -3.41 18.03
CA LEU B 441 -26.87 -3.88 16.69
C LEU B 441 -26.59 -5.36 16.48
N GLY B 442 -25.88 -6.02 17.39
CA GLY B 442 -25.46 -7.38 17.16
C GLY B 442 -24.11 -7.43 16.48
N HIS B 443 -23.72 -8.64 16.09
CA HIS B 443 -22.42 -8.87 15.47
C HIS B 443 -22.60 -8.81 13.95
N LEU B 444 -22.32 -7.65 13.37
CA LEU B 444 -22.22 -7.51 11.91
C LEU B 444 -20.86 -8.05 11.51
N GLU B 445 -20.86 -9.21 10.84
CA GLU B 445 -19.61 -9.93 10.61
C GLU B 445 -18.61 -9.08 9.84
N SER B 446 -18.94 -8.72 8.60
CA SER B 446 -18.04 -7.92 7.79
C SER B 446 -18.34 -6.43 7.89
N ALA B 447 -19.32 -6.03 8.69
CA ALA B 447 -19.72 -4.62 8.81
C ALA B 447 -19.61 -4.09 10.24
N ALA B 448 -18.93 -4.81 11.14
CA ALA B 448 -18.75 -4.32 12.49
C ALA B 448 -17.93 -3.05 12.52
N GLY B 449 -16.85 -3.01 11.72
CA GLY B 449 -16.02 -1.82 11.67
C GLY B 449 -16.76 -0.61 11.15
N ALA B 450 -17.61 -0.80 10.13
CA ALA B 450 -18.40 0.31 9.60
C ALA B 450 -19.36 0.86 10.64
N ALA B 451 -20.05 -0.04 11.35
CA ALA B 451 -20.97 0.41 12.40
C ALA B 451 -20.23 1.14 13.51
N SER B 452 -19.08 0.62 13.94
CA SER B 452 -18.31 1.27 15.00
C SER B 452 -17.81 2.64 14.55
N LEU B 453 -17.32 2.74 13.32
CA LEU B 453 -16.86 4.02 12.81
C LEU B 453 -17.99 5.03 12.70
N ALA B 454 -19.16 4.59 12.23
CA ALA B 454 -20.30 5.49 12.16
C ALA B 454 -20.73 5.95 13.54
N LYS B 455 -20.76 5.04 14.51
CA LYS B 455 -21.12 5.41 15.87
C LYS B 455 -20.15 6.43 16.45
N MET B 456 -18.85 6.21 16.26
CA MET B 456 -17.88 7.14 16.81
C MET B 456 -17.88 8.47 16.08
N THR B 457 -18.12 8.47 14.77
CA THR B 457 -18.23 9.73 14.03
C THR B 457 -19.44 10.53 14.52
N LEU B 458 -20.57 9.86 14.73
CA LEU B 458 -21.74 10.57 15.26
C LEU B 458 -21.49 11.07 16.67
N ALA B 459 -20.81 10.27 17.50
CA ALA B 459 -20.50 10.71 18.86
C ALA B 459 -19.60 11.92 18.87
N LEU B 460 -18.56 11.93 18.03
CA LEU B 460 -17.67 13.08 17.94
C LEU B 460 -18.39 14.31 17.40
N ALA B 461 -19.24 14.12 16.39
CA ALA B 461 -19.93 15.25 15.80
C ALA B 461 -20.97 15.85 16.75
N ASN B 462 -21.67 15.01 17.49
CA ASN B 462 -22.74 15.47 18.37
C ASN B 462 -22.29 15.72 19.80
N ASP B 463 -21.00 15.49 20.11
CA ASP B 463 -20.44 15.80 21.42
C ASP B 463 -21.17 15.06 22.55
N LYS B 464 -21.45 13.78 22.33
CA LYS B 464 -22.08 12.94 23.34
C LYS B 464 -21.59 11.51 23.21
N LEU B 465 -21.63 10.78 24.31
CA LEU B 465 -21.23 9.38 24.33
C LEU B 465 -22.45 8.50 24.57
N PRO B 466 -22.89 7.72 23.58
CA PRO B 466 -24.06 6.86 23.78
C PRO B 466 -23.76 5.75 24.77
N PRO B 467 -24.76 5.25 25.48
CA PRO B 467 -24.53 4.20 26.48
C PRO B 467 -24.32 2.84 25.83
N SER B 468 -23.81 1.92 26.63
CA SER B 468 -23.68 0.52 26.26
C SER B 468 -24.71 -0.29 27.02
N ILE B 469 -25.46 -1.13 26.32
CA ILE B 469 -26.60 -1.80 26.89
C ILE B 469 -26.24 -3.27 27.16
N ASN B 470 -27.15 -3.98 27.83
CA ASN B 470 -26.96 -5.37 28.22
C ASN B 470 -25.74 -5.53 29.13
N TYR B 471 -25.59 -4.61 30.08
CA TYR B 471 -24.50 -4.60 31.04
C TYR B 471 -25.08 -4.77 32.43
N ALA B 472 -25.16 -6.01 32.89
CA ALA B 472 -25.66 -6.28 34.25
C ALA B 472 -24.64 -5.92 35.31
N GLY B 473 -23.35 -6.13 35.03
CA GLY B 473 -22.31 -5.82 35.98
C GLY B 473 -20.93 -6.12 35.42
N PRO B 474 -19.89 -5.73 36.16
CA PRO B 474 -18.52 -5.96 35.69
C PRO B 474 -18.19 -7.45 35.62
N ASN B 475 -17.34 -7.79 34.66
CA ASN B 475 -16.89 -9.16 34.53
C ASN B 475 -16.01 -9.53 35.72
N PRO B 476 -16.31 -10.62 36.44
CA PRO B 476 -15.47 -10.98 37.59
C PRO B 476 -14.03 -11.29 37.21
N TYR B 477 -13.76 -11.72 35.98
CA TYR B 477 -12.40 -12.03 35.55
C TYR B 477 -11.65 -10.81 35.04
N ILE B 478 -12.27 -9.64 35.04
CA ILE B 478 -11.64 -8.40 34.58
C ILE B 478 -11.56 -7.45 35.75
N ASP B 479 -10.35 -6.96 36.04
CA ASP B 479 -10.14 -5.98 37.10
C ASP B 479 -10.08 -4.60 36.45
N PHE B 480 -11.25 -3.97 36.32
CA PHE B 480 -11.34 -2.72 35.59
C PHE B 480 -10.52 -1.61 36.26
N GLU B 481 -10.48 -1.59 37.59
CA GLU B 481 -9.70 -0.58 38.29
C GLU B 481 -8.21 -0.71 37.98
N LYS B 482 -7.70 -1.94 37.96
CA LYS B 482 -6.29 -2.15 37.65
C LYS B 482 -5.99 -1.82 36.18
N GLU B 483 -6.90 -2.20 35.28
CA GLU B 483 -6.70 -1.93 33.86
C GLU B 483 -6.99 -0.48 33.49
N ARG B 484 -7.50 0.32 34.43
CA ARG B 484 -7.85 1.72 34.18
C ARG B 484 -8.91 1.84 33.07
N LEU B 485 -9.92 0.99 33.14
CA LEU B 485 -11.01 0.97 32.19
C LEU B 485 -12.35 1.09 32.91
N LYS B 486 -13.33 1.66 32.23
CA LYS B 486 -14.66 1.82 32.79
C LYS B 486 -15.69 1.67 31.68
N VAL B 487 -16.74 0.91 31.93
CA VAL B 487 -17.79 0.67 30.95
C VAL B 487 -18.79 1.81 31.03
N ASN B 488 -19.04 2.47 29.90
CA ASN B 488 -20.00 3.57 29.82
C ASN B 488 -21.38 3.00 29.53
N ASP B 489 -22.19 2.84 30.58
CA ASP B 489 -23.53 2.30 30.45
C ASP B 489 -24.61 3.36 30.50
N THR B 490 -24.24 4.64 30.51
CA THR B 490 -25.18 5.75 30.54
C THR B 490 -24.73 6.80 29.54
N VAL B 491 -25.59 7.80 29.32
CA VAL B 491 -25.26 8.92 28.46
C VAL B 491 -24.38 9.88 29.25
N SER B 492 -23.18 10.15 28.72
CA SER B 492 -22.21 10.98 29.42
C SER B 492 -21.45 11.84 28.42
N ASP B 493 -20.84 12.90 28.94
CA ASP B 493 -20.04 13.82 28.13
C ASP B 493 -18.64 13.25 27.93
N TRP B 494 -17.95 13.82 26.95
CA TRP B 494 -16.55 13.45 26.71
C TRP B 494 -15.68 13.95 27.86
N PRO B 495 -14.92 13.09 28.52
CA PRO B 495 -14.03 13.57 29.59
C PRO B 495 -12.99 14.57 29.12
N ARG B 496 -12.47 14.40 27.90
CA ARG B 496 -11.46 15.29 27.33
C ARG B 496 -10.26 15.43 28.26
N TYR B 497 -9.57 14.30 28.47
CA TYR B 497 -8.40 14.31 29.34
C TYR B 497 -7.30 15.20 28.79
N SER B 498 -7.09 15.17 27.47
CA SER B 498 -6.06 15.96 26.82
C SER B 498 -6.58 17.30 26.32
N GLY B 499 -7.83 17.64 26.63
CA GLY B 499 -8.45 18.86 26.16
C GLY B 499 -9.26 18.70 24.90
N LYS B 500 -9.10 17.59 24.19
CA LYS B 500 -9.87 17.31 22.98
C LYS B 500 -10.32 15.86 23.01
N ALA B 501 -11.40 15.58 22.28
CA ALA B 501 -11.97 14.25 22.26
C ALA B 501 -11.14 13.33 21.36
N ILE B 502 -10.67 12.22 21.94
CA ILE B 502 -9.89 11.23 21.21
C ILE B 502 -10.50 9.86 21.47
N ALA B 503 -10.71 9.10 20.41
CA ALA B 503 -11.37 7.81 20.50
C ALA B 503 -10.61 6.78 19.66
N GLY B 504 -10.75 5.52 20.05
CA GLY B 504 -10.14 4.42 19.31
C GLY B 504 -11.16 3.34 19.00
N VAL B 505 -11.05 2.79 17.80
CA VAL B 505 -11.95 1.76 17.31
C VAL B 505 -11.14 0.50 17.04
N SER B 506 -11.56 -0.61 17.64
CA SER B 506 -10.86 -1.89 17.52
C SER B 506 -11.78 -2.93 16.89
N GLY B 507 -11.17 -3.87 16.17
CA GLY B 507 -11.89 -4.96 15.56
C GLY B 507 -10.98 -6.10 15.18
N PHE B 508 -11.32 -7.33 15.57
CA PHE B 508 -10.50 -8.50 15.35
C PHE B 508 -11.31 -9.58 14.66
N GLY B 509 -10.78 -10.12 13.57
CA GLY B 509 -11.41 -11.25 12.92
C GLY B 509 -11.09 -12.55 13.62
N PHE B 510 -11.92 -13.57 13.36
CA PHE B 510 -11.72 -14.86 14.00
C PHE B 510 -10.52 -15.61 13.46
N GLY B 511 -9.95 -15.17 12.33
CA GLY B 511 -8.76 -15.76 11.78
C GLY B 511 -7.45 -15.23 12.32
N GLY B 512 -7.48 -14.21 13.17
CA GLY B 512 -6.29 -13.63 13.76
C GLY B 512 -5.94 -12.25 13.25
N ALA B 513 -6.72 -11.68 12.34
CA ALA B 513 -6.42 -10.35 11.81
C ALA B 513 -6.95 -9.28 12.75
N ASN B 514 -6.09 -8.34 13.13
CA ASN B 514 -6.44 -7.28 14.06
C ASN B 514 -6.30 -5.92 13.38
N ALA B 515 -7.12 -4.97 13.83
CA ALA B 515 -7.07 -3.62 13.30
C ALA B 515 -7.48 -2.64 14.39
N HIS B 516 -6.97 -1.42 14.29
CA HIS B 516 -7.31 -0.36 15.24
C HIS B 516 -7.21 0.98 14.54
N VAL B 517 -8.22 1.83 14.73
CA VAL B 517 -8.29 3.15 14.11
C VAL B 517 -8.41 4.19 15.21
N VAL B 518 -7.60 5.24 15.12
CA VAL B 518 -7.59 6.33 16.09
C VAL B 518 -8.30 7.53 15.48
N MET B 519 -9.27 8.08 16.21
CA MET B 519 -10.09 9.18 15.73
C MET B 519 -10.08 10.32 16.73
N ARG B 520 -10.26 11.54 16.22
CA ARG B 520 -10.31 12.72 17.07
C ARG B 520 -11.32 13.70 16.48
N GLU B 521 -11.80 14.60 17.32
CA GLU B 521 -12.76 15.61 16.88
C GLU B 521 -12.07 16.69 16.07
N VAL B 522 -12.85 17.35 15.21
CA VAL B 522 -12.32 18.45 14.40
C VAL B 522 -12.12 19.67 15.29
N LEU B 523 -10.96 20.30 15.15
CA LEU B 523 -10.59 21.46 15.95
C LEU B 523 -10.67 22.73 15.12
N ALA B 524 -10.56 23.86 15.81
CA ALA B 524 -10.62 25.16 15.13
C ALA B 524 -9.40 25.38 14.24
N GLY B 525 -8.25 24.79 14.59
CA GLY B 525 -7.06 24.94 13.79
C GLY B 525 -7.07 24.17 12.48
N ASP B 526 -8.01 23.23 12.32
CA ASP B 526 -8.11 22.47 11.08
C ASP B 526 -8.86 23.23 9.99
N LEU B 527 -9.54 24.31 10.34
CA LEU B 527 -10.36 25.07 9.40
C LEU B 527 -9.69 26.38 8.97
N VAL B 528 -8.40 26.54 9.24
CA VAL B 528 -7.69 27.77 8.90
C VAL B 528 -6.47 27.42 8.06
N GLU B 529 -5.99 28.41 7.31
CA GLU B 529 -4.82 28.27 6.45
C GLU B 529 -4.99 27.13 5.45
N THR B 588 -7.06 56.71 -10.93
CA THR B 588 -8.31 56.31 -10.30
C THR B 588 -8.64 57.24 -9.13
N GLU B 589 -8.78 58.53 -9.44
CA GLU B 589 -9.10 59.55 -8.44
C GLU B 589 -10.48 60.16 -8.65
N ALA B 590 -10.76 60.65 -9.86
CA ALA B 590 -12.09 61.17 -10.16
C ALA B 590 -13.14 60.07 -10.10
N ALA B 591 -12.80 58.88 -10.60
CA ALA B 591 -13.72 57.75 -10.55
C ALA B 591 -13.99 57.31 -9.12
N GLN B 592 -13.05 57.56 -8.20
CA GLN B 592 -13.25 57.16 -6.81
C GLN B 592 -14.42 57.90 -6.18
N ARG B 593 -14.52 59.22 -6.42
CA ARG B 593 -15.63 59.98 -5.88
C ARG B 593 -16.96 59.53 -6.46
N LEU B 594 -16.98 59.25 -7.77
CA LEU B 594 -18.20 58.73 -8.40
C LEU B 594 -18.60 57.39 -7.80
N LEU B 595 -17.62 56.51 -7.57
CA LEU B 595 -17.92 55.22 -6.95
C LEU B 595 -18.48 55.40 -5.54
N GLU B 596 -17.87 56.29 -4.75
CA GLU B 596 -18.33 56.53 -3.39
C GLU B 596 -19.75 57.06 -3.38
N GLN B 597 -20.04 58.05 -4.24
CA GLN B 597 -21.38 58.62 -4.25
C GLN B 597 -22.40 57.63 -4.79
N ALA B 598 -22.02 56.79 -5.75
CA ALA B 598 -22.93 55.77 -6.25
C ALA B 598 -23.25 54.74 -5.17
N ARG B 599 -22.24 54.31 -4.41
CA ARG B 599 -22.47 53.38 -3.32
C ARG B 599 -23.36 53.99 -2.25
N GLU B 600 -23.11 55.26 -1.90
CA GLU B 600 -23.93 55.93 -0.89
C GLU B 600 -25.36 56.16 -1.36
N GLU B 601 -25.58 56.44 -2.65
CA GLU B 601 -26.94 56.56 -3.15
C GLU B 601 -27.64 55.21 -3.21
N LEU B 602 -26.91 54.15 -3.58
CA LEU B 602 -27.48 52.81 -3.58
C LEU B 602 -27.88 52.38 -2.17
N GLU B 603 -27.04 52.69 -1.18
CA GLU B 603 -27.38 52.37 0.21
C GLU B 603 -28.64 53.10 0.66
N ALA B 604 -28.80 54.36 0.23
CA ALA B 604 -29.98 55.12 0.61
C ALA B 604 -31.26 54.49 0.05
N LYS B 605 -31.22 54.05 -1.21
CA LYS B 605 -32.40 53.43 -1.80
C LYS B 605 -32.73 52.11 -1.12
N GLU B 606 -31.71 51.32 -0.77
CA GLU B 606 -31.95 50.05 -0.09
C GLU B 606 -32.56 50.27 1.29
N ALA B 607 -32.15 51.32 1.99
CA ALA B 607 -32.73 51.62 3.29
C ALA B 607 -34.21 51.95 3.16
N GLU B 608 -34.58 52.71 2.13
CA GLU B 608 -35.99 53.02 1.91
C GLU B 608 -36.80 51.76 1.61
N GLU B 609 -36.25 50.88 0.77
CA GLU B 609 -36.93 49.64 0.42
C GLU B 609 -35.90 48.56 0.08
N PRO B 610 -35.72 47.57 0.95
CA PRO B 610 -34.76 46.50 0.66
C PRO B 610 -35.24 45.60 -0.47
N THR B 611 -34.38 45.36 -1.44
CA THR B 611 -34.70 44.50 -2.56
C THR B 611 -34.69 43.03 -2.13
N LYS B 612 -35.44 42.22 -2.87
CA LYS B 612 -35.55 40.79 -2.59
C LYS B 612 -34.63 40.03 -3.55
N GLN B 613 -33.72 39.25 -2.99
CA GLN B 613 -32.76 38.51 -3.79
C GLN B 613 -33.45 37.38 -4.56
N LEU B 614 -32.94 37.10 -5.75
CA LEU B 614 -33.44 36.01 -6.57
C LEU B 614 -32.62 34.75 -6.29
N VAL B 615 -33.27 33.73 -5.75
CA VAL B 615 -32.62 32.50 -5.33
C VAL B 615 -32.98 31.42 -6.34
N PRO B 616 -32.05 30.94 -7.16
CA PRO B 616 -32.34 29.84 -8.08
C PRO B 616 -32.38 28.51 -7.34
N LEU B 617 -33.44 27.74 -7.56
CA LEU B 617 -33.63 26.44 -6.93
C LEU B 617 -33.46 25.36 -8.00
N ALA B 618 -32.47 24.50 -7.82
CA ALA B 618 -32.15 23.48 -8.80
C ALA B 618 -32.77 22.15 -8.39
N VAL B 619 -33.62 21.61 -9.26
CA VAL B 619 -34.23 20.30 -9.08
C VAL B 619 -33.89 19.45 -10.31
N SER B 620 -33.37 18.26 -10.09
CA SER B 620 -32.93 17.42 -11.19
C SER B 620 -33.09 15.96 -10.83
N ALA B 621 -33.14 15.13 -11.87
CA ALA B 621 -33.25 13.68 -11.72
C ALA B 621 -32.86 13.04 -13.05
N PHE B 622 -32.72 11.71 -13.03
CA PHE B 622 -32.38 10.99 -14.25
C PHE B 622 -33.58 10.79 -15.17
N LEU B 623 -34.80 11.06 -14.68
CA LEU B 623 -36.00 11.02 -15.49
C LEU B 623 -36.85 12.25 -15.20
N THR B 624 -37.66 12.64 -16.19
CA THR B 624 -38.52 13.81 -16.01
C THR B 624 -39.58 13.57 -14.95
N SER B 625 -40.18 12.37 -14.93
CA SER B 625 -41.20 12.06 -13.94
C SER B 625 -40.62 12.09 -12.52
N ARG B 626 -39.42 11.54 -12.34
CA ARG B 626 -38.76 11.60 -11.04
C ARG B 626 -38.47 13.05 -10.64
N LYS B 627 -38.07 13.88 -11.61
CA LYS B 627 -37.86 15.30 -11.31
C LYS B 627 -39.14 15.97 -10.86
N ARG B 628 -40.27 15.67 -11.53
CA ARG B 628 -41.54 16.25 -11.12
C ARG B 628 -41.94 15.78 -9.72
N GLN B 629 -41.73 14.50 -9.42
CA GLN B 629 -42.06 13.99 -8.10
C GLN B 629 -41.19 14.65 -7.03
N ALA B 630 -39.90 14.82 -7.30
CA ALA B 630 -39.02 15.50 -6.36
C ALA B 630 -39.42 16.94 -6.17
N ALA B 631 -39.82 17.62 -7.25
CA ALA B 631 -40.29 18.99 -7.13
C ALA B 631 -41.55 19.08 -6.28
N ALA B 632 -42.48 18.15 -6.47
CA ALA B 632 -43.69 18.13 -5.65
C ALA B 632 -43.36 17.89 -4.18
N GLU B 633 -42.44 16.96 -3.90
CA GLU B 633 -42.05 16.71 -2.52
C GLU B 633 -41.37 17.92 -1.90
N LEU B 634 -40.51 18.60 -2.66
CA LEU B 634 -39.86 19.80 -2.16
C LEU B 634 -40.88 20.91 -1.90
N ALA B 635 -41.88 21.05 -2.77
CA ALA B 635 -42.93 22.03 -2.55
C ALA B 635 -43.71 21.71 -1.28
N ASP B 636 -44.00 20.43 -1.05
CA ASP B 636 -44.68 20.04 0.18
C ASP B 636 -43.82 20.36 1.40
N TRP B 637 -42.52 20.11 1.32
CA TRP B 637 -41.64 20.37 2.45
C TRP B 637 -41.52 21.86 2.75
N ILE B 638 -41.42 22.69 1.70
CA ILE B 638 -41.24 24.12 1.92
C ILE B 638 -42.46 24.72 2.61
N ASP B 639 -43.66 24.30 2.21
CA ASP B 639 -44.88 24.80 2.84
C ASP B 639 -45.00 24.39 4.30
N SER B 640 -44.27 23.35 4.72
CA SER B 640 -44.31 22.91 6.10
C SER B 640 -43.68 23.95 7.02
N PRO B 641 -44.04 23.94 8.31
CA PRO B 641 -43.44 24.91 9.24
C PRO B 641 -41.92 24.86 9.29
N GLU B 642 -41.32 23.68 9.14
CA GLU B 642 -39.86 23.60 9.13
C GLU B 642 -39.28 24.31 7.92
N GLY B 643 -39.92 24.18 6.75
CA GLY B 643 -39.47 24.90 5.58
C GLY B 643 -39.61 26.41 5.71
N ARG B 644 -40.70 26.85 6.35
CA ARG B 644 -40.92 28.28 6.56
C ARG B 644 -39.87 28.89 7.48
N ALA B 645 -39.30 28.10 8.39
CA ALA B 645 -38.31 28.61 9.33
C ALA B 645 -36.90 28.64 8.77
N SER B 646 -36.71 28.18 7.54
CA SER B 646 -35.40 28.15 6.89
C SER B 646 -35.33 29.23 5.82
N SER B 647 -34.19 29.92 5.77
CA SER B 647 -34.00 30.97 4.78
C SER B 647 -34.00 30.39 3.37
N LEU B 648 -34.50 31.16 2.41
CA LEU B 648 -34.55 30.68 1.03
C LEU B 648 -33.16 30.48 0.46
N GLU B 649 -32.17 31.24 0.93
CA GLU B 649 -30.80 31.05 0.46
C GLU B 649 -30.25 29.70 0.91
N SER B 650 -30.58 29.28 2.13
CA SER B 650 -30.11 27.99 2.63
C SER B 650 -30.70 26.83 1.81
N ILE B 651 -31.98 26.92 1.45
CA ILE B 651 -32.59 25.89 0.62
C ILE B 651 -31.90 25.81 -0.73
N GLY B 652 -31.62 26.96 -1.34
CA GLY B 652 -30.90 26.97 -2.61
C GLY B 652 -29.50 26.41 -2.51
N ARG B 653 -28.78 26.74 -1.43
CA ARG B 653 -27.45 26.17 -1.24
C ARG B 653 -27.50 24.67 -1.05
N SER B 654 -28.49 24.17 -0.31
CA SER B 654 -28.65 22.73 -0.13
C SER B 654 -28.97 22.05 -1.46
N LEU B 655 -29.84 22.67 -2.27
CA LEU B 655 -30.19 22.09 -3.56
C LEU B 655 -29.03 22.12 -4.55
N SER B 656 -28.17 23.14 -4.49
CA SER B 656 -27.07 23.27 -5.44
C SER B 656 -25.99 22.22 -5.25
N ARG B 657 -25.95 21.55 -4.08
CA ARG B 657 -24.94 20.54 -3.81
C ARG B 657 -25.48 19.13 -3.96
N ARG B 658 -26.69 18.99 -4.49
CA ARG B 658 -27.24 17.68 -4.82
C ARG B 658 -26.76 17.24 -6.20
N ASN B 659 -27.08 16.00 -6.54
CA ASN B 659 -26.68 15.47 -7.84
C ASN B 659 -27.43 16.19 -8.96
N HIS B 660 -26.70 16.58 -10.00
CA HIS B 660 -27.27 17.24 -11.16
C HIS B 660 -27.44 16.19 -12.24
N GLY B 661 -28.69 15.73 -12.43
CA GLY B 661 -28.96 14.62 -13.31
C GLY B 661 -29.16 15.05 -14.75
N ARG B 662 -29.58 14.07 -15.57
CA ARG B 662 -29.80 14.33 -16.98
C ARG B 662 -30.92 15.32 -17.22
N SER B 663 -32.02 15.19 -16.49
CA SER B 663 -33.15 16.10 -16.60
C SER B 663 -33.05 17.13 -15.47
N ARG B 664 -33.01 18.40 -15.83
CA ARG B 664 -32.77 19.48 -14.89
C ARG B 664 -33.87 20.53 -14.99
N ALA B 665 -34.06 21.26 -13.89
CA ALA B 665 -35.02 22.35 -13.86
C ALA B 665 -34.59 23.34 -12.80
N VAL B 666 -34.85 24.62 -13.05
CA VAL B 666 -34.48 25.71 -12.15
C VAL B 666 -35.71 26.58 -11.91
N VAL B 667 -35.97 26.89 -10.64
CA VAL B 667 -37.08 27.76 -10.25
C VAL B 667 -36.49 29.05 -9.69
N LEU B 668 -36.84 30.18 -10.30
CA LEU B 668 -36.37 31.49 -9.89
C LEU B 668 -37.43 32.12 -9.01
N ALA B 669 -37.11 32.29 -7.72
CA ALA B 669 -38.07 32.81 -6.75
C ALA B 669 -37.42 33.84 -5.86
N HIS B 670 -38.24 34.73 -5.30
CA HIS B 670 -37.78 35.75 -4.36
C HIS B 670 -38.15 35.43 -2.92
N ASP B 671 -39.20 34.65 -2.69
CA ASP B 671 -39.61 34.27 -1.35
C ASP B 671 -40.15 32.85 -1.39
N HIS B 672 -40.68 32.39 -0.26
CA HIS B 672 -41.16 31.02 -0.16
C HIS B 672 -42.39 30.79 -1.03
N ASP B 673 -43.30 31.77 -1.09
CA ASP B 673 -44.54 31.58 -1.84
C ASP B 673 -44.27 31.41 -3.33
N GLU B 674 -43.39 32.23 -3.90
CA GLU B 674 -43.05 32.10 -5.31
C GLU B 674 -42.38 30.77 -5.60
N ALA B 675 -41.50 30.32 -4.69
CA ALA B 675 -40.86 29.02 -4.85
C ALA B 675 -41.89 27.90 -4.83
N ILE B 676 -42.85 27.97 -3.91
CA ILE B 676 -43.89 26.94 -3.83
C ILE B 676 -44.71 26.92 -5.10
N LYS B 677 -45.10 28.10 -5.59
CA LYS B 677 -45.90 28.17 -6.82
C LYS B 677 -45.12 27.61 -8.01
N GLY B 678 -43.84 27.97 -8.12
CA GLY B 678 -43.02 27.43 -9.19
C GLY B 678 -42.86 25.93 -9.13
N LEU B 679 -42.65 25.38 -7.93
CA LEU B 679 -42.51 23.94 -7.79
C LEU B 679 -43.82 23.22 -8.10
N ARG B 680 -44.96 23.81 -7.70
CA ARG B 680 -46.25 23.23 -8.05
C ARG B 680 -46.45 23.23 -9.56
N ALA B 681 -46.07 24.32 -10.23
CA ALA B 681 -46.17 24.36 -11.69
C ALA B 681 -45.25 23.32 -12.32
N LEU B 682 -44.04 23.17 -11.79
CA LEU B 682 -43.09 22.19 -12.32
C LEU B 682 -43.57 20.76 -12.08
N ALA B 683 -44.39 20.54 -11.04
CA ALA B 683 -44.89 19.20 -10.77
C ALA B 683 -45.70 18.65 -11.94
N GLU B 684 -46.54 19.49 -12.54
CA GLU B 684 -47.25 19.15 -13.76
C GLU B 684 -46.46 19.65 -14.96
N GLY B 685 -47.04 19.53 -16.15
CA GLY B 685 -46.40 20.00 -17.36
C GLY B 685 -46.71 21.44 -17.69
N LYS B 686 -47.31 22.15 -16.73
CA LYS B 686 -47.71 23.53 -16.95
C LYS B 686 -46.49 24.44 -17.08
N GLN B 687 -46.49 25.27 -18.11
CA GLN B 687 -45.43 26.26 -18.29
C GLN B 687 -45.59 27.40 -17.29
N HIS B 688 -44.45 27.93 -16.83
CA HIS B 688 -44.45 29.02 -15.88
C HIS B 688 -43.28 29.95 -16.20
N PRO B 689 -43.49 31.26 -16.19
CA PRO B 689 -42.39 32.19 -16.50
C PRO B 689 -41.24 32.12 -15.50
N SER B 690 -41.48 31.65 -14.30
CA SER B 690 -40.45 31.57 -13.27
C SER B 690 -39.76 30.21 -13.22
N VAL B 691 -40.10 29.29 -14.13
CA VAL B 691 -39.57 27.94 -14.15
C VAL B 691 -38.87 27.70 -15.48
N LEU B 692 -37.62 27.26 -15.43
CA LEU B 692 -36.87 26.84 -16.59
C LEU B 692 -36.62 25.34 -16.50
N SER B 693 -36.99 24.61 -17.56
CA SER B 693 -36.91 23.17 -17.54
C SER B 693 -36.56 22.63 -18.91
N ALA B 694 -35.97 21.44 -18.92
CA ALA B 694 -35.66 20.71 -20.14
C ALA B 694 -35.56 19.23 -19.81
N ASP B 695 -35.94 18.40 -20.78
CA ASP B 695 -35.96 16.95 -20.56
C ASP B 695 -34.59 16.30 -20.73
N GLY B 696 -33.62 16.99 -21.31
CA GLY B 696 -32.30 16.44 -21.48
C GLY B 696 -31.29 17.45 -22.00
N PRO B 697 -30.02 17.09 -21.96
CA PRO B 697 -28.97 17.99 -22.45
C PRO B 697 -28.94 18.06 -23.97
N VAL B 698 -28.34 19.13 -24.47
CA VAL B 698 -28.17 19.32 -25.90
C VAL B 698 -26.90 18.59 -26.36
N THR B 699 -26.78 18.37 -27.67
CA THR B 699 -25.66 17.57 -28.17
C THR B 699 -24.33 18.30 -28.05
N ASN B 700 -24.29 19.56 -28.46
CA ASN B 700 -23.04 20.32 -28.50
C ASN B 700 -23.07 21.47 -27.52
N GLY B 701 -21.91 22.07 -27.29
CA GLY B 701 -21.78 23.16 -26.36
C GLY B 701 -22.31 24.45 -26.94
N PRO B 702 -22.24 25.52 -26.14
CA PRO B 702 -22.77 26.82 -26.58
C PRO B 702 -21.75 27.62 -27.39
N VAL B 703 -22.28 28.60 -28.11
CA VAL B 703 -21.48 29.50 -28.94
C VAL B 703 -21.68 30.91 -28.41
N TRP B 704 -20.58 31.59 -28.11
CA TRP B 704 -20.62 32.95 -27.58
C TRP B 704 -20.59 33.94 -28.74
N VAL B 705 -21.57 34.83 -28.79
CA VAL B 705 -21.69 35.82 -29.85
C VAL B 705 -21.19 37.16 -29.29
N LEU B 706 -20.12 37.69 -29.87
CA LEU B 706 -19.55 38.95 -29.42
C LEU B 706 -20.06 40.09 -30.30
N ALA B 707 -21.33 40.42 -30.09
CA ALA B 707 -22.00 41.52 -30.77
C ALA B 707 -21.85 42.79 -29.93
N GLY B 708 -22.62 43.83 -30.23
CA GLY B 708 -22.57 45.02 -29.43
C GLY B 708 -22.78 46.33 -30.15
N PHE B 709 -22.83 46.32 -31.48
CA PHE B 709 -23.11 47.55 -32.21
C PHE B 709 -24.52 48.04 -31.90
N GLY B 710 -24.64 49.31 -31.56
CA GLY B 710 -25.93 49.88 -31.22
C GLY B 710 -26.59 49.25 -30.00
N ALA B 711 -25.79 48.83 -29.01
CA ALA B 711 -26.32 48.20 -27.81
C ALA B 711 -26.04 49.01 -26.55
N GLN B 712 -25.71 50.29 -26.69
CA GLN B 712 -25.37 51.14 -25.56
C GLN B 712 -26.59 51.89 -25.05
N HIS B 713 -26.58 52.19 -23.76
CA HIS B 713 -27.61 53.01 -23.14
C HIS B 713 -26.96 53.80 -21.99
N ARG B 714 -27.80 54.51 -21.23
CA ARG B 714 -27.30 55.50 -20.29
C ARG B 714 -26.48 54.85 -19.16
N LYS B 715 -27.03 53.80 -18.55
CA LYS B 715 -26.41 53.23 -17.35
C LYS B 715 -26.06 51.76 -17.53
N MET B 716 -25.44 51.41 -18.65
CA MET B 716 -25.05 50.03 -18.90
C MET B 716 -23.89 49.63 -18.00
N GLY B 717 -24.06 48.53 -17.26
CA GLY B 717 -23.00 47.98 -16.44
C GLY B 717 -22.80 48.65 -15.10
N LYS B 718 -23.55 49.70 -14.78
CA LYS B 718 -23.37 50.38 -13.51
C LYS B 718 -23.90 49.55 -12.35
N SER B 719 -25.09 48.97 -12.50
CA SER B 719 -25.69 48.20 -11.41
C SER B 719 -24.88 46.95 -11.10
N LEU B 720 -24.41 46.25 -12.14
CA LEU B 720 -23.65 45.02 -11.90
C LEU B 720 -22.26 45.31 -11.34
N TYR B 721 -21.69 46.47 -11.67
CA TYR B 721 -20.38 46.84 -11.13
C TYR B 721 -20.44 46.98 -9.62
N LEU B 722 -21.50 47.59 -9.10
CA LEU B 722 -21.60 47.82 -7.66
C LEU B 722 -21.95 46.55 -6.89
N ARG B 723 -22.70 45.63 -7.51
CA ARG B 723 -23.25 44.47 -6.82
C ARG B 723 -22.51 43.18 -7.14
N ASN B 724 -21.41 43.25 -7.88
CA ASN B 724 -20.62 42.06 -8.21
C ASN B 724 -19.14 42.42 -8.10
N GLU B 725 -18.34 41.49 -7.56
CA GLU B 725 -16.94 41.78 -7.32
C GLU B 725 -16.04 41.34 -8.47
N VAL B 726 -16.33 40.19 -9.08
CA VAL B 726 -15.54 39.75 -10.23
C VAL B 726 -15.75 40.68 -11.41
N PHE B 727 -17.00 41.08 -11.65
CA PHE B 727 -17.29 42.03 -12.72
C PHE B 727 -16.56 43.35 -12.49
N ALA B 728 -16.59 43.84 -11.25
CA ALA B 728 -15.89 45.09 -10.94
C ALA B 728 -14.38 44.94 -11.09
N GLU B 729 -13.82 43.80 -10.68
CA GLU B 729 -12.39 43.57 -10.82
C GLU B 729 -11.96 43.59 -12.28
N TRP B 730 -12.71 42.88 -13.14
CA TRP B 730 -12.35 42.86 -14.55
C TRP B 730 -12.59 44.20 -15.23
N ILE B 731 -13.62 44.93 -14.82
CA ILE B 731 -13.84 46.28 -15.34
C ILE B 731 -12.68 47.19 -14.97
N ASN B 732 -12.21 47.10 -13.72
CA ASN B 732 -11.07 47.90 -13.29
C ASN B 732 -9.81 47.51 -14.05
N LYS B 733 -9.62 46.21 -14.31
CA LYS B 733 -8.45 45.78 -15.08
C LYS B 733 -8.47 46.34 -16.49
N VAL B 734 -9.62 46.25 -17.18
CA VAL B 734 -9.72 46.80 -18.52
C VAL B 734 -9.59 48.32 -18.50
N ASP B 735 -10.11 48.97 -17.46
CA ASP B 735 -9.96 50.42 -17.33
C ASP B 735 -8.50 50.81 -17.17
N ALA B 736 -7.75 50.05 -16.37
CA ALA B 736 -6.32 50.31 -16.22
C ALA B 736 -5.58 50.11 -17.54
N LEU B 737 -5.93 49.05 -18.28
CA LEU B 737 -5.31 48.84 -19.58
C LEU B 737 -5.59 49.99 -20.53
N ILE B 738 -6.84 50.48 -20.55
CA ILE B 738 -7.19 51.57 -21.44
C ILE B 738 -6.51 52.87 -21.01
N GLN B 739 -6.39 53.10 -19.70
CA GLN B 739 -5.64 54.24 -19.20
C GLN B 739 -4.18 54.17 -19.64
N ASP B 740 -3.58 52.98 -19.60
CA ASP B 740 -2.23 52.83 -20.12
C ASP B 740 -2.18 53.12 -21.61
N GLU B 741 -3.20 52.70 -22.36
CA GLU B 741 -3.21 52.92 -23.80
C GLU B 741 -3.71 54.31 -24.18
N ARG B 742 -4.95 54.63 -23.82
CA ARG B 742 -5.59 55.86 -24.29
C ARG B 742 -5.45 57.03 -23.33
N GLY B 743 -4.92 56.82 -22.13
CA GLY B 743 -4.66 57.93 -21.22
C GLY B 743 -5.88 58.52 -20.57
N TYR B 744 -6.99 57.79 -20.53
CA TYR B 744 -8.16 58.25 -19.79
C TYR B 744 -8.92 57.04 -19.28
N SER B 745 -9.76 57.26 -18.28
CA SER B 745 -10.46 56.20 -17.56
C SER B 745 -11.89 56.07 -18.10
N ILE B 746 -12.25 54.85 -18.52
CA ILE B 746 -13.62 54.58 -18.92
C ILE B 746 -14.52 54.32 -17.71
N LEU B 747 -13.94 54.03 -16.55
CA LEU B 747 -14.75 53.79 -15.36
C LEU B 747 -15.50 55.05 -14.95
N GLU B 748 -14.92 56.22 -15.19
CA GLU B 748 -15.61 57.48 -14.90
C GLU B 748 -16.87 57.62 -15.73
N LEU B 749 -16.81 57.23 -17.01
CA LEU B 749 -18.00 57.28 -17.85
C LEU B 749 -19.07 56.29 -17.38
N ILE B 750 -18.64 55.09 -16.97
CA ILE B 750 -19.58 54.07 -16.52
C ILE B 750 -20.27 54.51 -15.23
N LEU B 751 -19.50 55.03 -14.27
CA LEU B 751 -20.07 55.41 -12.99
C LEU B 751 -20.88 56.70 -13.07
N ASP B 752 -20.64 57.52 -14.10
CA ASP B 752 -21.41 58.74 -14.25
C ASP B 752 -22.84 58.44 -14.66
N ASP B 753 -23.78 59.23 -14.16
CA ASP B 753 -25.19 58.96 -14.40
C ASP B 753 -25.72 59.70 -15.62
N ASN B 754 -25.29 60.94 -15.83
CA ASN B 754 -25.83 61.78 -16.89
C ASN B 754 -25.02 61.71 -18.17
N VAL B 755 -24.38 60.58 -18.45
CA VAL B 755 -23.64 60.37 -19.69
C VAL B 755 -24.49 59.50 -20.59
N ASP B 756 -24.94 60.07 -21.71
CA ASP B 756 -25.78 59.36 -22.67
C ASP B 756 -24.99 58.70 -23.78
N TYR B 757 -23.66 58.77 -23.74
CA TYR B 757 -22.81 58.22 -24.79
C TYR B 757 -23.16 58.79 -26.16
N THR B 758 -23.45 60.09 -26.19
CA THR B 758 -23.82 60.79 -27.41
C THR B 758 -22.87 61.97 -27.62
N ASP B 759 -23.17 62.79 -28.63
CA ASP B 759 -22.34 63.93 -28.95
C ASP B 759 -22.42 65.03 -27.89
N ALA B 760 -23.54 65.14 -27.19
CA ALA B 760 -23.75 66.20 -26.22
C ALA B 760 -23.16 65.90 -24.85
N THR B 761 -22.70 64.68 -24.60
CA THR B 761 -22.15 64.31 -23.31
C THR B 761 -20.76 63.71 -23.35
N CYS B 762 -20.24 63.34 -24.52
CA CYS B 762 -18.93 62.73 -24.65
C CYS B 762 -18.09 63.49 -25.66
N GLU B 763 -16.81 63.69 -25.34
CA GLU B 763 -15.91 64.35 -26.26
C GLU B 763 -15.60 63.48 -27.47
N TYR B 764 -15.49 62.16 -27.26
CA TYR B 764 -15.21 61.20 -28.33
C TYR B 764 -16.29 60.13 -28.28
N PRO B 765 -17.51 60.45 -28.73
CA PRO B 765 -18.62 59.48 -28.58
C PRO B 765 -18.39 58.16 -29.29
N ILE B 766 -17.70 58.17 -30.43
CA ILE B 766 -17.51 56.94 -31.19
C ILE B 766 -16.55 56.00 -30.45
N GLU B 767 -15.45 56.54 -29.93
CA GLU B 767 -14.42 55.70 -29.31
C GLU B 767 -14.88 55.17 -27.96
N VAL B 768 -15.49 56.03 -27.13
CA VAL B 768 -15.81 55.64 -25.76
C VAL B 768 -16.88 54.56 -25.74
N VAL B 769 -17.85 54.61 -26.66
CA VAL B 769 -18.88 53.58 -26.71
C VAL B 769 -18.26 52.22 -26.99
N GLN B 770 -17.38 52.15 -27.99
CA GLN B 770 -16.72 50.90 -28.31
C GLN B 770 -15.85 50.40 -27.15
N LEU B 771 -15.10 51.30 -26.51
CA LEU B 771 -14.25 50.87 -25.39
C LEU B 771 -15.09 50.34 -24.23
N VAL B 772 -16.18 51.02 -23.88
CA VAL B 772 -17.00 50.58 -22.77
C VAL B 772 -17.69 49.26 -23.10
N ILE B 773 -18.16 49.10 -24.36
CA ILE B 773 -18.79 47.85 -24.74
C ILE B 773 -17.79 46.70 -24.70
N PHE B 774 -16.56 46.93 -25.16
CA PHE B 774 -15.52 45.91 -25.08
C PHE B 774 -15.23 45.53 -23.64
N ALA B 775 -15.13 46.53 -22.75
CA ALA B 775 -14.89 46.24 -21.34
C ALA B 775 -16.03 45.43 -20.73
N ILE B 776 -17.27 45.79 -21.06
CA ILE B 776 -18.42 45.07 -20.53
C ILE B 776 -18.43 43.63 -21.03
N GLN B 777 -18.12 43.43 -22.31
CA GLN B 777 -18.07 42.07 -22.86
C GLN B 777 -17.00 41.23 -22.16
N ILE B 778 -15.81 41.81 -21.96
CA ILE B 778 -14.74 41.07 -21.30
C ILE B 778 -15.13 40.72 -19.87
N ALA B 779 -15.72 41.69 -19.15
CA ALA B 779 -16.11 41.45 -17.77
C ALA B 779 -17.20 40.39 -17.67
N LEU B 780 -18.19 40.43 -18.58
CA LEU B 780 -19.24 39.43 -18.56
C LEU B 780 -18.70 38.04 -18.88
N GLY B 781 -17.82 37.95 -19.87
CA GLY B 781 -17.22 36.66 -20.18
C GLY B 781 -16.41 36.09 -19.04
N GLU B 782 -15.62 36.94 -18.37
CA GLU B 782 -14.84 36.46 -17.23
C GLU B 782 -15.73 36.11 -16.04
N LEU B 783 -16.83 36.84 -15.84
CA LEU B 783 -17.78 36.47 -14.79
C LEU B 783 -18.42 35.11 -15.07
N LEU B 784 -18.76 34.86 -16.34
CA LEU B 784 -19.29 33.55 -16.70
C LEU B 784 -18.24 32.46 -16.49
N ARG B 785 -16.98 32.74 -16.85
CA ARG B 785 -15.91 31.78 -16.60
C ARG B 785 -15.70 31.53 -15.11
N HIS B 786 -16.02 32.51 -14.27
CA HIS B 786 -15.86 32.34 -12.83
C HIS B 786 -16.77 31.25 -12.29
N HIS B 787 -17.95 31.08 -12.86
CA HIS B 787 -18.91 30.09 -12.41
C HIS B 787 -18.77 28.75 -13.13
N GLY B 788 -17.75 28.60 -13.96
CA GLY B 788 -17.49 27.34 -14.64
C GLY B 788 -17.94 27.28 -16.08
N ALA B 789 -18.53 28.35 -16.62
CA ALA B 789 -18.95 28.37 -18.00
C ALA B 789 -17.76 28.55 -18.93
N LYS B 790 -17.79 27.85 -20.06
CA LYS B 790 -16.75 27.94 -21.07
C LYS B 790 -17.39 27.78 -22.44
N PRO B 791 -16.96 28.55 -23.43
CA PRO B 791 -17.57 28.46 -24.76
C PRO B 791 -17.00 27.29 -25.56
N ALA B 792 -17.88 26.58 -26.25
CA ALA B 792 -17.43 25.57 -27.20
C ALA B 792 -16.91 26.18 -28.50
N ALA B 793 -17.52 27.29 -28.92
CA ALA B 793 -17.07 28.01 -30.11
C ALA B 793 -17.39 29.48 -29.91
N VAL B 794 -16.64 30.34 -30.62
CA VAL B 794 -16.76 31.78 -30.49
C VAL B 794 -16.93 32.40 -31.86
N VAL B 795 -17.93 33.26 -32.00
CA VAL B 795 -18.17 34.01 -33.23
C VAL B 795 -18.32 35.48 -32.86
N GLY B 796 -17.63 36.36 -33.58
CA GLY B 796 -17.61 37.78 -33.29
C GLY B 796 -18.25 38.61 -34.40
N GLN B 797 -18.38 39.90 -34.13
CA GLN B 797 -18.94 40.84 -35.08
C GLN B 797 -17.98 42.01 -35.26
N SER B 798 -18.45 43.08 -35.92
CA SER B 798 -17.60 44.18 -36.37
C SER B 798 -16.71 44.73 -35.25
N LEU B 799 -17.30 45.06 -34.11
CA LEU B 799 -16.52 45.60 -33.00
C LEU B 799 -16.17 44.56 -31.95
N GLY B 800 -16.81 43.40 -31.97
CA GLY B 800 -16.57 42.34 -31.01
C GLY B 800 -15.45 41.39 -31.36
N GLU B 801 -14.70 41.66 -32.43
CA GLU B 801 -13.65 40.75 -32.85
C GLU B 801 -12.52 40.67 -31.82
N ALA B 802 -12.20 41.78 -31.16
CA ALA B 802 -11.16 41.74 -30.14
C ALA B 802 -11.55 40.83 -28.98
N ALA B 803 -12.80 40.96 -28.51
CA ALA B 803 -13.28 40.09 -27.45
C ALA B 803 -13.33 38.63 -27.90
N ALA B 804 -13.76 38.40 -29.15
CA ALA B 804 -13.80 37.04 -29.67
C ALA B 804 -12.39 36.43 -29.71
N SER B 805 -11.40 37.21 -30.15
CA SER B 805 -10.03 36.72 -30.18
C SER B 805 -9.51 36.44 -28.78
N TYR B 806 -9.82 37.32 -27.82
CA TYR B 806 -9.38 37.09 -26.45
C TYR B 806 -10.00 35.82 -25.87
N PHE B 807 -11.30 35.61 -26.09
CA PHE B 807 -11.95 34.43 -25.54
C PHE B 807 -11.60 33.16 -26.29
N ALA B 808 -11.13 33.28 -27.54
CA ALA B 808 -10.71 32.11 -28.31
C ALA B 808 -9.25 31.74 -28.08
N GLY B 809 -8.51 32.53 -27.31
CA GLY B 809 -7.11 32.27 -27.04
C GLY B 809 -6.14 32.79 -28.09
N GLY B 810 -6.64 33.46 -29.12
CA GLY B 810 -5.74 33.97 -30.14
C GLY B 810 -4.82 35.06 -29.63
N LEU B 811 -5.36 35.98 -28.83
CA LEU B 811 -4.60 37.09 -28.27
C LEU B 811 -4.83 37.18 -26.77
N SER B 812 -3.89 37.82 -26.09
CA SER B 812 -4.01 38.10 -24.68
C SER B 812 -4.91 39.31 -24.45
N LEU B 813 -5.19 39.59 -23.18
CA LEU B 813 -6.06 40.71 -22.85
C LEU B 813 -5.44 42.04 -23.28
N ALA B 814 -4.13 42.20 -23.05
CA ALA B 814 -3.46 43.44 -23.42
C ALA B 814 -3.47 43.66 -24.93
N ASP B 815 -3.21 42.61 -25.70
CA ASP B 815 -3.19 42.74 -27.15
C ASP B 815 -4.56 43.11 -27.69
N ALA B 816 -5.61 42.44 -27.20
CA ALA B 816 -6.96 42.75 -27.65
C ALA B 816 -7.37 44.16 -27.24
N THR B 817 -6.99 44.57 -26.03
CA THR B 817 -7.29 45.92 -25.58
C THR B 817 -6.60 46.96 -26.46
N ARG B 818 -5.32 46.73 -26.79
CA ARG B 818 -4.61 47.65 -27.67
C ARG B 818 -5.25 47.70 -29.05
N THR B 819 -5.65 46.53 -29.57
CA THR B 819 -6.29 46.48 -30.88
C THR B 819 -7.59 47.28 -30.90
N ILE B 820 -8.45 47.06 -29.90
CA ILE B 820 -9.74 47.75 -29.90
C ILE B 820 -9.56 49.24 -29.65
N CYS B 821 -8.61 49.62 -28.78
CA CYS B 821 -8.34 51.03 -28.56
C CYS B 821 -7.84 51.71 -29.82
N SER B 822 -6.92 51.07 -30.54
CA SER B 822 -6.42 51.64 -31.78
C SER B 822 -7.53 51.79 -32.81
N ARG B 823 -8.35 50.74 -32.97
CA ARG B 823 -9.46 50.80 -33.92
C ARG B 823 -10.42 51.93 -33.58
N SER B 824 -10.85 52.01 -32.31
CA SER B 824 -11.82 53.02 -31.92
C SER B 824 -11.26 54.42 -32.05
N HIS B 825 -10.00 54.63 -31.65
CA HIS B 825 -9.41 55.96 -31.73
C HIS B 825 -9.19 56.38 -33.18
N LEU B 826 -8.77 55.45 -34.06
CA LEU B 826 -8.62 55.80 -35.46
C LEU B 826 -9.96 56.12 -36.10
N MET B 827 -11.01 55.35 -35.77
CA MET B 827 -12.33 55.65 -36.31
C MET B 827 -12.83 57.00 -35.82
N GLY B 828 -12.61 57.32 -34.54
CA GLY B 828 -13.04 58.60 -34.03
C GLY B 828 -12.29 59.77 -34.64
N GLU B 829 -10.98 59.65 -34.79
CA GLU B 829 -10.19 60.74 -35.35
C GLU B 829 -10.48 60.94 -36.83
N GLY B 830 -10.59 59.84 -37.59
CA GLY B 830 -10.80 59.96 -39.02
C GLY B 830 -12.14 60.59 -39.38
N GLU B 831 -13.17 60.31 -38.57
CA GLU B 831 -14.49 60.88 -38.85
C GLU B 831 -14.51 62.39 -38.67
N ALA B 832 -13.64 62.93 -37.81
CA ALA B 832 -13.64 64.37 -37.55
C ALA B 832 -13.29 65.16 -38.81
N MET B 833 -12.29 64.70 -39.56
CA MET B 833 -11.89 65.43 -40.77
C MET B 833 -12.89 65.21 -41.91
N LEU B 834 -13.61 64.09 -41.91
CA LEU B 834 -14.56 63.77 -42.96
C LEU B 834 -15.91 64.36 -42.58
N PHE B 835 -16.29 65.46 -43.23
CA PHE B 835 -17.57 66.11 -42.99
C PHE B 835 -17.99 66.85 -44.25
N GLY B 836 -19.21 67.36 -44.23
CA GLY B 836 -19.77 68.10 -45.37
C GLY B 836 -20.44 67.15 -46.36
N GLU B 837 -19.81 66.95 -47.52
CA GLU B 837 -20.35 66.08 -48.56
C GLU B 837 -19.60 64.76 -48.70
N TYR B 838 -18.49 64.58 -47.97
CA TYR B 838 -17.71 63.35 -48.05
C TYR B 838 -18.14 62.31 -47.03
N ILE B 839 -19.19 62.58 -46.25
CA ILE B 839 -19.63 61.62 -45.24
C ILE B 839 -20.25 60.41 -45.91
N ARG B 840 -20.18 59.28 -45.23
CA ARG B 840 -20.79 58.03 -45.69
C ARG B 840 -21.82 57.58 -44.66
N LEU B 841 -23.01 57.23 -45.13
CA LEU B 841 -24.10 56.78 -44.28
C LEU B 841 -24.38 55.30 -44.50
N MET B 842 -24.65 54.60 -43.40
CA MET B 842 -24.94 53.17 -43.43
C MET B 842 -26.44 52.97 -43.27
N ALA B 843 -26.98 51.99 -44.00
CA ALA B 843 -28.40 51.71 -43.99
C ALA B 843 -28.63 50.21 -44.03
N LEU B 844 -29.80 49.79 -43.55
CA LEU B 844 -30.21 48.40 -43.53
C LEU B 844 -31.26 48.16 -44.60
N VAL B 845 -31.08 47.10 -45.38
CA VAL B 845 -32.00 46.75 -46.47
C VAL B 845 -32.41 45.29 -46.30
N GLU B 846 -33.40 44.89 -47.08
CA GLU B 846 -33.95 43.53 -47.06
C GLU B 846 -33.46 42.71 -48.25
N TYR B 847 -32.21 42.91 -48.65
CA TYR B 847 -31.61 42.20 -49.78
C TYR B 847 -30.63 41.15 -49.26
N SER B 848 -30.68 39.96 -49.85
CA SER B 848 -29.82 38.87 -49.44
C SER B 848 -28.41 39.05 -50.01
N ALA B 849 -27.56 38.05 -49.77
CA ALA B 849 -26.19 38.12 -50.25
C ALA B 849 -26.11 38.13 -51.78
N ASP B 850 -26.90 37.30 -52.44
CA ASP B 850 -26.88 37.22 -53.89
C ASP B 850 -27.89 38.13 -54.56
N GLU B 851 -29.03 38.38 -53.91
CA GLU B 851 -30.04 39.26 -54.49
C GLU B 851 -29.56 40.70 -54.53
N ILE B 852 -28.62 41.07 -53.67
CA ILE B 852 -28.10 42.43 -53.66
C ILE B 852 -27.09 42.66 -54.78
N LYS B 853 -26.63 41.60 -55.45
CA LYS B 853 -25.74 41.77 -56.58
C LYS B 853 -26.43 42.48 -57.73
N THR B 854 -27.70 42.13 -58.00
CA THR B 854 -28.41 42.74 -59.12
C THR B 854 -28.66 44.23 -58.89
N VAL B 855 -29.06 44.61 -57.68
CA VAL B 855 -29.35 46.02 -57.41
C VAL B 855 -28.06 46.84 -57.42
N PHE B 856 -26.93 46.24 -57.03
CA PHE B 856 -25.67 46.97 -57.02
C PHE B 856 -25.17 47.33 -58.41
N SER B 857 -25.74 46.75 -59.46
CA SER B 857 -25.36 47.14 -60.82
C SER B 857 -25.72 48.59 -61.10
N ASP B 858 -26.74 49.12 -60.44
CA ASP B 858 -27.12 50.53 -60.60
C ASP B 858 -26.37 51.45 -59.65
N TYR B 859 -25.61 50.90 -58.70
CA TYR B 859 -24.89 51.71 -57.72
C TYR B 859 -23.45 51.24 -57.61
N PRO B 860 -22.50 51.94 -58.24
CA PRO B 860 -21.10 51.48 -58.22
C PRO B 860 -20.38 51.76 -56.90
N ASP B 861 -20.71 52.89 -56.26
CA ASP B 861 -19.99 53.31 -55.07
C ASP B 861 -20.53 52.67 -53.79
N LEU B 862 -21.69 52.03 -53.83
CA LEU B 862 -22.24 51.40 -52.64
C LEU B 862 -21.46 50.13 -52.30
N GLU B 863 -21.22 49.92 -51.01
CA GLU B 863 -20.52 48.76 -50.51
C GLU B 863 -21.36 48.06 -49.44
N VAL B 864 -21.08 46.78 -49.24
CA VAL B 864 -21.77 45.97 -48.25
C VAL B 864 -20.95 45.98 -46.96
N CYS B 865 -21.62 46.26 -45.84
CA CYS B 865 -20.96 46.33 -44.54
C CYS B 865 -20.99 45.00 -43.79
N VAL B 866 -22.18 44.44 -43.58
CA VAL B 866 -22.31 43.18 -42.85
C VAL B 866 -23.63 42.50 -43.22
N TYR B 867 -23.57 41.19 -43.44
CA TYR B 867 -24.77 40.39 -43.70
C TYR B 867 -25.32 39.94 -42.35
N ALA B 868 -26.16 40.79 -41.75
CA ALA B 868 -26.70 40.49 -40.43
C ALA B 868 -27.61 39.27 -40.46
N ALA B 869 -28.46 39.17 -41.47
CA ALA B 869 -29.46 38.13 -41.60
C ALA B 869 -29.45 37.58 -43.01
N PRO B 870 -29.98 36.36 -43.21
CA PRO B 870 -30.11 35.85 -44.59
C PRO B 870 -30.95 36.74 -45.48
N THR B 871 -31.94 37.43 -44.93
CA THR B 871 -32.81 38.31 -45.70
C THR B 871 -32.56 39.79 -45.43
N GLN B 872 -31.50 40.12 -44.70
CA GLN B 872 -31.17 41.51 -44.38
C GLN B 872 -29.70 41.77 -44.62
N THR B 873 -29.38 43.00 -45.00
CA THR B 873 -28.01 43.39 -45.28
C THR B 873 -27.81 44.85 -44.92
N VAL B 874 -26.64 45.17 -44.38
CA VAL B 874 -26.27 46.54 -44.03
C VAL B 874 -25.29 47.03 -45.08
N ILE B 875 -25.59 48.19 -45.67
CA ILE B 875 -24.77 48.77 -46.73
C ILE B 875 -24.45 50.22 -46.39
N GLY B 876 -23.36 50.71 -46.96
CA GLY B 876 -22.91 52.06 -46.72
C GLY B 876 -22.35 52.75 -47.94
N GLY B 877 -22.62 54.04 -48.09
CA GLY B 877 -22.14 54.80 -49.22
C GLY B 877 -22.49 56.28 -49.12
N PRO B 878 -22.37 56.99 -50.23
CA PRO B 878 -22.73 58.42 -50.24
C PRO B 878 -24.20 58.60 -49.90
N PRO B 879 -24.54 59.67 -49.16
CA PRO B 879 -25.95 59.86 -48.76
C PRO B 879 -26.90 60.01 -49.93
N ASP B 880 -26.45 60.64 -51.03
CA ASP B 880 -27.31 60.76 -52.20
C ASP B 880 -27.48 59.42 -52.90
N GLN B 881 -26.53 58.50 -52.70
CA GLN B 881 -26.63 57.17 -53.28
C GLN B 881 -27.26 56.16 -52.34
N VAL B 882 -27.31 56.46 -51.04
CA VAL B 882 -27.91 55.53 -50.08
C VAL B 882 -29.43 55.65 -50.09
N ASP B 883 -29.95 56.87 -50.07
CA ASP B 883 -31.40 57.04 -50.07
C ASP B 883 -32.01 56.60 -51.40
N ALA B 884 -31.20 56.58 -52.47
CA ALA B 884 -31.71 56.15 -53.77
C ALA B 884 -32.09 54.67 -53.75
N ILE B 885 -31.20 53.81 -53.26
CA ILE B 885 -31.51 52.38 -53.18
C ILE B 885 -32.59 52.13 -52.15
N ILE B 886 -32.63 52.96 -51.09
CA ILE B 886 -33.70 52.84 -50.10
C ILE B 886 -35.05 53.14 -50.74
N ALA B 887 -35.12 54.20 -51.55
CA ALA B 887 -36.35 54.51 -52.26
C ALA B 887 -36.73 53.39 -53.23
N ARG B 888 -35.75 52.80 -53.90
CA ARG B 888 -36.01 51.66 -54.76
C ARG B 888 -36.55 50.48 -53.96
N ALA B 889 -35.98 50.24 -52.77
CA ALA B 889 -36.46 49.15 -51.93
C ALA B 889 -37.88 49.40 -51.43
N GLU B 890 -38.24 50.67 -51.19
CA GLU B 890 -39.57 50.99 -50.71
C GLU B 890 -40.65 50.74 -51.77
N SER B 891 -40.25 50.58 -53.04
CA SER B 891 -41.23 50.28 -54.08
C SER B 891 -41.88 48.92 -53.87
N GLU B 892 -41.13 47.95 -53.37
CA GLU B 892 -41.65 46.62 -53.08
C GLU B 892 -42.21 46.51 -51.66
N GLY B 893 -42.23 47.61 -50.92
CA GLY B 893 -42.72 47.57 -49.54
C GLY B 893 -41.84 46.79 -48.59
N LYS B 894 -40.52 46.92 -48.74
CA LYS B 894 -39.58 46.24 -47.86
C LYS B 894 -39.27 47.13 -46.66
N PHE B 895 -38.33 46.70 -45.82
CA PHE B 895 -37.92 47.44 -44.64
C PHE B 895 -36.56 48.09 -44.88
N ALA B 896 -36.47 49.39 -44.63
CA ALA B 896 -35.24 50.12 -44.85
C ALA B 896 -35.15 51.26 -43.84
N ARG B 897 -33.99 51.38 -43.20
CA ARG B 897 -33.76 52.43 -42.21
C ARG B 897 -32.33 52.94 -42.35
N LYS B 898 -32.12 54.20 -41.97
CA LYS B 898 -30.80 54.82 -42.00
C LYS B 898 -30.22 54.86 -40.60
N PHE B 899 -28.99 54.38 -40.46
CA PHE B 899 -28.31 54.46 -39.17
C PHE B 899 -27.97 55.90 -38.82
N GLN B 900 -28.07 56.22 -37.54
CA GLN B 900 -27.80 57.57 -37.05
C GLN B 900 -26.37 57.74 -36.57
N THR B 901 -25.51 56.75 -36.78
CA THR B 901 -24.11 56.82 -36.38
C THR B 901 -23.24 57.08 -37.60
N LYS B 902 -22.33 58.05 -37.47
CA LYS B 902 -21.44 58.45 -38.55
C LYS B 902 -20.14 57.65 -38.57
N GLY B 903 -20.12 56.48 -37.92
CA GLY B 903 -18.90 55.69 -37.91
C GLY B 903 -18.48 55.25 -39.30
N ALA B 904 -19.41 54.72 -40.08
CA ALA B 904 -19.18 54.32 -41.46
C ALA B 904 -17.96 53.41 -41.59
N SER B 905 -18.04 52.24 -40.96
CA SER B 905 -16.96 51.28 -40.98
C SER B 905 -17.13 50.28 -42.14
N HIS B 906 -16.06 49.56 -42.42
CA HIS B 906 -16.05 48.53 -43.47
C HIS B 906 -16.43 49.12 -44.83
N THR B 907 -15.78 50.22 -45.19
CA THR B 907 -16.04 50.89 -46.46
C THR B 907 -14.75 51.55 -46.94
N GLN B 908 -14.86 52.33 -48.02
CA GLN B 908 -13.70 53.02 -48.58
C GLN B 908 -13.18 54.11 -47.65
N GLN B 909 -14.02 54.62 -46.75
CA GLN B 909 -13.60 55.71 -45.87
C GLN B 909 -12.46 55.28 -44.95
N MET B 910 -12.35 53.98 -44.66
CA MET B 910 -11.31 53.49 -43.76
C MET B 910 -9.97 53.28 -44.45
N ASP B 911 -9.88 53.48 -45.76
CA ASP B 911 -8.63 53.27 -46.47
C ASP B 911 -7.46 54.11 -45.95
N PRO B 912 -7.60 55.41 -45.67
CA PRO B 912 -6.44 56.15 -45.13
C PRO B 912 -5.96 55.65 -43.78
N LEU B 913 -6.79 54.92 -43.04
CA LEU B 913 -6.44 54.50 -41.69
C LEU B 913 -5.68 53.18 -41.64
N LEU B 914 -5.51 52.50 -42.78
CA LEU B 914 -4.80 51.22 -42.77
C LEU B 914 -3.34 51.39 -42.37
N GLY B 915 -2.67 52.41 -42.92
CA GLY B 915 -1.27 52.62 -42.57
C GLY B 915 -1.08 52.94 -41.10
N GLU B 916 -1.94 53.79 -40.55
CA GLU B 916 -1.88 54.11 -39.13
C GLU B 916 -2.23 52.90 -38.28
N LEU B 917 -3.19 52.07 -38.73
CA LEU B 917 -3.55 50.88 -37.98
C LEU B 917 -2.40 49.89 -37.92
N ALA B 918 -1.68 49.72 -39.04
CA ALA B 918 -0.59 48.75 -39.08
C ALA B 918 0.53 49.14 -38.14
N ALA B 919 0.88 50.43 -38.08
CA ALA B 919 1.96 50.87 -37.22
C ALA B 919 1.61 50.68 -35.74
N GLU B 920 0.39 51.02 -35.35
CA GLU B 920 -0.01 50.90 -33.95
C GLU B 920 -0.11 49.44 -33.52
N LEU B 921 -0.59 48.57 -34.42
CA LEU B 921 -0.77 47.16 -34.10
C LEU B 921 0.51 46.34 -34.21
N GLN B 922 1.60 46.94 -34.66
CA GLN B 922 2.86 46.22 -34.81
C GLN B 922 3.43 45.91 -33.43
N GLY B 923 3.40 44.64 -33.04
CA GLY B 923 3.90 44.24 -31.74
C GLY B 923 3.07 43.17 -31.06
N ILE B 924 1.83 42.97 -31.54
CA ILE B 924 0.98 41.95 -30.95
C ILE B 924 1.52 40.57 -31.28
N GLU B 925 1.29 39.62 -30.37
CA GLU B 925 1.77 38.25 -30.53
C GLU B 925 0.59 37.30 -30.67
N PRO B 926 0.25 36.87 -31.88
CA PRO B 926 -0.85 35.91 -32.03
C PRO B 926 -0.49 34.56 -31.42
N LYS B 927 -1.51 33.85 -30.96
CA LYS B 927 -1.37 32.56 -30.32
C LYS B 927 -2.33 31.56 -30.95
N PRO B 928 -2.01 30.28 -30.90
CA PRO B 928 -2.93 29.27 -31.44
C PRO B 928 -4.26 29.26 -30.69
N LEU B 929 -5.34 29.01 -31.41
CA LEU B 929 -6.66 29.04 -30.83
C LEU B 929 -6.90 27.81 -29.95
N THR B 930 -7.42 28.05 -28.75
CA THR B 930 -7.81 26.98 -27.84
C THR B 930 -9.30 26.67 -27.89
N THR B 931 -10.05 27.36 -28.75
CA THR B 931 -11.49 27.18 -28.86
C THR B 931 -11.87 27.30 -30.33
N GLY B 932 -12.98 26.64 -30.69
CA GLY B 932 -13.49 26.77 -32.05
C GLY B 932 -13.82 28.22 -32.38
N TYR B 933 -13.54 28.60 -33.62
CA TYR B 933 -13.66 29.99 -34.04
C TYR B 933 -14.37 30.04 -35.38
N PHE B 934 -15.37 30.92 -35.48
CA PHE B 934 -16.07 31.19 -36.72
C PHE B 934 -15.69 32.60 -37.15
N SER B 935 -14.61 32.70 -37.92
CA SER B 935 -14.07 33.99 -38.33
C SER B 935 -14.96 34.60 -39.39
N THR B 936 -15.77 35.59 -39.00
CA THR B 936 -16.60 36.32 -39.95
C THR B 936 -15.77 37.10 -40.96
N VAL B 937 -14.51 37.40 -40.64
CA VAL B 937 -13.62 38.04 -41.61
C VAL B 937 -13.27 37.07 -42.73
N HIS B 938 -12.98 35.82 -42.38
CA HIS B 938 -12.62 34.80 -43.36
C HIS B 938 -13.87 34.04 -43.84
N GLU B 939 -14.86 34.81 -44.28
CA GLU B 939 -16.08 34.28 -44.89
C GLU B 939 -16.81 33.30 -43.98
N GLY B 940 -16.75 33.51 -42.67
CA GLY B 940 -17.44 32.65 -41.73
C GLY B 940 -16.97 31.21 -41.73
N THR B 941 -15.68 30.99 -41.92
CA THR B 941 -15.14 29.63 -41.98
C THR B 941 -14.77 29.15 -40.59
N PHE B 942 -15.27 27.97 -40.22
CA PHE B 942 -14.94 27.40 -38.92
C PHE B 942 -13.47 27.00 -38.86
N ILE B 943 -12.84 27.28 -37.73
CA ILE B 943 -11.43 26.96 -37.49
C ILE B 943 -11.35 26.06 -36.27
N ARG B 944 -10.74 24.90 -36.44
CA ARG B 944 -10.62 23.94 -35.34
C ARG B 944 -9.66 24.46 -34.29
N PRO B 945 -9.87 24.11 -33.01
CA PRO B 945 -8.94 24.53 -31.96
C PRO B 945 -7.56 23.92 -32.16
N GLY B 946 -6.54 24.66 -31.73
CA GLY B 946 -5.17 24.23 -31.92
C GLY B 946 -4.58 24.54 -33.26
N SER B 947 -5.28 25.28 -34.11
CA SER B 947 -4.78 25.61 -35.43
C SER B 947 -3.72 26.71 -35.33
N ALA B 948 -3.18 27.08 -36.49
CA ALA B 948 -2.16 28.13 -36.53
C ALA B 948 -2.78 29.47 -36.15
N PRO B 949 -1.98 30.37 -35.56
CA PRO B 949 -2.49 31.70 -35.22
C PRO B 949 -2.98 32.44 -36.45
N ILE B 950 -4.07 33.19 -36.28
CA ILE B 950 -4.69 33.90 -37.39
C ILE B 950 -4.77 35.39 -37.10
N HIS B 951 -4.67 35.75 -35.83
CA HIS B 951 -4.90 37.14 -35.40
C HIS B 951 -3.66 38.00 -35.57
N ASP B 952 -3.16 38.08 -36.80
CA ASP B 952 -2.05 38.95 -37.12
C ASP B 952 -2.56 40.34 -37.50
N VAL B 953 -1.62 41.23 -37.86
CA VAL B 953 -2.00 42.60 -38.22
C VAL B 953 -2.85 42.61 -39.47
N ASP B 954 -2.50 41.81 -40.48
CA ASP B 954 -3.27 41.77 -41.71
C ASP B 954 -4.70 41.31 -41.47
N TYR B 955 -4.92 40.41 -40.51
CA TYR B 955 -6.27 39.98 -40.19
C TYR B 955 -7.13 41.15 -39.69
N TRP B 956 -6.57 41.95 -38.78
CA TRP B 956 -7.31 43.11 -38.28
C TRP B 956 -7.51 44.16 -39.37
N LYS B 957 -6.51 44.35 -40.24
CA LYS B 957 -6.66 45.28 -41.34
C LYS B 957 -7.80 44.86 -42.27
N LYS B 958 -7.85 43.56 -42.61
CA LYS B 958 -8.92 43.06 -43.46
C LYS B 958 -10.27 43.17 -42.77
N GLY B 959 -10.33 42.86 -41.48
CA GLY B 959 -11.59 42.97 -40.76
C GLY B 959 -12.11 44.40 -40.71
N LEU B 960 -11.22 45.36 -40.45
CA LEU B 960 -11.64 46.75 -40.41
C LEU B 960 -12.01 47.29 -41.79
N ARG B 961 -11.32 46.83 -42.83
CA ARG B 961 -11.55 47.35 -44.17
C ARG B 961 -12.69 46.63 -44.90
N HIS B 962 -12.72 45.30 -44.84
CA HIS B 962 -13.67 44.54 -45.63
C HIS B 962 -14.96 44.28 -44.84
N SER B 963 -15.90 43.59 -45.47
CA SER B 963 -17.22 43.34 -44.89
C SER B 963 -17.15 42.24 -43.84
N VAL B 964 -18.27 42.06 -43.14
CA VAL B 964 -18.40 41.05 -42.09
C VAL B 964 -19.45 40.05 -42.53
N TYR B 965 -19.09 38.78 -42.57
CA TYR B 965 -20.01 37.71 -42.95
C TYR B 965 -20.58 37.06 -41.69
N PHE B 966 -21.48 37.81 -41.04
CA PHE B 966 -22.04 37.37 -39.77
C PHE B 966 -22.97 36.18 -39.94
N THR B 967 -23.89 36.26 -40.90
CA THR B 967 -24.86 35.18 -41.08
C THR B 967 -24.23 33.90 -41.60
N GLN B 968 -23.15 34.00 -42.37
CA GLN B 968 -22.46 32.80 -42.83
C GLN B 968 -21.86 32.02 -41.67
N GLY B 969 -21.26 32.73 -40.70
CA GLY B 969 -20.72 32.06 -39.53
C GLY B 969 -21.80 31.39 -38.70
N ILE B 970 -22.94 32.05 -38.54
CA ILE B 970 -24.05 31.45 -37.79
C ILE B 970 -24.58 30.22 -38.51
N ARG B 971 -24.69 30.28 -39.83
CA ARG B 971 -25.15 29.12 -40.60
C ARG B 971 -24.15 27.98 -40.49
N ASN B 972 -22.85 28.27 -40.53
CA ASN B 972 -21.85 27.23 -40.34
C ASN B 972 -21.94 26.61 -38.95
N ALA B 973 -22.16 27.45 -37.93
CA ALA B 973 -22.31 26.93 -36.58
C ALA B 973 -23.52 26.03 -36.46
N VAL B 974 -24.63 26.40 -37.09
CA VAL B 974 -25.83 25.56 -37.09
C VAL B 974 -25.53 24.24 -37.80
N ASP B 975 -24.84 24.30 -38.94
CA ASP B 975 -24.48 23.09 -39.67
C ASP B 975 -23.52 22.20 -38.88
N ASN B 976 -22.76 22.77 -37.96
CA ASN B 976 -21.85 22.00 -37.12
C ASN B 976 -22.54 21.38 -35.91
N GLY B 977 -23.84 21.62 -35.74
CA GLY B 977 -24.58 21.02 -34.65
C GLY B 977 -24.77 21.88 -33.43
N HIS B 978 -24.44 23.18 -33.52
CA HIS B 978 -24.60 24.08 -32.38
C HIS B 978 -26.02 24.63 -32.36
N THR B 979 -26.69 24.50 -31.22
CA THR B 979 -28.05 24.98 -31.05
C THR B 979 -28.19 26.06 -29.99
N THR B 980 -27.20 26.23 -29.12
CA THR B 980 -27.25 27.24 -28.06
C THR B 980 -26.34 28.40 -28.43
N PHE B 981 -26.89 29.61 -28.41
CA PHE B 981 -26.14 30.82 -28.73
C PHE B 981 -26.28 31.81 -27.58
N LEU B 982 -25.15 32.25 -27.05
CA LEU B 982 -25.11 33.19 -25.93
C LEU B 982 -24.44 34.47 -26.39
N GLU B 983 -25.08 35.61 -26.09
CA GLU B 983 -24.59 36.92 -26.51
C GLU B 983 -24.08 37.67 -25.29
N LEU B 984 -22.86 38.18 -25.38
CA LEU B 984 -22.27 39.01 -24.33
C LEU B 984 -22.35 40.46 -24.80
N ALA B 985 -23.35 41.19 -24.30
CA ALA B 985 -23.56 42.58 -24.70
C ALA B 985 -24.41 43.25 -23.63
N PRO B 986 -24.29 44.58 -23.49
CA PRO B 986 -25.17 45.31 -22.55
C PRO B 986 -26.63 45.24 -22.93
N ASN B 987 -26.96 44.96 -24.18
CA ASN B 987 -28.34 44.87 -24.64
C ASN B 987 -28.42 43.88 -25.81
N PRO B 988 -29.36 42.94 -25.78
CA PRO B 988 -29.45 41.93 -26.86
C PRO B 988 -29.95 42.56 -28.15
N VAL B 989 -29.05 42.72 -29.12
CA VAL B 989 -29.37 43.29 -30.42
C VAL B 989 -29.22 42.28 -31.53
N ALA B 990 -28.22 41.41 -31.46
CA ALA B 990 -27.97 40.42 -32.49
C ALA B 990 -28.72 39.11 -32.26
N LEU B 991 -29.44 38.98 -31.15
CA LEU B 991 -30.21 37.76 -30.92
C LEU B 991 -31.29 37.57 -31.97
N MET B 992 -31.92 38.67 -32.38
CA MET B 992 -32.92 38.58 -33.45
C MET B 992 -32.28 38.10 -34.75
N GLN B 993 -31.10 38.62 -35.09
CA GLN B 993 -30.40 38.18 -36.30
C GLN B 993 -30.02 36.71 -36.21
N VAL B 994 -29.54 36.26 -35.05
CA VAL B 994 -29.18 34.86 -34.88
C VAL B 994 -30.41 33.97 -35.00
N GLY B 995 -31.53 34.39 -34.42
CA GLY B 995 -32.75 33.61 -34.55
C GLY B 995 -33.24 33.53 -35.98
N LEU B 996 -33.16 34.66 -36.71
CA LEU B 996 -33.55 34.64 -38.12
C LEU B 996 -32.66 33.71 -38.93
N THR B 997 -31.35 33.74 -38.67
CA THR B 997 -30.44 32.86 -39.39
C THR B 997 -30.71 31.39 -39.06
N THR B 998 -30.94 31.08 -37.79
CA THR B 998 -31.19 29.68 -37.40
C THR B 998 -32.51 29.18 -37.95
N ALA B 999 -33.54 30.03 -37.98
CA ALA B 999 -34.83 29.62 -38.52
C ALA B 999 -34.70 29.29 -40.01
N SER B 1000 -33.94 30.10 -40.76
CA SER B 1000 -33.72 29.81 -42.17
C SER B 1000 -32.85 28.58 -42.37
N ALA B 1001 -32.08 28.18 -41.35
CA ALA B 1001 -31.20 27.03 -41.45
C ALA B 1001 -31.85 25.74 -40.99
N GLY B 1002 -33.12 25.78 -40.59
CA GLY B 1002 -33.81 24.58 -40.15
C GLY B 1002 -33.62 24.27 -38.68
N LEU B 1003 -33.65 25.30 -37.85
CA LEU B 1003 -33.52 25.15 -36.40
C LEU B 1003 -34.50 26.12 -35.74
N HIS B 1004 -35.70 25.64 -35.44
CA HIS B 1004 -36.76 26.47 -34.90
C HIS B 1004 -36.87 26.41 -33.39
N ASP B 1005 -35.96 25.70 -32.73
CA ASP B 1005 -35.97 25.55 -31.28
C ASP B 1005 -34.59 25.82 -30.70
N ALA B 1006 -33.86 26.74 -31.30
CA ALA B 1006 -32.53 27.08 -30.81
C ALA B 1006 -32.63 27.82 -29.49
N GLN B 1007 -31.58 27.69 -28.67
CA GLN B 1007 -31.50 28.34 -27.37
C GLN B 1007 -30.77 29.66 -27.52
N LEU B 1008 -31.51 30.76 -27.44
CA LEU B 1008 -30.96 32.11 -27.53
C LEU B 1008 -30.98 32.72 -26.14
N ILE B 1009 -29.80 32.94 -25.56
CA ILE B 1009 -29.66 33.39 -24.18
C ILE B 1009 -29.01 34.76 -24.17
N ALA B 1010 -29.61 35.70 -23.44
CA ALA B 1010 -29.08 37.03 -23.28
C ALA B 1010 -28.51 37.21 -21.88
N THR B 1011 -27.48 38.05 -21.77
CA THR B 1011 -26.81 38.30 -20.50
C THR B 1011 -27.34 39.54 -19.80
N LEU B 1012 -27.29 40.69 -20.48
CA LEU B 1012 -27.80 41.94 -19.93
C LEU B 1012 -28.79 42.57 -20.91
N ALA B 1013 -29.77 43.26 -20.35
CA ALA B 1013 -30.82 43.88 -21.17
C ALA B 1013 -31.25 45.20 -20.55
N ARG B 1014 -31.83 46.05 -21.38
CA ARG B 1014 -32.30 47.35 -20.91
C ARG B 1014 -33.56 47.18 -20.06
N LYS B 1015 -33.70 48.06 -19.05
CA LYS B 1015 -34.86 48.06 -18.16
C LYS B 1015 -35.01 46.75 -17.40
N GLN B 1016 -33.90 46.03 -17.22
CA GLN B 1016 -33.89 44.77 -16.51
C GLN B 1016 -32.83 44.81 -15.43
N ASP B 1017 -33.09 44.11 -14.31
CA ASP B 1017 -32.10 44.02 -13.25
C ASP B 1017 -30.90 43.22 -13.73
N GLU B 1018 -29.71 43.81 -13.60
CA GLU B 1018 -28.51 43.20 -14.14
C GLU B 1018 -28.09 41.97 -13.35
N VAL B 1019 -28.30 41.98 -12.03
CA VAL B 1019 -27.95 40.82 -11.21
C VAL B 1019 -28.88 39.64 -11.53
N GLU B 1020 -30.19 39.91 -11.63
CA GLU B 1020 -31.12 38.83 -11.95
C GLU B 1020 -30.96 38.34 -13.38
N SER B 1021 -30.56 39.24 -14.29
CA SER B 1021 -30.37 38.83 -15.69
C SER B 1021 -29.23 37.83 -15.82
N MET B 1022 -28.14 38.04 -15.08
CA MET B 1022 -27.03 37.10 -15.13
C MET B 1022 -27.36 35.77 -14.46
N ILE B 1023 -28.15 35.81 -13.37
CA ILE B 1023 -28.57 34.57 -12.73
C ILE B 1023 -29.44 33.75 -13.66
N SER B 1024 -30.36 34.40 -14.36
CA SER B 1024 -31.21 33.70 -15.32
C SER B 1024 -30.41 33.16 -16.50
N ALA B 1025 -29.39 33.89 -16.93
CA ALA B 1025 -28.56 33.43 -18.06
C ALA B 1025 -27.80 32.15 -17.70
N MET B 1026 -27.23 32.10 -16.49
CA MET B 1026 -26.53 30.89 -16.07
C MET B 1026 -27.50 29.75 -15.79
N ALA B 1027 -28.71 30.08 -15.33
CA ALA B 1027 -29.71 29.04 -15.09
C ALA B 1027 -30.07 28.31 -16.38
N GLN B 1028 -30.22 29.05 -17.48
CA GLN B 1028 -30.51 28.42 -18.76
C GLN B 1028 -29.36 27.54 -19.22
N LEU B 1029 -28.13 27.97 -18.99
CA LEU B 1029 -26.98 27.14 -19.33
C LEU B 1029 -26.97 25.85 -18.51
N TYR B 1030 -27.29 25.95 -17.22
CA TYR B 1030 -27.34 24.76 -16.37
C TYR B 1030 -28.45 23.81 -16.82
N VAL B 1031 -29.62 24.34 -17.18
CA VAL B 1031 -30.75 23.50 -17.52
C VAL B 1031 -30.46 22.67 -18.76
N HIS B 1032 -29.83 23.27 -19.77
CA HIS B 1032 -29.54 22.59 -21.03
C HIS B 1032 -28.30 21.73 -20.97
N GLY B 1033 -27.74 21.50 -19.78
CA GLY B 1033 -26.63 20.59 -19.61
C GLY B 1033 -25.26 21.15 -19.94
N HIS B 1034 -25.13 22.47 -20.08
CA HIS B 1034 -23.84 23.06 -20.38
C HIS B 1034 -22.97 23.09 -19.12
N ASP B 1035 -21.69 23.40 -19.31
CA ASP B 1035 -20.74 23.41 -18.22
C ASP B 1035 -21.02 24.60 -17.30
N LEU B 1036 -21.40 24.32 -16.06
CA LEU B 1036 -21.64 25.35 -15.06
C LEU B 1036 -21.65 24.75 -13.66
N ASP B 1037 -20.84 25.31 -12.76
CA ASP B 1037 -20.80 24.84 -11.38
C ASP B 1037 -21.88 25.59 -10.60
N PHE B 1038 -23.00 24.91 -10.34
CA PHE B 1038 -24.11 25.54 -9.64
C PHE B 1038 -23.79 25.84 -8.18
N ARG B 1039 -22.76 25.18 -7.63
CA ARG B 1039 -22.37 25.45 -6.25
C ARG B 1039 -21.75 26.83 -6.09
N THR B 1040 -21.16 27.37 -7.17
CA THR B 1040 -20.55 28.69 -7.10
C THR B 1040 -21.58 29.80 -6.91
N LEU B 1041 -22.86 29.53 -7.19
CA LEU B 1041 -23.90 30.53 -6.99
C LEU B 1041 -24.25 30.73 -5.52
N PHE B 1042 -23.80 29.85 -4.63
CA PHE B 1042 -24.07 29.96 -3.20
C PHE B 1042 -22.76 29.80 -2.43
N PRO B 1043 -21.87 30.79 -2.50
CA PRO B 1043 -20.61 30.70 -1.76
C PRO B 1043 -20.82 30.74 -0.26
N ARG B 1044 -19.91 30.10 0.47
CA ARG B 1044 -19.94 30.09 1.92
C ARG B 1044 -19.03 31.18 2.48
N ARG B 1045 -19.56 31.96 3.41
CA ARG B 1045 -18.82 33.06 4.02
C ARG B 1045 -18.30 32.73 5.42
N SER B 1046 -18.62 31.56 5.96
CA SER B 1046 -18.23 31.19 7.30
C SER B 1046 -17.70 29.76 7.32
N LYS B 1047 -16.84 29.48 8.30
CA LYS B 1047 -16.19 28.17 8.41
C LYS B 1047 -16.73 27.36 9.59
N GLY B 1048 -16.81 27.96 10.77
CA GLY B 1048 -17.17 27.22 11.97
C GLY B 1048 -18.63 27.30 12.35
N LEU B 1049 -18.90 27.72 13.59
CA LEU B 1049 -20.27 27.76 14.10
C LEU B 1049 -21.14 28.73 13.32
N ALA B 1050 -20.54 29.77 12.72
CA ALA B 1050 -21.33 30.74 11.96
C ALA B 1050 -21.92 30.13 10.70
N GLY B 1051 -21.43 28.97 10.29
CA GLY B 1051 -21.96 28.28 9.12
C GLY B 1051 -22.93 27.17 9.47
N ALA B 1052 -23.51 27.25 10.67
CA ALA B 1052 -24.43 26.21 11.11
C ALA B 1052 -25.73 26.21 10.31
N LEU B 1053 -26.21 27.39 9.90
CA LEU B 1053 -27.47 27.51 9.18
C LEU B 1053 -27.27 27.73 7.69
N ASP B 1054 -26.10 27.38 7.16
CA ASP B 1054 -25.86 27.54 5.73
C ASP B 1054 -26.72 26.59 4.90
N PHE B 1055 -27.08 25.44 5.45
CA PHE B 1055 -27.81 24.41 4.72
C PHE B 1055 -29.15 24.15 5.39
N ALA B 1056 -30.12 23.76 4.58
CA ALA B 1056 -31.46 23.41 5.04
C ALA B 1056 -31.65 21.90 5.01
N ASN B 1057 -32.70 21.45 5.70
CA ASN B 1057 -33.01 20.02 5.79
C ASN B 1057 -34.03 19.62 4.72
N ILE B 1058 -33.58 19.74 3.47
CA ILE B 1058 -34.42 19.41 2.32
C ILE B 1058 -34.65 17.89 2.27
N PRO B 1059 -35.75 17.43 1.70
CA PRO B 1059 -35.97 15.98 1.63
C PRO B 1059 -34.90 15.31 0.80
N PRO B 1060 -34.54 14.07 1.15
CA PRO B 1060 -33.55 13.34 0.36
C PRO B 1060 -34.17 12.71 -0.88
N THR B 1061 -33.31 12.11 -1.69
CA THR B 1061 -33.76 11.44 -2.90
C THR B 1061 -34.59 10.22 -2.54
N ARG B 1062 -35.70 10.03 -3.24
CA ARG B 1062 -36.60 8.91 -3.01
C ARG B 1062 -36.42 7.85 -4.08
N PHE B 1063 -36.44 6.59 -3.66
CA PHE B 1063 -36.24 5.45 -4.53
C PHE B 1063 -37.51 4.62 -4.61
N LYS B 1064 -37.78 4.08 -5.80
CA LYS B 1064 -38.91 3.18 -6.03
C LYS B 1064 -38.37 1.75 -6.00
N ARG B 1065 -38.45 1.13 -4.83
CA ARG B 1065 -37.89 -0.20 -4.62
C ARG B 1065 -38.89 -1.27 -5.06
N LYS B 1066 -38.41 -2.21 -5.86
CA LYS B 1066 -39.20 -3.34 -6.31
C LYS B 1066 -38.55 -4.65 -5.87
N GLU B 1067 -39.36 -5.68 -5.74
CA GLU B 1067 -38.88 -6.98 -5.27
C GLU B 1067 -38.12 -7.68 -6.39
N HIS B 1068 -36.85 -8.00 -6.12
CA HIS B 1068 -36.00 -8.75 -7.05
C HIS B 1068 -35.34 -9.86 -6.27
N TRP B 1069 -35.69 -11.11 -6.59
CA TRP B 1069 -35.16 -12.25 -5.86
C TRP B 1069 -35.17 -13.46 -6.77
N LEU B 1070 -34.36 -14.46 -6.41
CA LEU B 1070 -34.26 -15.70 -7.18
C LEU B 1070 -35.23 -16.74 -6.64
N PRO B 1071 -36.16 -17.24 -7.44
CA PRO B 1071 -37.05 -18.32 -6.99
C PRO B 1071 -36.29 -19.64 -6.92
N ALA B 1072 -36.06 -20.11 -5.69
CA ALA B 1072 -35.30 -21.32 -5.45
C ALA B 1072 -36.05 -22.22 -4.48
N HIS B 1073 -35.84 -23.53 -4.64
CA HIS B 1073 -36.46 -24.52 -3.77
C HIS B 1073 -35.48 -25.64 -3.51
N PHE B 1074 -35.72 -26.36 -2.41
CA PHE B 1074 -34.87 -27.49 -2.04
C PHE B 1074 -35.71 -28.72 -1.73
#